data_1OXJ
# 
_entry.id   1OXJ 
# 
_audit_conform.dict_name       mmcif_pdbx.dic 
_audit_conform.dict_version    5.386 
_audit_conform.dict_location   http://mmcif.pdb.org/dictionaries/ascii/mmcif_pdbx.dic 
# 
loop_
_database_2.database_id 
_database_2.database_code 
_database_2.pdbx_database_accession 
_database_2.pdbx_DOI 
PDB   1OXJ         pdb_00001oxj 10.2210/pdb1oxj/pdb 
RCSB  RCSB018774   ?            ?                   
WWPDB D_1000018774 ?            ?                   
# 
loop_
_pdbx_audit_revision_history.ordinal 
_pdbx_audit_revision_history.data_content_type 
_pdbx_audit_revision_history.major_revision 
_pdbx_audit_revision_history.minor_revision 
_pdbx_audit_revision_history.revision_date 
1 'Structure model' 1 0 2003-07-08 
2 'Structure model' 1 1 2008-04-29 
3 'Structure model' 1 2 2011-07-13 
4 'Structure model' 1 3 2024-02-14 
# 
_pdbx_audit_revision_details.ordinal             1 
_pdbx_audit_revision_details.revision_ordinal    1 
_pdbx_audit_revision_details.data_content_type   'Structure model' 
_pdbx_audit_revision_details.provider            repository 
_pdbx_audit_revision_details.type                'Initial release' 
_pdbx_audit_revision_details.description         ? 
_pdbx_audit_revision_details.details             ? 
# 
loop_
_pdbx_audit_revision_group.ordinal 
_pdbx_audit_revision_group.revision_ordinal 
_pdbx_audit_revision_group.data_content_type 
_pdbx_audit_revision_group.group 
1 2 'Structure model' 'Version format compliance' 
2 3 'Structure model' 'Version format compliance' 
3 4 'Structure model' 'Data collection'           
4 4 'Structure model' 'Database references'       
# 
loop_
_pdbx_audit_revision_category.ordinal 
_pdbx_audit_revision_category.revision_ordinal 
_pdbx_audit_revision_category.data_content_type 
_pdbx_audit_revision_category.category 
1 4 'Structure model' chem_comp_atom 
2 4 'Structure model' chem_comp_bond 
3 4 'Structure model' database_2     
# 
loop_
_pdbx_audit_revision_item.ordinal 
_pdbx_audit_revision_item.revision_ordinal 
_pdbx_audit_revision_item.data_content_type 
_pdbx_audit_revision_item.item 
1 4 'Structure model' '_database_2.pdbx_DOI'                
2 4 'Structure model' '_database_2.pdbx_database_accession' 
# 
_pdbx_database_status.status_code                     REL 
_pdbx_database_status.entry_id                        1OXJ 
_pdbx_database_status.recvd_initial_deposition_date   2003-04-02 
_pdbx_database_status.deposit_site                    RCSB 
_pdbx_database_status.process_site                    RCSB 
_pdbx_database_status.SG_entry                        . 
_pdbx_database_status.pdb_format_compatible           Y 
_pdbx_database_status.status_code_mr                  ? 
_pdbx_database_status.status_code_sf                  ? 
_pdbx_database_status.status_code_cs                  ? 
_pdbx_database_status.status_code_nmr_data            ? 
_pdbx_database_status.methods_development_category    ? 
# 
loop_
_audit_author.name 
_audit_author.pdbx_ordinal 
'Green, J.B.'    1 
'Gardner, C.D.'  2 
'Wharton, R.P.'  3 
'Aggarwal, A.K.' 4 
# 
_citation.id                        primary 
_citation.title                     'RNA recognition via the SAM domain of Smaug.' 
_citation.journal_abbrev            Mol.Cell 
_citation.journal_volume            11 
_citation.page_first                1537 
_citation.page_last                 1548 
_citation.year                      2003 
_citation.journal_id_ASTM           MOCEFL 
_citation.country                   US 
_citation.journal_id_ISSN           1097-2765 
_citation.journal_id_CSD            2168 
_citation.book_publisher            ? 
_citation.pdbx_database_id_PubMed   12820967 
_citation.pdbx_database_id_DOI      '10.1016/S1097-2765(03)00178-3' 
# 
loop_
_citation_author.citation_id 
_citation_author.name 
_citation_author.ordinal 
_citation_author.identifier_ORCID 
primary 'Green, J.B.'    1 ? 
primary 'Gardner, C.D.'  2 ? 
primary 'Wharton, R.P.'  3 ? 
primary 'Aggarwal, A.K.' 4 ? 
# 
loop_
_entity.id 
_entity.type 
_entity.src_method 
_entity.pdbx_description 
_entity.formula_weight 
_entity.pdbx_number_of_molecules 
_entity.pdbx_ec 
_entity.pdbx_mutation 
_entity.pdbx_fragment 
_entity.details 
1 polymer man 'RNA-binding protein Smaug' 19675.971 1   ? ? 'RNA binding domain, SAM domain' ? 
2 water   nat water                       18.015    163 ? ? ?                                ? 
# 
_entity_poly.entity_id                      1 
_entity_poly.type                           'polypeptide(L)' 
_entity_poly.nstd_linkage                   no 
_entity_poly.nstd_monomer                   no 
_entity_poly.pdbx_seq_one_letter_code       
;GTHMVGMSGIGLWLKSLRLHKYIELFKNMTYEEMLLITEDFLQSVGVTKGASHKLALCIDKLKERANILNRVEQELLSGQ
MELSTAVEELTNIVLTPMKPLESPGPPEENIGLRFLKVIDIVTNTLQQDPYAVQDDETLGVLMWILDRSIHNEAFMNHAS
QLKDLKFKLSKMK
;
_entity_poly.pdbx_seq_one_letter_code_can   
;GTHMVGMSGIGLWLKSLRLHKYIELFKNMTYEEMLLITEDFLQSVGVTKGASHKLALCIDKLKERANILNRVEQELLSGQ
MELSTAVEELTNIVLTPMKPLESPGPPEENIGLRFLKVIDIVTNTLQQDPYAVQDDETLGVLMWILDRSIHNEAFMNHAS
QLKDLKFKLSKMK
;
_entity_poly.pdbx_strand_id                 A 
_entity_poly.pdbx_target_identifier         ? 
# 
_pdbx_entity_nonpoly.entity_id   2 
_pdbx_entity_nonpoly.name        water 
_pdbx_entity_nonpoly.comp_id     HOH 
# 
loop_
_entity_poly_seq.entity_id 
_entity_poly_seq.num 
_entity_poly_seq.mon_id 
_entity_poly_seq.hetero 
1 1   GLY n 
1 2   THR n 
1 3   HIS n 
1 4   MET n 
1 5   VAL n 
1 6   GLY n 
1 7   MET n 
1 8   SER n 
1 9   GLY n 
1 10  ILE n 
1 11  GLY n 
1 12  LEU n 
1 13  TRP n 
1 14  LEU n 
1 15  LYS n 
1 16  SER n 
1 17  LEU n 
1 18  ARG n 
1 19  LEU n 
1 20  HIS n 
1 21  LYS n 
1 22  TYR n 
1 23  ILE n 
1 24  GLU n 
1 25  LEU n 
1 26  PHE n 
1 27  LYS n 
1 28  ASN n 
1 29  MET n 
1 30  THR n 
1 31  TYR n 
1 32  GLU n 
1 33  GLU n 
1 34  MET n 
1 35  LEU n 
1 36  LEU n 
1 37  ILE n 
1 38  THR n 
1 39  GLU n 
1 40  ASP n 
1 41  PHE n 
1 42  LEU n 
1 43  GLN n 
1 44  SER n 
1 45  VAL n 
1 46  GLY n 
1 47  VAL n 
1 48  THR n 
1 49  LYS n 
1 50  GLY n 
1 51  ALA n 
1 52  SER n 
1 53  HIS n 
1 54  LYS n 
1 55  LEU n 
1 56  ALA n 
1 57  LEU n 
1 58  CYS n 
1 59  ILE n 
1 60  ASP n 
1 61  LYS n 
1 62  LEU n 
1 63  LYS n 
1 64  GLU n 
1 65  ARG n 
1 66  ALA n 
1 67  ASN n 
1 68  ILE n 
1 69  LEU n 
1 70  ASN n 
1 71  ARG n 
1 72  VAL n 
1 73  GLU n 
1 74  GLN n 
1 75  GLU n 
1 76  LEU n 
1 77  LEU n 
1 78  SER n 
1 79  GLY n 
1 80  GLN n 
1 81  MET n 
1 82  GLU n 
1 83  LEU n 
1 84  SER n 
1 85  THR n 
1 86  ALA n 
1 87  VAL n 
1 88  GLU n 
1 89  GLU n 
1 90  LEU n 
1 91  THR n 
1 92  ASN n 
1 93  ILE n 
1 94  VAL n 
1 95  LEU n 
1 96  THR n 
1 97  PRO n 
1 98  MET n 
1 99  LYS n 
1 100 PRO n 
1 101 LEU n 
1 102 GLU n 
1 103 SER n 
1 104 PRO n 
1 105 GLY n 
1 106 PRO n 
1 107 PRO n 
1 108 GLU n 
1 109 GLU n 
1 110 ASN n 
1 111 ILE n 
1 112 GLY n 
1 113 LEU n 
1 114 ARG n 
1 115 PHE n 
1 116 LEU n 
1 117 LYS n 
1 118 VAL n 
1 119 ILE n 
1 120 ASP n 
1 121 ILE n 
1 122 VAL n 
1 123 THR n 
1 124 ASN n 
1 125 THR n 
1 126 LEU n 
1 127 GLN n 
1 128 GLN n 
1 129 ASP n 
1 130 PRO n 
1 131 TYR n 
1 132 ALA n 
1 133 VAL n 
1 134 GLN n 
1 135 ASP n 
1 136 ASP n 
1 137 GLU n 
1 138 THR n 
1 139 LEU n 
1 140 GLY n 
1 141 VAL n 
1 142 LEU n 
1 143 MET n 
1 144 TRP n 
1 145 ILE n 
1 146 LEU n 
1 147 ASP n 
1 148 ARG n 
1 149 SER n 
1 150 ILE n 
1 151 HIS n 
1 152 ASN n 
1 153 GLU n 
1 154 ALA n 
1 155 PHE n 
1 156 MET n 
1 157 ASN n 
1 158 HIS n 
1 159 ALA n 
1 160 SER n 
1 161 GLN n 
1 162 LEU n 
1 163 LYS n 
1 164 ASP n 
1 165 LEU n 
1 166 LYS n 
1 167 PHE n 
1 168 LYS n 
1 169 LEU n 
1 170 SER n 
1 171 LYS n 
1 172 MET n 
1 173 LYS n 
# 
_entity_src_gen.entity_id                          1 
_entity_src_gen.pdbx_src_id                        1 
_entity_src_gen.pdbx_alt_source_flag               sample 
_entity_src_gen.pdbx_seq_type                      ? 
_entity_src_gen.pdbx_beg_seq_num                   ? 
_entity_src_gen.pdbx_end_seq_num                   ? 
_entity_src_gen.gene_src_common_name               'fruit fly' 
_entity_src_gen.gene_src_genus                     Drosophila 
_entity_src_gen.pdbx_gene_src_gene                 SMG 
_entity_src_gen.gene_src_species                   ? 
_entity_src_gen.gene_src_strain                    ? 
_entity_src_gen.gene_src_tissue                    ? 
_entity_src_gen.gene_src_tissue_fraction           ? 
_entity_src_gen.gene_src_details                   ? 
_entity_src_gen.pdbx_gene_src_fragment             ? 
_entity_src_gen.pdbx_gene_src_scientific_name      'Drosophila melanogaster' 
_entity_src_gen.pdbx_gene_src_ncbi_taxonomy_id     7227 
_entity_src_gen.pdbx_gene_src_variant              ? 
_entity_src_gen.pdbx_gene_src_cell_line            ? 
_entity_src_gen.pdbx_gene_src_atcc                 ? 
_entity_src_gen.pdbx_gene_src_organ                ? 
_entity_src_gen.pdbx_gene_src_organelle            ? 
_entity_src_gen.pdbx_gene_src_cell                 ? 
_entity_src_gen.pdbx_gene_src_cellular_location    ? 
_entity_src_gen.host_org_common_name               ? 
_entity_src_gen.pdbx_host_org_scientific_name      'Escherichia coli BL21' 
_entity_src_gen.pdbx_host_org_ncbi_taxonomy_id     511693 
_entity_src_gen.host_org_genus                     Escherichia 
_entity_src_gen.pdbx_host_org_gene                 ? 
_entity_src_gen.pdbx_host_org_organ                ? 
_entity_src_gen.host_org_species                   'Escherichia coli' 
_entity_src_gen.pdbx_host_org_tissue               ? 
_entity_src_gen.pdbx_host_org_tissue_fraction      ? 
_entity_src_gen.pdbx_host_org_strain               BL21 
_entity_src_gen.pdbx_host_org_variant              ? 
_entity_src_gen.pdbx_host_org_cell_line            ? 
_entity_src_gen.pdbx_host_org_atcc                 ? 
_entity_src_gen.pdbx_host_org_culture_collection   ? 
_entity_src_gen.pdbx_host_org_cell                 ? 
_entity_src_gen.pdbx_host_org_organelle            ? 
_entity_src_gen.pdbx_host_org_cellular_location    ? 
_entity_src_gen.pdbx_host_org_vector_type          plasmid 
_entity_src_gen.pdbx_host_org_vector               ? 
_entity_src_gen.host_org_details                   ? 
_entity_src_gen.expression_system_id               ? 
_entity_src_gen.plasmid_name                       'pET 15b' 
_entity_src_gen.plasmid_details                    ? 
_entity_src_gen.pdbx_description                   ? 
# 
loop_
_chem_comp.id 
_chem_comp.type 
_chem_comp.mon_nstd_flag 
_chem_comp.name 
_chem_comp.pdbx_synonyms 
_chem_comp.formula 
_chem_comp.formula_weight 
ALA 'L-peptide linking' y ALANINE         ? 'C3 H7 N O2'     89.093  
ARG 'L-peptide linking' y ARGININE        ? 'C6 H15 N4 O2 1' 175.209 
ASN 'L-peptide linking' y ASPARAGINE      ? 'C4 H8 N2 O3'    132.118 
ASP 'L-peptide linking' y 'ASPARTIC ACID' ? 'C4 H7 N O4'     133.103 
CYS 'L-peptide linking' y CYSTEINE        ? 'C3 H7 N O2 S'   121.158 
GLN 'L-peptide linking' y GLUTAMINE       ? 'C5 H10 N2 O3'   146.144 
GLU 'L-peptide linking' y 'GLUTAMIC ACID' ? 'C5 H9 N O4'     147.129 
GLY 'peptide linking'   y GLYCINE         ? 'C2 H5 N O2'     75.067  
HIS 'L-peptide linking' y HISTIDINE       ? 'C6 H10 N3 O2 1' 156.162 
HOH non-polymer         . WATER           ? 'H2 O'           18.015  
ILE 'L-peptide linking' y ISOLEUCINE      ? 'C6 H13 N O2'    131.173 
LEU 'L-peptide linking' y LEUCINE         ? 'C6 H13 N O2'    131.173 
LYS 'L-peptide linking' y LYSINE          ? 'C6 H15 N2 O2 1' 147.195 
MET 'L-peptide linking' y METHIONINE      ? 'C5 H11 N O2 S'  149.211 
PHE 'L-peptide linking' y PHENYLALANINE   ? 'C9 H11 N O2'    165.189 
PRO 'L-peptide linking' y PROLINE         ? 'C5 H9 N O2'     115.130 
SER 'L-peptide linking' y SERINE          ? 'C3 H7 N O3'     105.093 
THR 'L-peptide linking' y THREONINE       ? 'C4 H9 N O3'     119.119 
TRP 'L-peptide linking' y TRYPTOPHAN      ? 'C11 H12 N2 O2'  204.225 
TYR 'L-peptide linking' y TYROSINE        ? 'C9 H11 N O3'    181.189 
VAL 'L-peptide linking' y VALINE          ? 'C5 H11 N O2'    117.146 
# 
loop_
_pdbx_poly_seq_scheme.asym_id 
_pdbx_poly_seq_scheme.entity_id 
_pdbx_poly_seq_scheme.seq_id 
_pdbx_poly_seq_scheme.mon_id 
_pdbx_poly_seq_scheme.ndb_seq_num 
_pdbx_poly_seq_scheme.pdb_seq_num 
_pdbx_poly_seq_scheme.auth_seq_num 
_pdbx_poly_seq_scheme.pdb_mon_id 
_pdbx_poly_seq_scheme.auth_mon_id 
_pdbx_poly_seq_scheme.pdb_strand_id 
_pdbx_poly_seq_scheme.pdb_ins_code 
_pdbx_poly_seq_scheme.hetero 
A 1 1   GLY 1   592 ?   ?   ?   A . n 
A 1 2   THR 2   593 ?   ?   ?   A . n 
A 1 3   HIS 3   594 594 HIS HIS A . n 
A 1 4   MET 4   595 595 MET MET A . n 
A 1 5   VAL 5   596 596 VAL VAL A . n 
A 1 6   GLY 6   597 597 GLY GLY A . n 
A 1 7   MET 7   598 598 MET MET A . n 
A 1 8   SER 8   599 599 SER SER A . n 
A 1 9   GLY 9   600 600 GLY GLY A . n 
A 1 10  ILE 10  601 601 ILE ILE A . n 
A 1 11  GLY 11  602 602 GLY GLY A . n 
A 1 12  LEU 12  603 603 LEU LEU A . n 
A 1 13  TRP 13  604 604 TRP TRP A . n 
A 1 14  LEU 14  605 605 LEU LEU A . n 
A 1 15  LYS 15  606 606 LYS LYS A . n 
A 1 16  SER 16  607 607 SER SER A . n 
A 1 17  LEU 17  608 608 LEU LEU A . n 
A 1 18  ARG 18  609 609 ARG ARG A . n 
A 1 19  LEU 19  610 610 LEU LEU A . n 
A 1 20  HIS 20  611 611 HIS HIS A . n 
A 1 21  LYS 21  612 612 LYS LYS A . n 
A 1 22  TYR 22  613 613 TYR TYR A . n 
A 1 23  ILE 23  614 614 ILE ILE A . n 
A 1 24  GLU 24  615 615 GLU GLU A . n 
A 1 25  LEU 25  616 616 LEU LEU A . n 
A 1 26  PHE 26  617 617 PHE PHE A . n 
A 1 27  LYS 27  618 618 LYS LYS A . n 
A 1 28  ASN 28  619 619 ASN ASN A . n 
A 1 29  MET 29  620 620 MET MET A . n 
A 1 30  THR 30  621 621 THR THR A . n 
A 1 31  TYR 31  622 622 TYR TYR A . n 
A 1 32  GLU 32  623 623 GLU GLU A . n 
A 1 33  GLU 33  624 624 GLU GLU A . n 
A 1 34  MET 34  625 625 MET MET A . n 
A 1 35  LEU 35  626 626 LEU LEU A . n 
A 1 36  LEU 36  627 627 LEU LEU A . n 
A 1 37  ILE 37  628 628 ILE ILE A . n 
A 1 38  THR 38  629 629 THR THR A . n 
A 1 39  GLU 39  630 630 GLU GLU A . n 
A 1 40  ASP 40  631 631 ASP ASP A . n 
A 1 41  PHE 41  632 632 PHE PHE A . n 
A 1 42  LEU 42  633 633 LEU LEU A . n 
A 1 43  GLN 43  634 634 GLN GLN A . n 
A 1 44  SER 44  635 635 SER SER A . n 
A 1 45  VAL 45  636 636 VAL VAL A . n 
A 1 46  GLY 46  637 637 GLY GLY A . n 
A 1 47  VAL 47  638 638 VAL VAL A . n 
A 1 48  THR 48  639 639 THR THR A . n 
A 1 49  LYS 49  640 640 LYS LYS A . n 
A 1 50  GLY 50  641 641 GLY GLY A . n 
A 1 51  ALA 51  642 642 ALA ALA A . n 
A 1 52  SER 52  643 643 SER SER A . n 
A 1 53  HIS 53  644 644 HIS HIS A . n 
A 1 54  LYS 54  645 645 LYS LYS A . n 
A 1 55  LEU 55  646 646 LEU LEU A . n 
A 1 56  ALA 56  647 647 ALA ALA A . n 
A 1 57  LEU 57  648 648 LEU LEU A . n 
A 1 58  CYS 58  649 649 CYS CYS A . n 
A 1 59  ILE 59  650 650 ILE ILE A . n 
A 1 60  ASP 60  651 651 ASP ASP A . n 
A 1 61  LYS 61  652 652 LYS LYS A . n 
A 1 62  LEU 62  653 653 LEU LEU A . n 
A 1 63  LYS 63  654 654 LYS LYS A . n 
A 1 64  GLU 64  655 655 GLU GLU A . n 
A 1 65  ARG 65  656 656 ARG ARG A . n 
A 1 66  ALA 66  657 657 ALA ALA A . n 
A 1 67  ASN 67  658 658 ASN ASN A . n 
A 1 68  ILE 68  659 659 ILE ILE A . n 
A 1 69  LEU 69  660 660 LEU LEU A . n 
A 1 70  ASN 70  661 661 ASN ASN A . n 
A 1 71  ARG 71  662 662 ARG ARG A . n 
A 1 72  VAL 72  663 663 VAL VAL A . n 
A 1 73  GLU 73  664 664 GLU GLU A . n 
A 1 74  GLN 74  665 665 GLN GLN A . n 
A 1 75  GLU 75  666 666 GLU GLU A . n 
A 1 76  LEU 76  667 667 LEU LEU A . n 
A 1 77  LEU 77  668 668 LEU LEU A . n 
A 1 78  SER 78  669 669 SER SER A . n 
A 1 79  GLY 79  670 670 GLY GLY A . n 
A 1 80  GLN 80  671 671 GLN GLN A . n 
A 1 81  MET 81  672 672 MET MET A . n 
A 1 82  GLU 82  673 673 GLU GLU A . n 
A 1 83  LEU 83  674 674 LEU LEU A . n 
A 1 84  SER 84  675 675 SER SER A . n 
A 1 85  THR 85  676 676 THR THR A . n 
A 1 86  ALA 86  677 677 ALA ALA A . n 
A 1 87  VAL 87  678 678 VAL VAL A . n 
A 1 88  GLU 88  679 679 GLU GLU A . n 
A 1 89  GLU 89  680 680 GLU GLU A . n 
A 1 90  LEU 90  681 681 LEU LEU A . n 
A 1 91  THR 91  682 682 THR THR A . n 
A 1 92  ASN 92  683 683 ASN ASN A . n 
A 1 93  ILE 93  684 684 ILE ILE A . n 
A 1 94  VAL 94  685 685 VAL VAL A . n 
A 1 95  LEU 95  686 686 LEU LEU A . n 
A 1 96  THR 96  687 687 THR THR A . n 
A 1 97  PRO 97  688 688 PRO PRO A . n 
A 1 98  MET 98  689 689 MET MET A . n 
A 1 99  LYS 99  690 690 LYS LYS A . n 
A 1 100 PRO 100 691 691 PRO PRO A . n 
A 1 101 LEU 101 692 692 LEU LEU A . n 
A 1 102 GLU 102 693 693 GLU GLU A . n 
A 1 103 SER 103 694 694 SER SER A . n 
A 1 104 PRO 104 695 695 PRO PRO A . n 
A 1 105 GLY 105 696 696 GLY GLY A . n 
A 1 106 PRO 106 697 697 PRO PRO A . n 
A 1 107 PRO 107 698 698 PRO PRO A . n 
A 1 108 GLU 108 699 699 GLU GLU A . n 
A 1 109 GLU 109 700 700 GLU GLU A . n 
A 1 110 ASN 110 701 701 ASN ASN A . n 
A 1 111 ILE 111 702 702 ILE ILE A . n 
A 1 112 GLY 112 703 703 GLY GLY A . n 
A 1 113 LEU 113 704 704 LEU LEU A . n 
A 1 114 ARG 114 705 705 ARG ARG A . n 
A 1 115 PHE 115 706 706 PHE PHE A . n 
A 1 116 LEU 116 707 707 LEU LEU A . n 
A 1 117 LYS 117 708 708 LYS LYS A . n 
A 1 118 VAL 118 709 709 VAL VAL A . n 
A 1 119 ILE 119 710 710 ILE ILE A . n 
A 1 120 ASP 120 711 711 ASP ASP A . n 
A 1 121 ILE 121 712 712 ILE ILE A . n 
A 1 122 VAL 122 713 713 VAL VAL A . n 
A 1 123 THR 123 714 714 THR THR A . n 
A 1 124 ASN 124 715 715 ASN ASN A . n 
A 1 125 THR 125 716 716 THR THR A . n 
A 1 126 LEU 126 717 717 LEU LEU A . n 
A 1 127 GLN 127 718 718 GLN GLN A . n 
A 1 128 GLN 128 719 719 GLN GLN A . n 
A 1 129 ASP 129 720 720 ASP ASP A . n 
A 1 130 PRO 130 721 721 PRO PRO A . n 
A 1 131 TYR 131 722 722 TYR TYR A . n 
A 1 132 ALA 132 723 723 ALA ALA A . n 
A 1 133 VAL 133 724 724 VAL VAL A . n 
A 1 134 GLN 134 725 725 GLN GLN A . n 
A 1 135 ASP 135 726 726 ASP ASP A . n 
A 1 136 ASP 136 727 727 ASP ASP A . n 
A 1 137 GLU 137 728 728 GLU GLU A . n 
A 1 138 THR 138 729 729 THR THR A . n 
A 1 139 LEU 139 730 730 LEU LEU A . n 
A 1 140 GLY 140 731 731 GLY GLY A . n 
A 1 141 VAL 141 732 732 VAL VAL A . n 
A 1 142 LEU 142 733 733 LEU LEU A . n 
A 1 143 MET 143 734 734 MET MET A . n 
A 1 144 TRP 144 735 735 TRP TRP A . n 
A 1 145 ILE 145 736 736 ILE ILE A . n 
A 1 146 LEU 146 737 737 LEU LEU A . n 
A 1 147 ASP 147 738 738 ASP ASP A . n 
A 1 148 ARG 148 739 739 ARG ARG A . n 
A 1 149 SER 149 740 740 SER SER A . n 
A 1 150 ILE 150 741 741 ILE ILE A . n 
A 1 151 HIS 151 742 742 HIS HIS A . n 
A 1 152 ASN 152 743 743 ASN ASN A . n 
A 1 153 GLU 153 744 744 GLU GLU A . n 
A 1 154 ALA 154 745 745 ALA ALA A . n 
A 1 155 PHE 155 746 746 PHE PHE A . n 
A 1 156 MET 156 747 747 MET MET A . n 
A 1 157 ASN 157 748 748 ASN ASN A . n 
A 1 158 HIS 158 749 749 HIS HIS A . n 
A 1 159 ALA 159 750 750 ALA ALA A . n 
A 1 160 SER 160 751 751 SER SER A . n 
A 1 161 GLN 161 752 752 GLN GLN A . n 
A 1 162 LEU 162 753 753 LEU LEU A . n 
A 1 163 LYS 163 754 754 LYS LYS A . n 
A 1 164 ASP 164 755 755 ASP ASP A . n 
A 1 165 LEU 165 756 756 LEU LEU A . n 
A 1 166 LYS 166 757 757 LYS LYS A . n 
A 1 167 PHE 167 758 758 PHE PHE A . n 
A 1 168 LYS 168 759 759 LYS LYS A . n 
A 1 169 LEU 169 760 760 LEU LEU A . n 
A 1 170 SER 170 761 761 SER SER A . n 
A 1 171 LYS 171 762 762 LYS LYS A . n 
A 1 172 MET 172 763 763 MET MET A . n 
A 1 173 LYS 173 764 ?   ?   ?   A . n 
# 
loop_
_pdbx_nonpoly_scheme.asym_id 
_pdbx_nonpoly_scheme.entity_id 
_pdbx_nonpoly_scheme.mon_id 
_pdbx_nonpoly_scheme.ndb_seq_num 
_pdbx_nonpoly_scheme.pdb_seq_num 
_pdbx_nonpoly_scheme.auth_seq_num 
_pdbx_nonpoly_scheme.pdb_mon_id 
_pdbx_nonpoly_scheme.auth_mon_id 
_pdbx_nonpoly_scheme.pdb_strand_id 
_pdbx_nonpoly_scheme.pdb_ins_code 
B 2 HOH 1   1   1   HOH TIP A . 
B 2 HOH 2   2   2   HOH TIP A . 
B 2 HOH 3   3   3   HOH TIP A . 
B 2 HOH 4   4   4   HOH TIP A . 
B 2 HOH 5   5   5   HOH TIP A . 
B 2 HOH 6   6   6   HOH TIP A . 
B 2 HOH 7   7   7   HOH TIP A . 
B 2 HOH 8   8   8   HOH TIP A . 
B 2 HOH 9   9   9   HOH TIP A . 
B 2 HOH 10  10  10  HOH TIP A . 
B 2 HOH 11  11  11  HOH TIP A . 
B 2 HOH 12  12  12  HOH TIP A . 
B 2 HOH 13  13  13  HOH TIP A . 
B 2 HOH 14  14  14  HOH TIP A . 
B 2 HOH 15  15  15  HOH TIP A . 
B 2 HOH 16  16  16  HOH TIP A . 
B 2 HOH 17  17  17  HOH TIP A . 
B 2 HOH 18  18  18  HOH TIP A . 
B 2 HOH 19  19  19  HOH TIP A . 
B 2 HOH 20  20  20  HOH TIP A . 
B 2 HOH 21  21  21  HOH TIP A . 
B 2 HOH 22  22  22  HOH TIP A . 
B 2 HOH 23  23  23  HOH TIP A . 
B 2 HOH 24  24  24  HOH TIP A . 
B 2 HOH 25  25  25  HOH TIP A . 
B 2 HOH 26  26  26  HOH TIP A . 
B 2 HOH 27  27  27  HOH TIP A . 
B 2 HOH 28  28  28  HOH TIP A . 
B 2 HOH 29  29  29  HOH TIP A . 
B 2 HOH 30  30  30  HOH TIP A . 
B 2 HOH 31  31  31  HOH TIP A . 
B 2 HOH 32  32  32  HOH TIP A . 
B 2 HOH 33  33  33  HOH TIP A . 
B 2 HOH 34  34  34  HOH TIP A . 
B 2 HOH 35  35  35  HOH TIP A . 
B 2 HOH 36  36  36  HOH TIP A . 
B 2 HOH 37  37  37  HOH TIP A . 
B 2 HOH 38  38  38  HOH TIP A . 
B 2 HOH 39  39  39  HOH TIP A . 
B 2 HOH 40  40  40  HOH TIP A . 
B 2 HOH 41  41  41  HOH TIP A . 
B 2 HOH 42  42  42  HOH TIP A . 
B 2 HOH 43  43  43  HOH TIP A . 
B 2 HOH 44  44  44  HOH TIP A . 
B 2 HOH 45  45  45  HOH TIP A . 
B 2 HOH 46  46  46  HOH TIP A . 
B 2 HOH 47  47  47  HOH TIP A . 
B 2 HOH 48  48  48  HOH TIP A . 
B 2 HOH 49  49  49  HOH TIP A . 
B 2 HOH 50  50  50  HOH TIP A . 
B 2 HOH 51  51  51  HOH TIP A . 
B 2 HOH 52  52  52  HOH TIP A . 
B 2 HOH 53  53  53  HOH TIP A . 
B 2 HOH 54  54  54  HOH TIP A . 
B 2 HOH 55  55  55  HOH TIP A . 
B 2 HOH 56  56  56  HOH TIP A . 
B 2 HOH 57  57  57  HOH TIP A . 
B 2 HOH 58  58  58  HOH TIP A . 
B 2 HOH 59  59  59  HOH TIP A . 
B 2 HOH 60  60  60  HOH TIP A . 
B 2 HOH 61  61  61  HOH TIP A . 
B 2 HOH 62  62  62  HOH TIP A . 
B 2 HOH 63  63  63  HOH TIP A . 
B 2 HOH 64  64  64  HOH TIP A . 
B 2 HOH 65  65  65  HOH TIP A . 
B 2 HOH 66  66  66  HOH TIP A . 
B 2 HOH 67  67  67  HOH TIP A . 
B 2 HOH 68  68  68  HOH TIP A . 
B 2 HOH 69  69  69  HOH TIP A . 
B 2 HOH 70  70  70  HOH TIP A . 
B 2 HOH 71  71  71  HOH TIP A . 
B 2 HOH 72  72  72  HOH TIP A . 
B 2 HOH 73  73  73  HOH TIP A . 
B 2 HOH 74  74  74  HOH TIP A . 
B 2 HOH 75  75  75  HOH TIP A . 
B 2 HOH 76  76  76  HOH TIP A . 
B 2 HOH 77  77  77  HOH TIP A . 
B 2 HOH 78  78  78  HOH TIP A . 
B 2 HOH 79  79  79  HOH TIP A . 
B 2 HOH 80  80  80  HOH TIP A . 
B 2 HOH 81  81  81  HOH TIP A . 
B 2 HOH 82  82  82  HOH TIP A . 
B 2 HOH 83  83  83  HOH TIP A . 
B 2 HOH 84  84  84  HOH TIP A . 
B 2 HOH 85  85  85  HOH TIP A . 
B 2 HOH 86  86  86  HOH TIP A . 
B 2 HOH 87  87  87  HOH TIP A . 
B 2 HOH 88  88  88  HOH TIP A . 
B 2 HOH 89  89  89  HOH TIP A . 
B 2 HOH 90  90  90  HOH TIP A . 
B 2 HOH 91  91  91  HOH TIP A . 
B 2 HOH 92  92  92  HOH TIP A . 
B 2 HOH 93  93  93  HOH TIP A . 
B 2 HOH 94  94  94  HOH TIP A . 
B 2 HOH 95  95  95  HOH TIP A . 
B 2 HOH 96  96  96  HOH TIP A . 
B 2 HOH 97  97  97  HOH TIP A . 
B 2 HOH 98  98  98  HOH TIP A . 
B 2 HOH 99  99  99  HOH TIP A . 
B 2 HOH 100 100 100 HOH TIP A . 
B 2 HOH 101 101 101 HOH TIP A . 
B 2 HOH 102 102 102 HOH TIP A . 
B 2 HOH 103 103 103 HOH TIP A . 
B 2 HOH 104 104 104 HOH TIP A . 
B 2 HOH 105 105 105 HOH TIP A . 
B 2 HOH 106 106 106 HOH TIP A . 
B 2 HOH 107 107 107 HOH TIP A . 
B 2 HOH 108 108 108 HOH TIP A . 
B 2 HOH 109 109 109 HOH TIP A . 
B 2 HOH 110 110 110 HOH TIP A . 
B 2 HOH 111 111 111 HOH TIP A . 
B 2 HOH 112 112 112 HOH TIP A . 
B 2 HOH 113 113 113 HOH TIP A . 
B 2 HOH 114 114 114 HOH TIP A . 
B 2 HOH 115 115 115 HOH TIP A . 
B 2 HOH 116 116 116 HOH TIP A . 
B 2 HOH 117 117 117 HOH TIP A . 
B 2 HOH 118 118 118 HOH TIP A . 
B 2 HOH 119 119 119 HOH TIP A . 
B 2 HOH 120 120 120 HOH TIP A . 
B 2 HOH 121 121 121 HOH TIP A . 
B 2 HOH 122 122 122 HOH TIP A . 
B 2 HOH 123 123 123 HOH TIP A . 
B 2 HOH 124 124 124 HOH TIP A . 
B 2 HOH 125 125 125 HOH TIP A . 
B 2 HOH 126 126 126 HOH TIP A . 
B 2 HOH 127 127 127 HOH TIP A . 
B 2 HOH 128 128 128 HOH TIP A . 
B 2 HOH 129 129 129 HOH TIP A . 
B 2 HOH 130 130 130 HOH TIP A . 
B 2 HOH 131 131 131 HOH TIP A . 
B 2 HOH 132 132 132 HOH TIP A . 
B 2 HOH 133 133 133 HOH TIP A . 
B 2 HOH 134 134 134 HOH TIP A . 
B 2 HOH 135 135 135 HOH TIP A . 
B 2 HOH 136 136 136 HOH TIP A . 
B 2 HOH 137 137 137 HOH TIP A . 
B 2 HOH 138 138 138 HOH TIP A . 
B 2 HOH 139 139 139 HOH TIP A . 
B 2 HOH 140 140 140 HOH TIP A . 
B 2 HOH 141 141 141 HOH TIP A . 
B 2 HOH 142 142 142 HOH TIP A . 
B 2 HOH 143 143 143 HOH TIP A . 
B 2 HOH 144 144 144 HOH TIP A . 
B 2 HOH 145 145 145 HOH TIP A . 
B 2 HOH 146 146 146 HOH TIP A . 
B 2 HOH 147 147 147 HOH TIP A . 
B 2 HOH 148 148 148 HOH TIP A . 
B 2 HOH 149 149 149 HOH TIP A . 
B 2 HOH 150 150 150 HOH TIP A . 
B 2 HOH 151 151 151 HOH TIP A . 
B 2 HOH 152 152 152 HOH TIP A . 
B 2 HOH 153 153 153 HOH TIP A . 
B 2 HOH 154 154 154 HOH TIP A . 
B 2 HOH 155 155 155 HOH TIP A . 
B 2 HOH 156 156 156 HOH TIP A . 
B 2 HOH 157 157 157 HOH TIP A . 
B 2 HOH 158 158 158 HOH TIP A . 
B 2 HOH 159 159 159 HOH TIP A . 
B 2 HOH 160 160 160 HOH TIP A . 
B 2 HOH 161 161 161 HOH TIP A . 
B 2 HOH 162 162 162 HOH TIP A . 
B 2 HOH 163 163 163 HOH TIP A . 
# 
loop_
_software.name 
_software.classification 
_software.version 
_software.citation_id 
_software.pdbx_ordinal 
HKL-2000  'data collection' . ? 1 
SCALEPACK 'data scaling'    . ? 2 
CNS       refinement        . ? 3 
HKL-2000  'data reduction'  . ? 4 
CNS       phasing           . ? 5 
# 
_cell.entry_id           1OXJ 
_cell.length_a           129.320 
_cell.length_b           129.320 
_cell.length_c           33.125 
_cell.angle_alpha        90.00 
_cell.angle_beta         90.00 
_cell.angle_gamma        120.00 
_cell.Z_PDB              9 
_cell.pdbx_unique_axis   ? 
# 
_symmetry.entry_id                         1OXJ 
_symmetry.space_group_name_H-M             'H 3' 
_symmetry.pdbx_full_space_group_name_H-M   ? 
_symmetry.cell_setting                     ? 
_symmetry.Int_Tables_number                146 
# 
_exptl.entry_id          1OXJ 
_exptl.method            'X-RAY DIFFRACTION' 
_exptl.crystals_number   2 
# 
_exptl_crystal.id                    1 
_exptl_crystal.density_meas          ? 
_exptl_crystal.density_Matthews      2.71 
_exptl_crystal.density_percent_sol   54.58 
_exptl_crystal.description           ? 
# 
_exptl_crystal_grow.crystal_id      1 
_exptl_crystal_grow.method          'VAPOR DIFFUSION, HANGING DROP' 
_exptl_crystal_grow.temp            277 
_exptl_crystal_grow.temp_details    ? 
_exptl_crystal_grow.pH              8.0 
_exptl_crystal_grow.pdbx_details    'PEG 4000, Sodium acetate, pH 8.0, VAPOR DIFFUSION, HANGING DROP, temperature 277K' 
_exptl_crystal_grow.pdbx_pH_range   . 
# 
loop_
_diffrn.id 
_diffrn.ambient_temp 
_diffrn.ambient_temp_details 
_diffrn.crystal_id 
1 170 ? 1 
2 170 ? 1 
# 
loop_
_diffrn_detector.diffrn_id 
_diffrn_detector.detector 
_diffrn_detector.type 
_diffrn_detector.pdbx_collection_date 
_diffrn_detector.details 
1 CCD SBC-2           2001-03-01 ? 
2 CCD 'BRANDEIS - B4' 2001-04-13 ? 
# 
loop_
_diffrn_radiation.diffrn_id 
_diffrn_radiation.wavelength_id 
_diffrn_radiation.pdbx_monochromatic_or_laue_m_l 
_diffrn_radiation.monochromator 
_diffrn_radiation.pdbx_diffrn_protocol 
_diffrn_radiation.pdbx_scattering_type 
1 1 M 'Si (111)' MAD                 x-ray 
2 1 M 'Si(111)'  'SINGLE WAVELENGTH' x-ray 
# 
loop_
_diffrn_radiation_wavelength.id 
_diffrn_radiation_wavelength.wavelength 
_diffrn_radiation_wavelength.wt 
1 0.94207 1.0 
2 0.97941 1.0 
3 0.97927 1.0 
4 0.9188  1.0 
# 
loop_
_diffrn_source.diffrn_id 
_diffrn_source.source 
_diffrn_source.type 
_diffrn_source.pdbx_synchrotron_site 
_diffrn_source.pdbx_synchrotron_beamline 
_diffrn_source.pdbx_wavelength 
_diffrn_source.pdbx_wavelength_list 
1 SYNCHROTRON 'APS BEAMLINE 19-ID' APS  19-ID ? '0.94207, 0.97941, 0.97927' 
2 SYNCHROTRON 'NSLS BEAMLINE X25'  NSLS X25   ? 0.9188                      
# 
_reflns.entry_id                     1OXJ 
_reflns.observed_criterion_sigma_F   0 
_reflns.observed_criterion_sigma_I   0 
_reflns.d_resolution_high            1.8 
_reflns.d_resolution_low             50 
_reflns.number_all                   ? 
_reflns.number_obs                   19192 
_reflns.percent_possible_obs         95.5 
_reflns.pdbx_Rmerge_I_obs            0.036 
_reflns.pdbx_Rsym_value              ? 
_reflns.pdbx_netI_over_sigmaI        34.9 
_reflns.B_iso_Wilson_estimate        ? 
_reflns.pdbx_redundancy              ? 
_reflns.R_free_details               ? 
_reflns.limit_h_max                  ? 
_reflns.limit_h_min                  ? 
_reflns.limit_k_max                  ? 
_reflns.limit_k_min                  ? 
_reflns.limit_l_max                  ? 
_reflns.limit_l_min                  ? 
_reflns.observed_criterion_F_max     ? 
_reflns.observed_criterion_F_min     ? 
_reflns.pdbx_diffrn_id               1,2 
_reflns.pdbx_ordinal                 1 
# 
_reflns_shell.d_res_high             1.8 
_reflns_shell.d_res_low              50 
_reflns_shell.percent_possible_all   74.6 
_reflns_shell.Rmerge_I_obs           0.33 
_reflns_shell.pdbx_Rsym_value        ? 
_reflns_shell.meanI_over_sigI_obs    3.2 
_reflns_shell.pdbx_redundancy        ? 
_reflns_shell.percent_possible_obs   ? 
_reflns_shell.number_unique_all      ? 
_reflns_shell.pdbx_diffrn_id         ? 
_reflns_shell.pdbx_ordinal           1 
# 
_refine.entry_id                                 1OXJ 
_refine.ls_d_res_high                            1.8 
_refine.ls_d_res_low                             40 
_refine.pdbx_ls_sigma_F                          0 
_refine.pdbx_ls_sigma_I                          0 
_refine.ls_number_reflns_all                     19192 
_refine.ls_number_reflns_obs                     18277 
_refine.ls_number_reflns_R_free                  1257 
_refine.ls_percent_reflns_obs                    88.8 
_refine.ls_R_factor_all                          0.231 
_refine.ls_R_factor_obs                          0.231 
_refine.ls_R_factor_R_work                       0.229 
_refine.ls_R_factor_R_free                       0.244 
_refine.ls_redundancy_reflns_obs                 ? 
_refine.pdbx_data_cutoff_high_absF               ? 
_refine.pdbx_data_cutoff_low_absF                ? 
_refine.ls_number_parameters                     ? 
_refine.ls_number_restraints                     ? 
_refine.ls_percent_reflns_R_free                 ? 
_refine.ls_R_factor_R_free_error                 ? 
_refine.ls_R_factor_R_free_error_details         ? 
_refine.pdbx_method_to_determine_struct          MAD 
_refine.pdbx_starting_model                      ? 
_refine.pdbx_ls_cross_valid_method               THROUGHOUT 
_refine.pdbx_R_Free_selection_details            random 
_refine.pdbx_stereochem_target_val_spec_case     ? 
_refine.pdbx_stereochemistry_target_values       'Engh & Huber' 
_refine.solvent_model_details                    ? 
_refine.solvent_model_param_bsol                 ? 
_refine.solvent_model_param_ksol                 ? 
_refine.occupancy_max                            ? 
_refine.occupancy_min                            ? 
_refine.pdbx_isotropic_thermal_model             ? 
_refine.B_iso_mean                               ? 
_refine.aniso_B[1][1]                            ? 
_refine.aniso_B[1][2]                            ? 
_refine.aniso_B[1][3]                            ? 
_refine.aniso_B[2][2]                            ? 
_refine.aniso_B[2][3]                            ? 
_refine.aniso_B[3][3]                            ? 
_refine.details                                  ? 
_refine.B_iso_min                                ? 
_refine.B_iso_max                                ? 
_refine.correlation_coeff_Fo_to_Fc               ? 
_refine.correlation_coeff_Fo_to_Fc_free          ? 
_refine.pdbx_solvent_vdw_probe_radii             ? 
_refine.pdbx_solvent_ion_probe_radii             ? 
_refine.pdbx_solvent_shrinkage_radii             ? 
_refine.overall_SU_R_Cruickshank_DPI             ? 
_refine.overall_SU_R_free                        ? 
_refine.overall_SU_B                             ? 
_refine.overall_SU_ML                            ? 
_refine.pdbx_overall_ESU_R                       ? 
_refine.pdbx_overall_ESU_R_Free                  ? 
_refine.pdbx_data_cutoff_high_rms_absF           ? 
_refine.pdbx_refine_id                           'X-RAY DIFFRACTION' 
_refine.pdbx_diffrn_id                           1 
_refine.pdbx_TLS_residual_ADP_flag               ? 
_refine.pdbx_overall_phase_error                 ? 
_refine.pdbx_overall_SU_R_free_Cruickshank_DPI   ? 
_refine.pdbx_overall_SU_R_Blow_DPI               ? 
_refine.pdbx_overall_SU_R_free_Blow_DPI          ? 
# 
_refine_analyze.entry_id                        1OXJ 
_refine_analyze.Luzzati_coordinate_error_obs    0.27 
_refine_analyze.Luzzati_sigma_a_obs             0.26 
_refine_analyze.Luzzati_d_res_low_obs           5.0 
_refine_analyze.Luzzati_coordinate_error_free   0.30 
_refine_analyze.Luzzati_sigma_a_free            0.30 
_refine_analyze.Luzzati_d_res_low_free          ? 
_refine_analyze.number_disordered_residues      ? 
_refine_analyze.occupancy_sum_non_hydrogen      ? 
_refine_analyze.occupancy_sum_hydrogen          ? 
_refine_analyze.pdbx_Luzzati_d_res_high_obs     ? 
_refine_analyze.pdbx_refine_id                  'X-RAY DIFFRACTION' 
# 
_refine_hist.pdbx_refine_id                   'X-RAY DIFFRACTION' 
_refine_hist.cycle_id                         LAST 
_refine_hist.pdbx_number_atoms_protein        1355 
_refine_hist.pdbx_number_atoms_nucleic_acid   0 
_refine_hist.pdbx_number_atoms_ligand         0 
_refine_hist.number_atoms_solvent             163 
_refine_hist.number_atoms_total               1518 
_refine_hist.d_res_high                       1.8 
_refine_hist.d_res_low                        40 
# 
loop_
_refine_ls_restr.type 
_refine_ls_restr.dev_ideal 
_refine_ls_restr.dev_ideal_target 
_refine_ls_restr.weight 
_refine_ls_restr.number 
_refine_ls_restr.pdbx_refine_id 
_refine_ls_restr.pdbx_restraint_function 
c_bond_d           0.00766 ? ? ? 'X-RAY DIFFRACTION' ? 
c_angle_deg        1.01337 ? ? ? 'X-RAY DIFFRACTION' ? 
c_dihedral_angle_d 18.5541 ? ? ? 'X-RAY DIFFRACTION' ? 
c_improper_angle_d 0.69560 ? ? ? 'X-RAY DIFFRACTION' ? 
c_mcbond_it        1.407   ? ? ? 'X-RAY DIFFRACTION' ? 
# 
loop_
_refine_ls_shell.pdbx_total_number_of_bins_used 
_refine_ls_shell.d_res_high 
_refine_ls_shell.d_res_low 
_refine_ls_shell.number_reflns_R_work 
_refine_ls_shell.R_factor_R_work 
_refine_ls_shell.percent_reflns_obs 
_refine_ls_shell.R_factor_R_free 
_refine_ls_shell.R_factor_R_free_error 
_refine_ls_shell.percent_reflns_R_free 
_refine_ls_shell.number_reflns_R_free 
_refine_ls_shell.number_reflns_obs 
_refine_ls_shell.redundancy_reflns_obs 
_refine_ls_shell.number_reflns_all 
_refine_ls_shell.pdbx_refine_id 
_refine_ls_shell.R_factor_all 
6 1.80 1.86 . 0.3613 70.27 0.3761 .77 . 107 1352 . . 'X-RAY DIFFRACTION' . 
6 1.86 1.94 . 0.3177 81.17 0.3787 .79 . 121 1573 . . 'X-RAY DIFFRACTION' . 
6 1.94 2.03 . 0.2909 91.66 0.2911 .85 . 105 1737 . . 'X-RAY DIFFRACTION' . 
6 2.03 2.13 . 0.2708 91.70 0.2655 .89 . 131 1746 . . 'X-RAY DIFFRACTION' . 
6 2.13 2.27 . 0.2599 93.24 0.2981 .86 . 128 1807 . . 'X-RAY DIFFRACTION' . 
6 2.27 2.44 . 0.2436 93.02 0.293  .88 . 130 1773 . . 'X-RAY DIFFRACTION' . 
# 
_struct.entry_id                  1OXJ 
_struct.title                     'Crystal structure of the Smaug RNA binding domain' 
_struct.pdbx_model_details        ? 
_struct.pdbx_CASP_flag            ? 
_struct.pdbx_model_type_details   ? 
# 
_struct_keywords.entry_id        1OXJ 
_struct_keywords.pdbx_keywords   'RNA BINDING PROTEIN' 
_struct_keywords.text            'SAM domain, PHAT domain, RNA-binding protein, RNA BINDING PROTEIN' 
# 
loop_
_struct_asym.id 
_struct_asym.pdbx_blank_PDB_chainid_flag 
_struct_asym.pdbx_modified 
_struct_asym.entity_id 
_struct_asym.details 
A N N 1 ? 
B N N 2 ? 
# 
_struct_ref.id                         1 
_struct_ref.db_name                    UNP 
_struct_ref.db_code                    SMG_DROME 
_struct_ref.pdbx_db_accession          Q23972 
_struct_ref.entity_id                  1 
_struct_ref.pdbx_seq_one_letter_code   
;VGMSGIGLWLKSLRLHKYIELFKNMTYEEMLLITEDFLQSVGVTKGASHKLALCIDKLKERANILNRVEQELLSGQMELS
TAVEELTNIVLTPMKPLESPGPPEENIGLRFLKVIDIVTNTLQQDPYAVQDDETLGVLMWILDRSIHNEAFMNHASQLKD
LKFKLSKMK
;
_struct_ref.pdbx_align_begin           596 
_struct_ref.pdbx_db_isoform            ? 
# 
_struct_ref_seq.align_id                      1 
_struct_ref_seq.ref_id                        1 
_struct_ref_seq.pdbx_PDB_id_code              1OXJ 
_struct_ref_seq.pdbx_strand_id                A 
_struct_ref_seq.seq_align_beg                 5 
_struct_ref_seq.pdbx_seq_align_beg_ins_code   ? 
_struct_ref_seq.seq_align_end                 173 
_struct_ref_seq.pdbx_seq_align_end_ins_code   ? 
_struct_ref_seq.pdbx_db_accession             Q23972 
_struct_ref_seq.db_align_beg                  596 
_struct_ref_seq.pdbx_db_align_beg_ins_code    ? 
_struct_ref_seq.db_align_end                  764 
_struct_ref_seq.pdbx_db_align_end_ins_code    ? 
_struct_ref_seq.pdbx_auth_seq_align_beg       596 
_struct_ref_seq.pdbx_auth_seq_align_end       764 
# 
loop_
_struct_ref_seq_dif.align_id 
_struct_ref_seq_dif.pdbx_pdb_id_code 
_struct_ref_seq_dif.mon_id 
_struct_ref_seq_dif.pdbx_pdb_strand_id 
_struct_ref_seq_dif.seq_num 
_struct_ref_seq_dif.pdbx_pdb_ins_code 
_struct_ref_seq_dif.pdbx_seq_db_name 
_struct_ref_seq_dif.pdbx_seq_db_accession_code 
_struct_ref_seq_dif.db_mon_id 
_struct_ref_seq_dif.pdbx_seq_db_seq_num 
_struct_ref_seq_dif.details 
_struct_ref_seq_dif.pdbx_auth_seq_num 
_struct_ref_seq_dif.pdbx_ordinal 
1 1OXJ GLY A 1 ? UNP Q23972 ? ? 'SEE REMARK 999' 592 1 
1 1OXJ THR A 2 ? UNP Q23972 ? ? 'SEE REMARK 999' 593 2 
1 1OXJ HIS A 3 ? UNP Q23972 ? ? 'SEE REMARK 999' 594 3 
1 1OXJ MET A 4 ? UNP Q23972 ? ? 'SEE REMARK 999' 595 4 
# 
_pdbx_struct_assembly.id                   1 
_pdbx_struct_assembly.details              author_defined_assembly 
_pdbx_struct_assembly.method_details       ? 
_pdbx_struct_assembly.oligomeric_details   monomeric 
_pdbx_struct_assembly.oligomeric_count     1 
# 
_pdbx_struct_assembly_gen.assembly_id       1 
_pdbx_struct_assembly_gen.oper_expression   1 
_pdbx_struct_assembly_gen.asym_id_list      A,B 
# 
_pdbx_struct_oper_list.id                   1 
_pdbx_struct_oper_list.type                 'identity operation' 
_pdbx_struct_oper_list.name                 1_555 
_pdbx_struct_oper_list.symmetry_operation   x,y,z 
_pdbx_struct_oper_list.matrix[1][1]         1.0000000000 
_pdbx_struct_oper_list.matrix[1][2]         0.0000000000 
_pdbx_struct_oper_list.matrix[1][3]         0.0000000000 
_pdbx_struct_oper_list.vector[1]            0.0000000000 
_pdbx_struct_oper_list.matrix[2][1]         0.0000000000 
_pdbx_struct_oper_list.matrix[2][2]         1.0000000000 
_pdbx_struct_oper_list.matrix[2][3]         0.0000000000 
_pdbx_struct_oper_list.vector[2]            0.0000000000 
_pdbx_struct_oper_list.matrix[3][1]         0.0000000000 
_pdbx_struct_oper_list.matrix[3][2]         0.0000000000 
_pdbx_struct_oper_list.matrix[3][3]         1.0000000000 
_pdbx_struct_oper_list.vector[3]            0.0000000000 
# 
_struct_biol.id                    1 
_struct_biol.pdbx_parent_biol_id   ? 
_struct_biol.details               ? 
# 
loop_
_struct_conf.conf_type_id 
_struct_conf.id 
_struct_conf.pdbx_PDB_helix_id 
_struct_conf.beg_label_comp_id 
_struct_conf.beg_label_asym_id 
_struct_conf.beg_label_seq_id 
_struct_conf.pdbx_beg_PDB_ins_code 
_struct_conf.end_label_comp_id 
_struct_conf.end_label_asym_id 
_struct_conf.end_label_seq_id 
_struct_conf.pdbx_end_PDB_ins_code 
_struct_conf.beg_auth_comp_id 
_struct_conf.beg_auth_asym_id 
_struct_conf.beg_auth_seq_id 
_struct_conf.end_auth_comp_id 
_struct_conf.end_auth_asym_id 
_struct_conf.end_auth_seq_id 
_struct_conf.pdbx_PDB_helix_class 
_struct_conf.details 
_struct_conf.pdbx_PDB_helix_length 
HELX_P HELX_P1  1  GLY A 9   ? LEU A 17  ? GLY A 600 LEU A 608 1 ? 9  
HELX_P HELX_P2  2  ARG A 18  ? ARG A 18  ? ARG A 609 ARG A 609 5 ? 1  
HELX_P HELX_P3  3  LEU A 19  ? LYS A 27  ? LEU A 610 LYS A 618 5 ? 9  
HELX_P HELX_P4  4  THR A 30  ? LEU A 35  ? THR A 621 LEU A 626 1 ? 6  
HELX_P HELX_P5  5  THR A 38  ? VAL A 45  ? THR A 629 VAL A 636 1 ? 8  
HELX_P HELX_P6  6  THR A 48  ? SER A 78  ? THR A 639 SER A 669 1 ? 31 
HELX_P HELX_P7  7  GLU A 82  ? ASN A 92  ? GLU A 673 ASN A 683 1 ? 11 
HELX_P HELX_P8  8  PRO A 106 ? GLU A 109 ? PRO A 697 GLU A 700 5 ? 4  
HELX_P HELX_P9  9  ASN A 110 ? GLN A 128 ? ASN A 701 GLN A 719 1 ? 19 
HELX_P HELX_P10 10 TYR A 131 ? GLN A 134 ? TYR A 722 GLN A 725 5 ? 4  
HELX_P HELX_P11 11 ASP A 135 ? HIS A 151 ? ASP A 726 HIS A 742 1 ? 17 
HELX_P HELX_P12 12 ASN A 152 ? ASN A 157 ? ASN A 743 ASN A 748 5 ? 6  
HELX_P HELX_P13 13 HIS A 158 ? LYS A 171 ? HIS A 749 LYS A 762 1 ? 14 
# 
_struct_conf_type.id          HELX_P 
_struct_conf_type.criteria    ? 
_struct_conf_type.reference   ? 
# 
loop_
_pdbx_validate_torsion.id 
_pdbx_validate_torsion.PDB_model_num 
_pdbx_validate_torsion.auth_comp_id 
_pdbx_validate_torsion.auth_asym_id 
_pdbx_validate_torsion.auth_seq_id 
_pdbx_validate_torsion.PDB_ins_code 
_pdbx_validate_torsion.label_alt_id 
_pdbx_validate_torsion.phi 
_pdbx_validate_torsion.psi 
1 1 LYS A 618 ? ? -19.69 -73.85 
2 1 GLU A 693 ? ? -74.75 28.09  
# 
_pdbx_database_remark.id     999 
_pdbx_database_remark.text   
;SEQUENCE
His tag is removed leaving the non-smg sequence 
GTHM on the N-terminal end.
;
# 
loop_
_pdbx_unobs_or_zero_occ_residues.id 
_pdbx_unobs_or_zero_occ_residues.PDB_model_num 
_pdbx_unobs_or_zero_occ_residues.polymer_flag 
_pdbx_unobs_or_zero_occ_residues.occupancy_flag 
_pdbx_unobs_or_zero_occ_residues.auth_asym_id 
_pdbx_unobs_or_zero_occ_residues.auth_comp_id 
_pdbx_unobs_or_zero_occ_residues.auth_seq_id 
_pdbx_unobs_or_zero_occ_residues.PDB_ins_code 
_pdbx_unobs_or_zero_occ_residues.label_asym_id 
_pdbx_unobs_or_zero_occ_residues.label_comp_id 
_pdbx_unobs_or_zero_occ_residues.label_seq_id 
1 1 Y 1 A GLY 592 ? A GLY 1   
2 1 Y 1 A THR 593 ? A THR 2   
3 1 Y 1 A LYS 764 ? A LYS 173 
# 
loop_
_chem_comp_atom.comp_id 
_chem_comp_atom.atom_id 
_chem_comp_atom.type_symbol 
_chem_comp_atom.pdbx_aromatic_flag 
_chem_comp_atom.pdbx_stereo_config 
_chem_comp_atom.pdbx_ordinal 
ALA N    N N N 1   
ALA CA   C N S 2   
ALA C    C N N 3   
ALA O    O N N 4   
ALA CB   C N N 5   
ALA OXT  O N N 6   
ALA H    H N N 7   
ALA H2   H N N 8   
ALA HA   H N N 9   
ALA HB1  H N N 10  
ALA HB2  H N N 11  
ALA HB3  H N N 12  
ALA HXT  H N N 13  
ARG N    N N N 14  
ARG CA   C N S 15  
ARG C    C N N 16  
ARG O    O N N 17  
ARG CB   C N N 18  
ARG CG   C N N 19  
ARG CD   C N N 20  
ARG NE   N N N 21  
ARG CZ   C N N 22  
ARG NH1  N N N 23  
ARG NH2  N N N 24  
ARG OXT  O N N 25  
ARG H    H N N 26  
ARG H2   H N N 27  
ARG HA   H N N 28  
ARG HB2  H N N 29  
ARG HB3  H N N 30  
ARG HG2  H N N 31  
ARG HG3  H N N 32  
ARG HD2  H N N 33  
ARG HD3  H N N 34  
ARG HE   H N N 35  
ARG HH11 H N N 36  
ARG HH12 H N N 37  
ARG HH21 H N N 38  
ARG HH22 H N N 39  
ARG HXT  H N N 40  
ASN N    N N N 41  
ASN CA   C N S 42  
ASN C    C N N 43  
ASN O    O N N 44  
ASN CB   C N N 45  
ASN CG   C N N 46  
ASN OD1  O N N 47  
ASN ND2  N N N 48  
ASN OXT  O N N 49  
ASN H    H N N 50  
ASN H2   H N N 51  
ASN HA   H N N 52  
ASN HB2  H N N 53  
ASN HB3  H N N 54  
ASN HD21 H N N 55  
ASN HD22 H N N 56  
ASN HXT  H N N 57  
ASP N    N N N 58  
ASP CA   C N S 59  
ASP C    C N N 60  
ASP O    O N N 61  
ASP CB   C N N 62  
ASP CG   C N N 63  
ASP OD1  O N N 64  
ASP OD2  O N N 65  
ASP OXT  O N N 66  
ASP H    H N N 67  
ASP H2   H N N 68  
ASP HA   H N N 69  
ASP HB2  H N N 70  
ASP HB3  H N N 71  
ASP HD2  H N N 72  
ASP HXT  H N N 73  
CYS N    N N N 74  
CYS CA   C N R 75  
CYS C    C N N 76  
CYS O    O N N 77  
CYS CB   C N N 78  
CYS SG   S N N 79  
CYS OXT  O N N 80  
CYS H    H N N 81  
CYS H2   H N N 82  
CYS HA   H N N 83  
CYS HB2  H N N 84  
CYS HB3  H N N 85  
CYS HG   H N N 86  
CYS HXT  H N N 87  
GLN N    N N N 88  
GLN CA   C N S 89  
GLN C    C N N 90  
GLN O    O N N 91  
GLN CB   C N N 92  
GLN CG   C N N 93  
GLN CD   C N N 94  
GLN OE1  O N N 95  
GLN NE2  N N N 96  
GLN OXT  O N N 97  
GLN H    H N N 98  
GLN H2   H N N 99  
GLN HA   H N N 100 
GLN HB2  H N N 101 
GLN HB3  H N N 102 
GLN HG2  H N N 103 
GLN HG3  H N N 104 
GLN HE21 H N N 105 
GLN HE22 H N N 106 
GLN HXT  H N N 107 
GLU N    N N N 108 
GLU CA   C N S 109 
GLU C    C N N 110 
GLU O    O N N 111 
GLU CB   C N N 112 
GLU CG   C N N 113 
GLU CD   C N N 114 
GLU OE1  O N N 115 
GLU OE2  O N N 116 
GLU OXT  O N N 117 
GLU H    H N N 118 
GLU H2   H N N 119 
GLU HA   H N N 120 
GLU HB2  H N N 121 
GLU HB3  H N N 122 
GLU HG2  H N N 123 
GLU HG3  H N N 124 
GLU HE2  H N N 125 
GLU HXT  H N N 126 
GLY N    N N N 127 
GLY CA   C N N 128 
GLY C    C N N 129 
GLY O    O N N 130 
GLY OXT  O N N 131 
GLY H    H N N 132 
GLY H2   H N N 133 
GLY HA2  H N N 134 
GLY HA3  H N N 135 
GLY HXT  H N N 136 
HIS N    N N N 137 
HIS CA   C N S 138 
HIS C    C N N 139 
HIS O    O N N 140 
HIS CB   C N N 141 
HIS CG   C Y N 142 
HIS ND1  N Y N 143 
HIS CD2  C Y N 144 
HIS CE1  C Y N 145 
HIS NE2  N Y N 146 
HIS OXT  O N N 147 
HIS H    H N N 148 
HIS H2   H N N 149 
HIS HA   H N N 150 
HIS HB2  H N N 151 
HIS HB3  H N N 152 
HIS HD1  H N N 153 
HIS HD2  H N N 154 
HIS HE1  H N N 155 
HIS HE2  H N N 156 
HIS HXT  H N N 157 
HOH O    O N N 158 
HOH H1   H N N 159 
HOH H2   H N N 160 
ILE N    N N N 161 
ILE CA   C N S 162 
ILE C    C N N 163 
ILE O    O N N 164 
ILE CB   C N S 165 
ILE CG1  C N N 166 
ILE CG2  C N N 167 
ILE CD1  C N N 168 
ILE OXT  O N N 169 
ILE H    H N N 170 
ILE H2   H N N 171 
ILE HA   H N N 172 
ILE HB   H N N 173 
ILE HG12 H N N 174 
ILE HG13 H N N 175 
ILE HG21 H N N 176 
ILE HG22 H N N 177 
ILE HG23 H N N 178 
ILE HD11 H N N 179 
ILE HD12 H N N 180 
ILE HD13 H N N 181 
ILE HXT  H N N 182 
LEU N    N N N 183 
LEU CA   C N S 184 
LEU C    C N N 185 
LEU O    O N N 186 
LEU CB   C N N 187 
LEU CG   C N N 188 
LEU CD1  C N N 189 
LEU CD2  C N N 190 
LEU OXT  O N N 191 
LEU H    H N N 192 
LEU H2   H N N 193 
LEU HA   H N N 194 
LEU HB2  H N N 195 
LEU HB3  H N N 196 
LEU HG   H N N 197 
LEU HD11 H N N 198 
LEU HD12 H N N 199 
LEU HD13 H N N 200 
LEU HD21 H N N 201 
LEU HD22 H N N 202 
LEU HD23 H N N 203 
LEU HXT  H N N 204 
LYS N    N N N 205 
LYS CA   C N S 206 
LYS C    C N N 207 
LYS O    O N N 208 
LYS CB   C N N 209 
LYS CG   C N N 210 
LYS CD   C N N 211 
LYS CE   C N N 212 
LYS NZ   N N N 213 
LYS OXT  O N N 214 
LYS H    H N N 215 
LYS H2   H N N 216 
LYS HA   H N N 217 
LYS HB2  H N N 218 
LYS HB3  H N N 219 
LYS HG2  H N N 220 
LYS HG3  H N N 221 
LYS HD2  H N N 222 
LYS HD3  H N N 223 
LYS HE2  H N N 224 
LYS HE3  H N N 225 
LYS HZ1  H N N 226 
LYS HZ2  H N N 227 
LYS HZ3  H N N 228 
LYS HXT  H N N 229 
MET N    N N N 230 
MET CA   C N S 231 
MET C    C N N 232 
MET O    O N N 233 
MET CB   C N N 234 
MET CG   C N N 235 
MET SD   S N N 236 
MET CE   C N N 237 
MET OXT  O N N 238 
MET H    H N N 239 
MET H2   H N N 240 
MET HA   H N N 241 
MET HB2  H N N 242 
MET HB3  H N N 243 
MET HG2  H N N 244 
MET HG3  H N N 245 
MET HE1  H N N 246 
MET HE2  H N N 247 
MET HE3  H N N 248 
MET HXT  H N N 249 
PHE N    N N N 250 
PHE CA   C N S 251 
PHE C    C N N 252 
PHE O    O N N 253 
PHE CB   C N N 254 
PHE CG   C Y N 255 
PHE CD1  C Y N 256 
PHE CD2  C Y N 257 
PHE CE1  C Y N 258 
PHE CE2  C Y N 259 
PHE CZ   C Y N 260 
PHE OXT  O N N 261 
PHE H    H N N 262 
PHE H2   H N N 263 
PHE HA   H N N 264 
PHE HB2  H N N 265 
PHE HB3  H N N 266 
PHE HD1  H N N 267 
PHE HD2  H N N 268 
PHE HE1  H N N 269 
PHE HE2  H N N 270 
PHE HZ   H N N 271 
PHE HXT  H N N 272 
PRO N    N N N 273 
PRO CA   C N S 274 
PRO C    C N N 275 
PRO O    O N N 276 
PRO CB   C N N 277 
PRO CG   C N N 278 
PRO CD   C N N 279 
PRO OXT  O N N 280 
PRO H    H N N 281 
PRO HA   H N N 282 
PRO HB2  H N N 283 
PRO HB3  H N N 284 
PRO HG2  H N N 285 
PRO HG3  H N N 286 
PRO HD2  H N N 287 
PRO HD3  H N N 288 
PRO HXT  H N N 289 
SER N    N N N 290 
SER CA   C N S 291 
SER C    C N N 292 
SER O    O N N 293 
SER CB   C N N 294 
SER OG   O N N 295 
SER OXT  O N N 296 
SER H    H N N 297 
SER H2   H N N 298 
SER HA   H N N 299 
SER HB2  H N N 300 
SER HB3  H N N 301 
SER HG   H N N 302 
SER HXT  H N N 303 
THR N    N N N 304 
THR CA   C N S 305 
THR C    C N N 306 
THR O    O N N 307 
THR CB   C N R 308 
THR OG1  O N N 309 
THR CG2  C N N 310 
THR OXT  O N N 311 
THR H    H N N 312 
THR H2   H N N 313 
THR HA   H N N 314 
THR HB   H N N 315 
THR HG1  H N N 316 
THR HG21 H N N 317 
THR HG22 H N N 318 
THR HG23 H N N 319 
THR HXT  H N N 320 
TRP N    N N N 321 
TRP CA   C N S 322 
TRP C    C N N 323 
TRP O    O N N 324 
TRP CB   C N N 325 
TRP CG   C Y N 326 
TRP CD1  C Y N 327 
TRP CD2  C Y N 328 
TRP NE1  N Y N 329 
TRP CE2  C Y N 330 
TRP CE3  C Y N 331 
TRP CZ2  C Y N 332 
TRP CZ3  C Y N 333 
TRP CH2  C Y N 334 
TRP OXT  O N N 335 
TRP H    H N N 336 
TRP H2   H N N 337 
TRP HA   H N N 338 
TRP HB2  H N N 339 
TRP HB3  H N N 340 
TRP HD1  H N N 341 
TRP HE1  H N N 342 
TRP HE3  H N N 343 
TRP HZ2  H N N 344 
TRP HZ3  H N N 345 
TRP HH2  H N N 346 
TRP HXT  H N N 347 
TYR N    N N N 348 
TYR CA   C N S 349 
TYR C    C N N 350 
TYR O    O N N 351 
TYR CB   C N N 352 
TYR CG   C Y N 353 
TYR CD1  C Y N 354 
TYR CD2  C Y N 355 
TYR CE1  C Y N 356 
TYR CE2  C Y N 357 
TYR CZ   C Y N 358 
TYR OH   O N N 359 
TYR OXT  O N N 360 
TYR H    H N N 361 
TYR H2   H N N 362 
TYR HA   H N N 363 
TYR HB2  H N N 364 
TYR HB3  H N N 365 
TYR HD1  H N N 366 
TYR HD2  H N N 367 
TYR HE1  H N N 368 
TYR HE2  H N N 369 
TYR HH   H N N 370 
TYR HXT  H N N 371 
VAL N    N N N 372 
VAL CA   C N S 373 
VAL C    C N N 374 
VAL O    O N N 375 
VAL CB   C N N 376 
VAL CG1  C N N 377 
VAL CG2  C N N 378 
VAL OXT  O N N 379 
VAL H    H N N 380 
VAL H2   H N N 381 
VAL HA   H N N 382 
VAL HB   H N N 383 
VAL HG11 H N N 384 
VAL HG12 H N N 385 
VAL HG13 H N N 386 
VAL HG21 H N N 387 
VAL HG22 H N N 388 
VAL HG23 H N N 389 
VAL HXT  H N N 390 
# 
loop_
_chem_comp_bond.comp_id 
_chem_comp_bond.atom_id_1 
_chem_comp_bond.atom_id_2 
_chem_comp_bond.value_order 
_chem_comp_bond.pdbx_aromatic_flag 
_chem_comp_bond.pdbx_stereo_config 
_chem_comp_bond.pdbx_ordinal 
ALA N   CA   sing N N 1   
ALA N   H    sing N N 2   
ALA N   H2   sing N N 3   
ALA CA  C    sing N N 4   
ALA CA  CB   sing N N 5   
ALA CA  HA   sing N N 6   
ALA C   O    doub N N 7   
ALA C   OXT  sing N N 8   
ALA CB  HB1  sing N N 9   
ALA CB  HB2  sing N N 10  
ALA CB  HB3  sing N N 11  
ALA OXT HXT  sing N N 12  
ARG N   CA   sing N N 13  
ARG N   H    sing N N 14  
ARG N   H2   sing N N 15  
ARG CA  C    sing N N 16  
ARG CA  CB   sing N N 17  
ARG CA  HA   sing N N 18  
ARG C   O    doub N N 19  
ARG C   OXT  sing N N 20  
ARG CB  CG   sing N N 21  
ARG CB  HB2  sing N N 22  
ARG CB  HB3  sing N N 23  
ARG CG  CD   sing N N 24  
ARG CG  HG2  sing N N 25  
ARG CG  HG3  sing N N 26  
ARG CD  NE   sing N N 27  
ARG CD  HD2  sing N N 28  
ARG CD  HD3  sing N N 29  
ARG NE  CZ   sing N N 30  
ARG NE  HE   sing N N 31  
ARG CZ  NH1  sing N N 32  
ARG CZ  NH2  doub N N 33  
ARG NH1 HH11 sing N N 34  
ARG NH1 HH12 sing N N 35  
ARG NH2 HH21 sing N N 36  
ARG NH2 HH22 sing N N 37  
ARG OXT HXT  sing N N 38  
ASN N   CA   sing N N 39  
ASN N   H    sing N N 40  
ASN N   H2   sing N N 41  
ASN CA  C    sing N N 42  
ASN CA  CB   sing N N 43  
ASN CA  HA   sing N N 44  
ASN C   O    doub N N 45  
ASN C   OXT  sing N N 46  
ASN CB  CG   sing N N 47  
ASN CB  HB2  sing N N 48  
ASN CB  HB3  sing N N 49  
ASN CG  OD1  doub N N 50  
ASN CG  ND2  sing N N 51  
ASN ND2 HD21 sing N N 52  
ASN ND2 HD22 sing N N 53  
ASN OXT HXT  sing N N 54  
ASP N   CA   sing N N 55  
ASP N   H    sing N N 56  
ASP N   H2   sing N N 57  
ASP CA  C    sing N N 58  
ASP CA  CB   sing N N 59  
ASP CA  HA   sing N N 60  
ASP C   O    doub N N 61  
ASP C   OXT  sing N N 62  
ASP CB  CG   sing N N 63  
ASP CB  HB2  sing N N 64  
ASP CB  HB3  sing N N 65  
ASP CG  OD1  doub N N 66  
ASP CG  OD2  sing N N 67  
ASP OD2 HD2  sing N N 68  
ASP OXT HXT  sing N N 69  
CYS N   CA   sing N N 70  
CYS N   H    sing N N 71  
CYS N   H2   sing N N 72  
CYS CA  C    sing N N 73  
CYS CA  CB   sing N N 74  
CYS CA  HA   sing N N 75  
CYS C   O    doub N N 76  
CYS C   OXT  sing N N 77  
CYS CB  SG   sing N N 78  
CYS CB  HB2  sing N N 79  
CYS CB  HB3  sing N N 80  
CYS SG  HG   sing N N 81  
CYS OXT HXT  sing N N 82  
GLN N   CA   sing N N 83  
GLN N   H    sing N N 84  
GLN N   H2   sing N N 85  
GLN CA  C    sing N N 86  
GLN CA  CB   sing N N 87  
GLN CA  HA   sing N N 88  
GLN C   O    doub N N 89  
GLN C   OXT  sing N N 90  
GLN CB  CG   sing N N 91  
GLN CB  HB2  sing N N 92  
GLN CB  HB3  sing N N 93  
GLN CG  CD   sing N N 94  
GLN CG  HG2  sing N N 95  
GLN CG  HG3  sing N N 96  
GLN CD  OE1  doub N N 97  
GLN CD  NE2  sing N N 98  
GLN NE2 HE21 sing N N 99  
GLN NE2 HE22 sing N N 100 
GLN OXT HXT  sing N N 101 
GLU N   CA   sing N N 102 
GLU N   H    sing N N 103 
GLU N   H2   sing N N 104 
GLU CA  C    sing N N 105 
GLU CA  CB   sing N N 106 
GLU CA  HA   sing N N 107 
GLU C   O    doub N N 108 
GLU C   OXT  sing N N 109 
GLU CB  CG   sing N N 110 
GLU CB  HB2  sing N N 111 
GLU CB  HB3  sing N N 112 
GLU CG  CD   sing N N 113 
GLU CG  HG2  sing N N 114 
GLU CG  HG3  sing N N 115 
GLU CD  OE1  doub N N 116 
GLU CD  OE2  sing N N 117 
GLU OE2 HE2  sing N N 118 
GLU OXT HXT  sing N N 119 
GLY N   CA   sing N N 120 
GLY N   H    sing N N 121 
GLY N   H2   sing N N 122 
GLY CA  C    sing N N 123 
GLY CA  HA2  sing N N 124 
GLY CA  HA3  sing N N 125 
GLY C   O    doub N N 126 
GLY C   OXT  sing N N 127 
GLY OXT HXT  sing N N 128 
HIS N   CA   sing N N 129 
HIS N   H    sing N N 130 
HIS N   H2   sing N N 131 
HIS CA  C    sing N N 132 
HIS CA  CB   sing N N 133 
HIS CA  HA   sing N N 134 
HIS C   O    doub N N 135 
HIS C   OXT  sing N N 136 
HIS CB  CG   sing N N 137 
HIS CB  HB2  sing N N 138 
HIS CB  HB3  sing N N 139 
HIS CG  ND1  sing Y N 140 
HIS CG  CD2  doub Y N 141 
HIS ND1 CE1  doub Y N 142 
HIS ND1 HD1  sing N N 143 
HIS CD2 NE2  sing Y N 144 
HIS CD2 HD2  sing N N 145 
HIS CE1 NE2  sing Y N 146 
HIS CE1 HE1  sing N N 147 
HIS NE2 HE2  sing N N 148 
HIS OXT HXT  sing N N 149 
HOH O   H1   sing N N 150 
HOH O   H2   sing N N 151 
ILE N   CA   sing N N 152 
ILE N   H    sing N N 153 
ILE N   H2   sing N N 154 
ILE CA  C    sing N N 155 
ILE CA  CB   sing N N 156 
ILE CA  HA   sing N N 157 
ILE C   O    doub N N 158 
ILE C   OXT  sing N N 159 
ILE CB  CG1  sing N N 160 
ILE CB  CG2  sing N N 161 
ILE CB  HB   sing N N 162 
ILE CG1 CD1  sing N N 163 
ILE CG1 HG12 sing N N 164 
ILE CG1 HG13 sing N N 165 
ILE CG2 HG21 sing N N 166 
ILE CG2 HG22 sing N N 167 
ILE CG2 HG23 sing N N 168 
ILE CD1 HD11 sing N N 169 
ILE CD1 HD12 sing N N 170 
ILE CD1 HD13 sing N N 171 
ILE OXT HXT  sing N N 172 
LEU N   CA   sing N N 173 
LEU N   H    sing N N 174 
LEU N   H2   sing N N 175 
LEU CA  C    sing N N 176 
LEU CA  CB   sing N N 177 
LEU CA  HA   sing N N 178 
LEU C   O    doub N N 179 
LEU C   OXT  sing N N 180 
LEU CB  CG   sing N N 181 
LEU CB  HB2  sing N N 182 
LEU CB  HB3  sing N N 183 
LEU CG  CD1  sing N N 184 
LEU CG  CD2  sing N N 185 
LEU CG  HG   sing N N 186 
LEU CD1 HD11 sing N N 187 
LEU CD1 HD12 sing N N 188 
LEU CD1 HD13 sing N N 189 
LEU CD2 HD21 sing N N 190 
LEU CD2 HD22 sing N N 191 
LEU CD2 HD23 sing N N 192 
LEU OXT HXT  sing N N 193 
LYS N   CA   sing N N 194 
LYS N   H    sing N N 195 
LYS N   H2   sing N N 196 
LYS CA  C    sing N N 197 
LYS CA  CB   sing N N 198 
LYS CA  HA   sing N N 199 
LYS C   O    doub N N 200 
LYS C   OXT  sing N N 201 
LYS CB  CG   sing N N 202 
LYS CB  HB2  sing N N 203 
LYS CB  HB3  sing N N 204 
LYS CG  CD   sing N N 205 
LYS CG  HG2  sing N N 206 
LYS CG  HG3  sing N N 207 
LYS CD  CE   sing N N 208 
LYS CD  HD2  sing N N 209 
LYS CD  HD3  sing N N 210 
LYS CE  NZ   sing N N 211 
LYS CE  HE2  sing N N 212 
LYS CE  HE3  sing N N 213 
LYS NZ  HZ1  sing N N 214 
LYS NZ  HZ2  sing N N 215 
LYS NZ  HZ3  sing N N 216 
LYS OXT HXT  sing N N 217 
MET N   CA   sing N N 218 
MET N   H    sing N N 219 
MET N   H2   sing N N 220 
MET CA  C    sing N N 221 
MET CA  CB   sing N N 222 
MET CA  HA   sing N N 223 
MET C   O    doub N N 224 
MET C   OXT  sing N N 225 
MET CB  CG   sing N N 226 
MET CB  HB2  sing N N 227 
MET CB  HB3  sing N N 228 
MET CG  SD   sing N N 229 
MET CG  HG2  sing N N 230 
MET CG  HG3  sing N N 231 
MET SD  CE   sing N N 232 
MET CE  HE1  sing N N 233 
MET CE  HE2  sing N N 234 
MET CE  HE3  sing N N 235 
MET OXT HXT  sing N N 236 
PHE N   CA   sing N N 237 
PHE N   H    sing N N 238 
PHE N   H2   sing N N 239 
PHE CA  C    sing N N 240 
PHE CA  CB   sing N N 241 
PHE CA  HA   sing N N 242 
PHE C   O    doub N N 243 
PHE C   OXT  sing N N 244 
PHE CB  CG   sing N N 245 
PHE CB  HB2  sing N N 246 
PHE CB  HB3  sing N N 247 
PHE CG  CD1  doub Y N 248 
PHE CG  CD2  sing Y N 249 
PHE CD1 CE1  sing Y N 250 
PHE CD1 HD1  sing N N 251 
PHE CD2 CE2  doub Y N 252 
PHE CD2 HD2  sing N N 253 
PHE CE1 CZ   doub Y N 254 
PHE CE1 HE1  sing N N 255 
PHE CE2 CZ   sing Y N 256 
PHE CE2 HE2  sing N N 257 
PHE CZ  HZ   sing N N 258 
PHE OXT HXT  sing N N 259 
PRO N   CA   sing N N 260 
PRO N   CD   sing N N 261 
PRO N   H    sing N N 262 
PRO CA  C    sing N N 263 
PRO CA  CB   sing N N 264 
PRO CA  HA   sing N N 265 
PRO C   O    doub N N 266 
PRO C   OXT  sing N N 267 
PRO CB  CG   sing N N 268 
PRO CB  HB2  sing N N 269 
PRO CB  HB3  sing N N 270 
PRO CG  CD   sing N N 271 
PRO CG  HG2  sing N N 272 
PRO CG  HG3  sing N N 273 
PRO CD  HD2  sing N N 274 
PRO CD  HD3  sing N N 275 
PRO OXT HXT  sing N N 276 
SER N   CA   sing N N 277 
SER N   H    sing N N 278 
SER N   H2   sing N N 279 
SER CA  C    sing N N 280 
SER CA  CB   sing N N 281 
SER CA  HA   sing N N 282 
SER C   O    doub N N 283 
SER C   OXT  sing N N 284 
SER CB  OG   sing N N 285 
SER CB  HB2  sing N N 286 
SER CB  HB3  sing N N 287 
SER OG  HG   sing N N 288 
SER OXT HXT  sing N N 289 
THR N   CA   sing N N 290 
THR N   H    sing N N 291 
THR N   H2   sing N N 292 
THR CA  C    sing N N 293 
THR CA  CB   sing N N 294 
THR CA  HA   sing N N 295 
THR C   O    doub N N 296 
THR C   OXT  sing N N 297 
THR CB  OG1  sing N N 298 
THR CB  CG2  sing N N 299 
THR CB  HB   sing N N 300 
THR OG1 HG1  sing N N 301 
THR CG2 HG21 sing N N 302 
THR CG2 HG22 sing N N 303 
THR CG2 HG23 sing N N 304 
THR OXT HXT  sing N N 305 
TRP N   CA   sing N N 306 
TRP N   H    sing N N 307 
TRP N   H2   sing N N 308 
TRP CA  C    sing N N 309 
TRP CA  CB   sing N N 310 
TRP CA  HA   sing N N 311 
TRP C   O    doub N N 312 
TRP C   OXT  sing N N 313 
TRP CB  CG   sing N N 314 
TRP CB  HB2  sing N N 315 
TRP CB  HB3  sing N N 316 
TRP CG  CD1  doub Y N 317 
TRP CG  CD2  sing Y N 318 
TRP CD1 NE1  sing Y N 319 
TRP CD1 HD1  sing N N 320 
TRP CD2 CE2  doub Y N 321 
TRP CD2 CE3  sing Y N 322 
TRP NE1 CE2  sing Y N 323 
TRP NE1 HE1  sing N N 324 
TRP CE2 CZ2  sing Y N 325 
TRP CE3 CZ3  doub Y N 326 
TRP CE3 HE3  sing N N 327 
TRP CZ2 CH2  doub Y N 328 
TRP CZ2 HZ2  sing N N 329 
TRP CZ3 CH2  sing Y N 330 
TRP CZ3 HZ3  sing N N 331 
TRP CH2 HH2  sing N N 332 
TRP OXT HXT  sing N N 333 
TYR N   CA   sing N N 334 
TYR N   H    sing N N 335 
TYR N   H2   sing N N 336 
TYR CA  C    sing N N 337 
TYR CA  CB   sing N N 338 
TYR CA  HA   sing N N 339 
TYR C   O    doub N N 340 
TYR C   OXT  sing N N 341 
TYR CB  CG   sing N N 342 
TYR CB  HB2  sing N N 343 
TYR CB  HB3  sing N N 344 
TYR CG  CD1  doub Y N 345 
TYR CG  CD2  sing Y N 346 
TYR CD1 CE1  sing Y N 347 
TYR CD1 HD1  sing N N 348 
TYR CD2 CE2  doub Y N 349 
TYR CD2 HD2  sing N N 350 
TYR CE1 CZ   doub Y N 351 
TYR CE1 HE1  sing N N 352 
TYR CE2 CZ   sing Y N 353 
TYR CE2 HE2  sing N N 354 
TYR CZ  OH   sing N N 355 
TYR OH  HH   sing N N 356 
TYR OXT HXT  sing N N 357 
VAL N   CA   sing N N 358 
VAL N   H    sing N N 359 
VAL N   H2   sing N N 360 
VAL CA  C    sing N N 361 
VAL CA  CB   sing N N 362 
VAL CA  HA   sing N N 363 
VAL C   O    doub N N 364 
VAL C   OXT  sing N N 365 
VAL CB  CG1  sing N N 366 
VAL CB  CG2  sing N N 367 
VAL CB  HB   sing N N 368 
VAL CG1 HG11 sing N N 369 
VAL CG1 HG12 sing N N 370 
VAL CG1 HG13 sing N N 371 
VAL CG2 HG21 sing N N 372 
VAL CG2 HG22 sing N N 373 
VAL CG2 HG23 sing N N 374 
VAL OXT HXT  sing N N 375 
# 
_atom_sites.entry_id                    1OXJ 
_atom_sites.fract_transf_matrix[1][1]   -0.00276506 
_atom_sites.fract_transf_matrix[1][2]   0.00838027 
_atom_sites.fract_transf_matrix[1][3]   0.00136419 
_atom_sites.fract_transf_matrix[2][1]   0.00494499 
_atom_sites.fract_transf_matrix[2][2]   0.00559128 
_atom_sites.fract_transf_matrix[2][3]   0.00490018 
_atom_sites.fract_transf_matrix[3][1]   0.01461936 
_atom_sites.fract_transf_matrix[3][2]   0.00887343 
_atom_sites.fract_transf_matrix[3][3]   -0.02487795 
_atom_sites.fract_transf_vector[1]      0.209805 
_atom_sites.fract_transf_vector[2]      0.081952 
_atom_sites.fract_transf_vector[3]      0.698579 
# 
loop_
_atom_type.symbol 
C 
N 
O 
S 
# 
loop_
_atom_site.group_PDB 
_atom_site.id 
_atom_site.type_symbol 
_atom_site.label_atom_id 
_atom_site.label_alt_id 
_atom_site.label_comp_id 
_atom_site.label_asym_id 
_atom_site.label_entity_id 
_atom_site.label_seq_id 
_atom_site.pdbx_PDB_ins_code 
_atom_site.Cartn_x 
_atom_site.Cartn_y 
_atom_site.Cartn_z 
_atom_site.occupancy 
_atom_site.B_iso_or_equiv 
_atom_site.pdbx_formal_charge 
_atom_site.auth_seq_id 
_atom_site.auth_comp_id 
_atom_site.auth_asym_id 
_atom_site.auth_atom_id 
_atom_site.pdbx_PDB_model_num 
ATOM   1    N N   . HIS A 1 3   ? -2.553  -18.526 6.383   1.00 65.24 ? 594 HIS A N   1 
ATOM   2    C CA  . HIS A 1 3   ? -1.914  -17.822 5.233   1.00 65.11 ? 594 HIS A CA  1 
ATOM   3    C C   . HIS A 1 3   ? -0.398  -17.744 5.399   1.00 63.69 ? 594 HIS A C   1 
ATOM   4    O O   . HIS A 1 3   ? 0.115   -17.749 6.522   1.00 64.48 ? 594 HIS A O   1 
ATOM   5    C CB  . HIS A 1 3   ? -2.493  -16.412 5.090   1.00 66.17 ? 594 HIS A CB  1 
ATOM   6    C CG  . HIS A 1 3   ? -2.835  -15.766 6.397   1.00 67.44 ? 594 HIS A CG  1 
ATOM   7    N ND1 . HIS A 1 3   ? -4.051  -15.947 7.021   1.00 67.70 ? 594 HIS A ND1 1 
ATOM   8    C CD2 . HIS A 1 3   ? -2.115  -14.954 7.207   1.00 67.83 ? 594 HIS A CD2 1 
ATOM   9    C CE1 . HIS A 1 3   ? -4.065  -15.272 8.157   1.00 68.41 ? 594 HIS A CE1 1 
ATOM   10   N NE2 . HIS A 1 3   ? -2.902  -14.660 8.293   1.00 68.04 ? 594 HIS A NE2 1 
ATOM   11   N N   . MET A 1 4   ? 0.317   -17.671 4.280   1.00 60.37 ? 595 MET A N   1 
ATOM   12   C CA  . MET A 1 4   ? 1.771   -17.606 4.328   1.00 57.54 ? 595 MET A CA  1 
ATOM   13   C C   . MET A 1 4   ? 2.309   -16.177 4.320   1.00 52.90 ? 595 MET A C   1 
ATOM   14   O O   . MET A 1 4   ? 1.557   -15.210 4.210   1.00 51.02 ? 595 MET A O   1 
ATOM   15   C CB  . MET A 1 4   ? 2.375   -18.402 3.169   1.00 60.66 ? 595 MET A CB  1 
ATOM   16   C CG  . MET A 1 4   ? 3.866   -18.662 3.331   1.00 65.09 ? 595 MET A CG  1 
ATOM   17   S SD  . MET A 1 4   ? 4.572   -19.671 2.021   1.00 70.63 ? 595 MET A SD  1 
ATOM   18   C CE  . MET A 1 4   ? 4.634   -21.290 2.829   1.00 69.13 ? 595 MET A CE  1 
ATOM   19   N N   . VAL A 1 5   ? 3.626   -16.062 4.432   1.00 49.03 ? 596 VAL A N   1 
ATOM   20   C CA  . VAL A 1 5   ? 4.312   -14.776 4.475   1.00 45.30 ? 596 VAL A CA  1 
ATOM   21   C C   . VAL A 1 5   ? 3.824   -13.749 3.454   1.00 43.68 ? 596 VAL A C   1 
ATOM   22   O O   . VAL A 1 5   ? 3.788   -14.021 2.255   1.00 43.80 ? 596 VAL A O   1 
ATOM   23   C CB  . VAL A 1 5   ? 5.828   -14.972 4.280   1.00 45.56 ? 596 VAL A CB  1 
ATOM   24   C CG1 . VAL A 1 5   ? 6.558   -13.656 4.497   1.00 43.92 ? 596 VAL A CG1 1 
ATOM   25   C CG2 . VAL A 1 5   ? 6.340   -16.048 5.240   1.00 46.23 ? 596 VAL A CG2 1 
ATOM   26   N N   . GLY A 1 6   ? 3.454   -12.566 3.947   1.00 39.89 ? 597 GLY A N   1 
ATOM   27   C CA  . GLY A 1 6   ? 3.005   -11.497 3.076   1.00 38.37 ? 597 GLY A CA  1 
ATOM   28   C C   . GLY A 1 6   ? 1.584   -11.587 2.551   1.00 37.07 ? 597 GLY A C   1 
ATOM   29   O O   . GLY A 1 6   ? 1.152   -10.727 1.779   1.00 36.98 ? 597 GLY A O   1 
ATOM   30   N N   . MET A 1 7   ? 0.840   -12.605 2.971   1.00 35.68 ? 598 MET A N   1 
ATOM   31   C CA  . MET A 1 7   ? -0.525  -12.767 2.487   1.00 35.19 ? 598 MET A CA  1 
ATOM   32   C C   . MET A 1 7   ? -1.626  -12.611 3.536   1.00 36.86 ? 598 MET A C   1 
ATOM   33   O O   . MET A 1 7   ? -2.797  -12.844 3.243   1.00 36.41 ? 598 MET A O   1 
ATOM   34   C CB  . MET A 1 7   ? -0.640  -14.125 1.794   1.00 32.95 ? 598 MET A CB  1 
ATOM   35   C CG  . MET A 1 7   ? 0.250   -14.225 0.541   1.00 32.93 ? 598 MET A CG  1 
ATOM   36   S SD  . MET A 1 7   ? -0.274  -13.143 -0.813  1.00 19.05 ? 598 MET A SD  1 
ATOM   37   C CE  . MET A 1 7   ? -1.119  -14.317 -1.729  1.00 30.58 ? 598 MET A CE  1 
ATOM   38   N N   . SER A 1 8   ? -1.261  -12.195 4.746   1.00 38.87 ? 599 SER A N   1 
ATOM   39   C CA  . SER A 1 8   ? -2.245  -12.033 5.811   1.00 40.18 ? 599 SER A CA  1 
ATOM   40   C C   . SER A 1 8   ? -3.306  -10.988 5.493   1.00 39.15 ? 599 SER A C   1 
ATOM   41   O O   . SER A 1 8   ? -4.418  -11.056 6.006   1.00 40.24 ? 599 SER A O   1 
ATOM   42   C CB  . SER A 1 8   ? -1.557  -11.678 7.137   1.00 40.98 ? 599 SER A CB  1 
ATOM   43   O OG  . SER A 1 8   ? -0.963  -10.394 7.084   1.00 44.86 ? 599 SER A OG  1 
ATOM   44   N N   . GLY A 1 9   ? -2.976  -10.029 4.637   1.00 37.55 ? 600 GLY A N   1 
ATOM   45   C CA  . GLY A 1 9   ? -3.952  -9.002  4.303   1.00 36.30 ? 600 GLY A CA  1 
ATOM   46   C C   . GLY A 1 9   ? -4.688  -9.216  2.995   1.00 35.35 ? 600 GLY A C   1 
ATOM   47   O O   . GLY A 1 9   ? -5.345  -8.302  2.486   1.00 35.49 ? 600 GLY A O   1 
ATOM   48   N N   . ILE A 1 10  ? -4.609  -10.426 2.455   1.00 35.10 ? 601 ILE A N   1 
ATOM   49   C CA  . ILE A 1 10  ? -5.265  -10.717 1.187   1.00 35.62 ? 601 ILE A CA  1 
ATOM   50   C C   . ILE A 1 10  ? -6.769  -10.478 1.225   1.00 34.52 ? 601 ILE A C   1 
ATOM   51   O O   . ILE A 1 10  ? -7.335  -9.918  0.290   1.00 32.23 ? 601 ILE A O   1 
ATOM   52   C CB  . ILE A 1 10  ? -4.991  -12.169 0.732   1.00 37.41 ? 601 ILE A CB  1 
ATOM   53   C CG1 . ILE A 1 10  ? -5.443  -12.344 -0.717  1.00 40.08 ? 601 ILE A CG1 1 
ATOM   54   C CG2 . ILE A 1 10  ? -5.681  -13.157 1.655   1.00 41.15 ? 601 ILE A CG2 1 
ATOM   55   C CD1 . ILE A 1 10  ? -4.625  -11.497 -1.702  1.00 37.77 ? 601 ILE A CD1 1 
ATOM   56   N N   . GLY A 1 11  ? -7.419  -10.896 2.309   1.00 34.40 ? 602 GLY A N   1 
ATOM   57   C CA  . GLY A 1 11  ? -8.858  -10.709 2.411   1.00 33.98 ? 602 GLY A CA  1 
ATOM   58   C C   . GLY A 1 11  ? -9.300  -9.257  2.389   1.00 33.00 ? 602 GLY A C   1 
ATOM   59   O O   . GLY A 1 11  ? -10.227 -8.883  1.662   1.00 35.61 ? 602 GLY A O   1 
ATOM   60   N N   . LEU A 1 12  ? -8.643  -8.430  3.189   1.00 34.47 ? 603 LEU A N   1 
ATOM   61   C CA  . LEU A 1 12  ? -8.992  -7.017  3.254   1.00 34.93 ? 603 LEU A CA  1 
ATOM   62   C C   . LEU A 1 12  ? -8.743  -6.354  1.901   1.00 34.38 ? 603 LEU A C   1 
ATOM   63   O O   . LEU A 1 12  ? -9.520  -5.506  1.457   1.00 33.75 ? 603 LEU A O   1 
ATOM   64   C CB  . LEU A 1 12  ? -8.181  -6.325  4.353   1.00 38.72 ? 603 LEU A CB  1 
ATOM   65   C CG  . LEU A 1 12  ? -8.462  -4.840  4.654   1.00 43.38 ? 603 LEU A CG  1 
ATOM   66   C CD1 . LEU A 1 12  ? -7.901  -3.973  3.550   1.00 46.95 ? 603 LEU A CD1 1 
ATOM   67   C CD2 . LEU A 1 12  ? -9.968  -4.601  4.800   1.00 46.41 ? 603 LEU A CD2 1 
ATOM   68   N N   . TRP A 1 13  ? -7.659  -6.747  1.239   1.00 33.10 ? 604 TRP A N   1 
ATOM   69   C CA  . TRP A 1 13  ? -7.334  -6.179  -0.065  1.00 29.97 ? 604 TRP A CA  1 
ATOM   70   C C   . TRP A 1 13  ? -8.440  -6.514  -1.062  1.00 29.99 ? 604 TRP A C   1 
ATOM   71   O O   . TRP A 1 13  ? -8.950  -5.636  -1.753  1.00 30.66 ? 604 TRP A O   1 
ATOM   72   C CB  . TRP A 1 13  ? -5.986  -6.729  -0.561  1.00 30.10 ? 604 TRP A CB  1 
ATOM   73   C CG  . TRP A 1 13  ? -5.563  -6.182  -1.906  1.00 32.16 ? 604 TRP A CG  1 
ATOM   74   C CD1 . TRP A 1 13  ? -5.385  -4.868  -2.239  1.00 33.67 ? 604 TRP A CD1 1 
ATOM   75   C CD2 . TRP A 1 13  ? -5.207  -6.943  -3.069  1.00 34.99 ? 604 TRP A CD2 1 
ATOM   76   N NE1 . TRP A 1 13  ? -4.932  -4.764  -3.542  1.00 35.65 ? 604 TRP A NE1 1 
ATOM   77   C CE2 . TRP A 1 13  ? -4.816  -6.022  -4.071  1.00 36.34 ? 604 TRP A CE2 1 
ATOM   78   C CE3 . TRP A 1 13  ? -5.179  -8.315  -3.362  1.00 35.73 ? 604 TRP A CE3 1 
ATOM   79   C CZ2 . TRP A 1 13  ? -4.398  -6.430  -5.346  1.00 36.63 ? 604 TRP A CZ2 1 
ATOM   80   C CZ3 . TRP A 1 13  ? -4.764  -8.720  -4.632  1.00 36.53 ? 604 TRP A CZ3 1 
ATOM   81   C CH2 . TRP A 1 13  ? -4.380  -7.776  -5.606  1.00 36.49 ? 604 TRP A CH2 1 
ATOM   82   N N   . LEU A 1 14  ? -8.811  -7.788  -1.143  1.00 29.61 ? 605 LEU A N   1 
ATOM   83   C CA  . LEU A 1 14  ? -9.866  -8.196  -2.065  1.00 30.94 ? 605 LEU A CA  1 
ATOM   84   C C   . LEU A 1 14  ? -11.176 -7.454  -1.784  1.00 31.83 ? 605 LEU A C   1 
ATOM   85   O O   . LEU A 1 14  ? -11.883 -7.048  -2.711  1.00 31.00 ? 605 LEU A O   1 
ATOM   86   C CB  . LEU A 1 14  ? -10.105 -9.699  -1.972  1.00 30.56 ? 605 LEU A CB  1 
ATOM   87   C CG  . LEU A 1 14  ? -8.967  -10.591 -2.466  1.00 30.45 ? 605 LEU A CG  1 
ATOM   88   C CD1 . LEU A 1 14  ? -9.360  -12.059 -2.268  1.00 32.03 ? 605 LEU A CD1 1 
ATOM   89   C CD2 . LEU A 1 14  ? -8.700  -10.311 -3.931  1.00 28.73 ? 605 LEU A CD2 1 
ATOM   90   N N   . LYS A 1 15  ? -11.510 -7.313  -0.507  1.00 32.55 ? 606 LYS A N   1 
ATOM   91   C CA  . LYS A 1 15  ? -12.723 -6.602  -0.118  1.00 36.61 ? 606 LYS A CA  1 
ATOM   92   C C   . LYS A 1 15  ? -12.679 -5.165  -0.645  1.00 38.08 ? 606 LYS A C   1 
ATOM   93   O O   . LYS A 1 15  ? -13.710 -4.591  -1.016  1.00 38.55 ? 606 LYS A O   1 
ATOM   94   C CB  . LYS A 1 15  ? -12.863 -6.590  1.411   1.00 39.27 ? 606 LYS A CB  1 
ATOM   95   C CG  . LYS A 1 15  ? -13.325 -7.919  2.005   1.00 43.06 ? 606 LYS A CG  1 
ATOM   96   C CD  . LYS A 1 15  ? -13.288 -7.903  3.525   1.00 46.76 ? 606 LYS A CD  1 
ATOM   97   C CE  . LYS A 1 15  ? -13.889 -9.173  4.115   1.00 49.09 ? 606 LYS A CE  1 
ATOM   98   N NZ  . LYS A 1 15  ? -13.780 -9.192  5.606   1.00 50.90 ? 606 LYS A NZ  1 
ATOM   99   N N   . SER A 1 16  ? -11.479 -4.590  -0.696  1.00 37.97 ? 607 SER A N   1 
ATOM   100  C CA  . SER A 1 16  ? -11.327 -3.216  -1.163  1.00 37.69 ? 607 SER A CA  1 
ATOM   101  C C   . SER A 1 16  ? -11.530 -3.070  -2.668  1.00 39.10 ? 607 SER A C   1 
ATOM   102  O O   . SER A 1 16  ? -11.789 -1.971  -3.161  1.00 39.25 ? 607 SER A O   1 
ATOM   103  C CB  . SER A 1 16  ? -9.947  -2.666  -0.770  1.00 37.69 ? 607 SER A CB  1 
ATOM   104  O OG  . SER A 1 16  ? -8.930  -3.097  -1.658  1.00 36.90 ? 607 SER A OG  1 
ATOM   105  N N   . LEU A 1 17  ? -11.423 -4.181  -3.391  1.00 37.64 ? 608 LEU A N   1 
ATOM   106  C CA  . LEU A 1 17  ? -11.575 -4.185  -4.845  1.00 35.98 ? 608 LEU A CA  1 
ATOM   107  C C   . LEU A 1 17  ? -12.906 -4.804  -5.263  1.00 36.41 ? 608 LEU A C   1 
ATOM   108  O O   . LEU A 1 17  ? -13.174 -4.968  -6.456  1.00 36.76 ? 608 LEU A O   1 
ATOM   109  C CB  . LEU A 1 17  ? -10.452 -5.007  -5.484  1.00 35.81 ? 608 LEU A CB  1 
ATOM   110  C CG  . LEU A 1 17  ? -8.993  -4.736  -5.105  1.00 36.20 ? 608 LEU A CG  1 
ATOM   111  C CD1 . LEU A 1 17  ? -8.114  -5.805  -5.749  1.00 38.60 ? 608 LEU A CD1 1 
ATOM   112  C CD2 . LEU A 1 17  ? -8.577  -3.357  -5.558  1.00 36.10 ? 608 LEU A CD2 1 
ATOM   113  N N   . ARG A 1 18  ? -13.724 -5.159  -4.277  1.00 35.64 ? 609 ARG A N   1 
ATOM   114  C CA  . ARG A 1 18  ? -15.003 -5.799  -4.525  1.00 38.88 ? 609 ARG A CA  1 
ATOM   115  C C   . ARG A 1 18  ? -14.792 -7.141  -5.219  1.00 38.66 ? 609 ARG A C   1 
ATOM   116  O O   . ARG A 1 18  ? -15.525 -7.507  -6.143  1.00 38.33 ? 609 ARG A O   1 
ATOM   117  C CB  . ARG A 1 18  ? -15.913 -4.896  -5.366  1.00 41.33 ? 609 ARG A CB  1 
ATOM   118  C CG  . ARG A 1 18  ? -16.423 -3.676  -4.603  1.00 48.24 ? 609 ARG A CG  1 
ATOM   119  C CD  . ARG A 1 18  ? -17.676 -3.101  -5.256  1.00 53.56 ? 609 ARG A CD  1 
ATOM   120  N NE  . ARG A 1 18  ? -18.730 -4.109  -5.389  1.00 59.25 ? 609 ARG A NE  1 
ATOM   121  C CZ  . ARG A 1 18  ? -19.305 -4.739  -4.367  1.00 61.34 ? 609 ARG A CZ  1 
ATOM   122  N NH1 . ARG A 1 18  ? -18.939 -4.472  -3.118  1.00 63.87 ? 609 ARG A NH1 1 
ATOM   123  N NH2 . ARG A 1 18  ? -20.246 -5.648  -4.592  1.00 63.14 ? 609 ARG A NH2 1 
ATOM   124  N N   . LEU A 1 19  ? -13.784 -7.874  -4.756  1.00 36.51 ? 610 LEU A N   1 
ATOM   125  C CA  . LEU A 1 19  ? -13.457 -9.179  -5.320  1.00 36.70 ? 610 LEU A CA  1 
ATOM   126  C C   . LEU A 1 19  ? -13.275 -10.243 -4.242  1.00 35.56 ? 610 LEU A C   1 
ATOM   127  O O   . LEU A 1 19  ? -12.678 -11.293 -4.501  1.00 34.85 ? 610 LEU A O   1 
ATOM   128  C CB  . LEU A 1 19  ? -12.173 -9.084  -6.157  1.00 36.50 ? 610 LEU A CB  1 
ATOM   129  C CG  . LEU A 1 19  ? -12.276 -8.332  -7.485  1.00 38.34 ? 610 LEU A CG  1 
ATOM   130  C CD1 . LEU A 1 19  ? -10.880 -8.050  -8.035  1.00 36.66 ? 610 LEU A CD1 1 
ATOM   131  C CD2 . LEU A 1 19  ? -13.099 -9.168  -8.470  1.00 39.44 ? 610 LEU A CD2 1 
ATOM   132  N N   . HIS A 1 20  ? -13.793 -9.989  -3.043  1.00 34.69 ? 611 HIS A N   1 
ATOM   133  C CA  . HIS A 1 20  ? -13.645 -10.946 -1.956  1.00 34.76 ? 611 HIS A CA  1 
ATOM   134  C C   . HIS A 1 20  ? -14.339 -12.268 -2.264  1.00 33.01 ? 611 HIS A C   1 
ATOM   135  O O   . HIS A 1 20  ? -14.138 -13.263 -1.573  1.00 33.79 ? 611 HIS A O   1 
ATOM   136  C CB  . HIS A 1 20  ? -14.152 -10.352 -0.640  1.00 37.78 ? 611 HIS A CB  1 
ATOM   137  C CG  . HIS A 1 20  ? -13.783 -11.162 0.564   1.00 41.13 ? 611 HIS A CG  1 
ATOM   138  N ND1 . HIS A 1 20  ? -14.558 -12.202 1.030   1.00 43.06 ? 611 HIS A ND1 1 
ATOM   139  C CD2 . HIS A 1 20  ? -12.694 -11.116 1.368   1.00 43.09 ? 611 HIS A CD2 1 
ATOM   140  C CE1 . HIS A 1 20  ? -13.963 -12.761 2.067   1.00 44.09 ? 611 HIS A CE1 1 
ATOM   141  N NE2 . HIS A 1 20  ? -12.829 -12.122 2.293   1.00 43.33 ? 611 HIS A NE2 1 
ATOM   142  N N   . LYS A 1 21  ? -15.154 -12.276 -3.311  1.00 33.05 ? 612 LYS A N   1 
ATOM   143  C CA  . LYS A 1 21  ? -15.830 -13.494 -3.740  1.00 31.51 ? 612 LYS A CA  1 
ATOM   144  C C   . LYS A 1 21  ? -14.760 -14.550 -4.051  1.00 31.80 ? 612 LYS A C   1 
ATOM   145  O O   . LYS A 1 21  ? -15.003 -15.753 -3.936  1.00 31.26 ? 612 LYS A O   1 
ATOM   146  C CB  . LYS A 1 21  ? -16.644 -13.196 -5.003  1.00 35.76 ? 612 LYS A CB  1 
ATOM   147  C CG  . LYS A 1 21  ? -17.106 -14.393 -5.779  1.00 36.10 ? 612 LYS A CG  1 
ATOM   148  C CD  . LYS A 1 21  ? -17.711 -13.939 -7.116  1.00 38.79 ? 612 LYS A CD  1 
ATOM   149  C CE  . LYS A 1 21  ? -18.126 -15.120 -7.973  1.00 38.81 ? 612 LYS A CE  1 
ATOM   150  N NZ  . LYS A 1 21  ? -18.754 -14.697 -9.261  1.00 37.97 ? 612 LYS A NZ  1 
ATOM   151  N N   . TYR A 1 22  ? -13.575 -14.088 -4.438  1.00 29.45 ? 613 TYR A N   1 
ATOM   152  C CA  . TYR A 1 22  ? -12.487 -14.996 -4.794  1.00 29.75 ? 613 TYR A CA  1 
ATOM   153  C C   . TYR A 1 22  ? -11.448 -15.253 -3.711  1.00 29.97 ? 613 TYR A C   1 
ATOM   154  O O   . TYR A 1 22  ? -10.354 -15.714 -4.009  1.00 28.31 ? 613 TYR A O   1 
ATOM   155  C CB  . TYR A 1 22  ? -11.795 -14.490 -6.057  1.00 29.47 ? 613 TYR A CB  1 
ATOM   156  C CG  . TYR A 1 22  ? -12.722 -14.492 -7.257  1.00 33.05 ? 613 TYR A CG  1 
ATOM   157  C CD1 . TYR A 1 22  ? -13.363 -13.322 -7.686  1.00 33.34 ? 613 TYR A CD1 1 
ATOM   158  C CD2 . TYR A 1 22  ? -13.016 -15.678 -7.911  1.00 31.43 ? 613 TYR A CD2 1 
ATOM   159  C CE1 . TYR A 1 22  ? -14.281 -13.347 -8.747  1.00 33.22 ? 613 TYR A CE1 1 
ATOM   160  C CE2 . TYR A 1 22  ? -13.933 -15.720 -8.964  1.00 34.57 ? 613 TYR A CE2 1 
ATOM   161  C CZ  . TYR A 1 22  ? -14.560 -14.556 -9.377  1.00 35.07 ? 613 TYR A CZ  1 
ATOM   162  O OH  . TYR A 1 22  ? -15.466 -14.622 -10.417 1.00 34.63 ? 613 TYR A OH  1 
ATOM   163  N N   . ILE A 1 23  ? -11.789 -14.984 -2.455  1.00 31.47 ? 614 ILE A N   1 
ATOM   164  C CA  . ILE A 1 23  ? -10.841 -15.210 -1.359  1.00 33.48 ? 614 ILE A CA  1 
ATOM   165  C C   . ILE A 1 23  ? -10.261 -16.634 -1.338  1.00 34.53 ? 614 ILE A C   1 
ATOM   166  O O   . ILE A 1 23  ? -9.063  -16.824 -1.095  1.00 32.66 ? 614 ILE A O   1 
ATOM   167  C CB  . ILE A 1 23  ? -11.508 -14.921 0.023   1.00 34.65 ? 614 ILE A CB  1 
ATOM   168  C CG1 . ILE A 1 23  ? -10.490 -15.084 1.153   1.00 36.72 ? 614 ILE A CG1 1 
ATOM   169  C CG2 . ILE A 1 23  ? -12.656 -15.881 0.258   1.00 35.58 ? 614 ILE A CG2 1 
ATOM   170  C CD1 . ILE A 1 23  ? -9.366  -14.066 1.128   1.00 37.10 ? 614 ILE A CD1 1 
ATOM   171  N N   . GLU A 1 24  ? -11.094 -17.641 -1.596  1.00 35.91 ? 615 GLU A N   1 
ATOM   172  C CA  . GLU A 1 24  ? -10.624 -19.028 -1.567  1.00 35.82 ? 615 GLU A CA  1 
ATOM   173  C C   . GLU A 1 24  ? -9.563  -19.384 -2.600  1.00 36.17 ? 615 GLU A C   1 
ATOM   174  O O   . GLU A 1 24  ? -8.794  -20.328 -2.407  1.00 34.76 ? 615 GLU A O   1 
ATOM   175  C CB  . GLU A 1 24  ? -11.801 -19.991 -1.715  1.00 40.35 ? 615 GLU A CB  1 
ATOM   176  C CG  . GLU A 1 24  ? -12.752 -19.993 -0.526  1.00 45.35 ? 615 GLU A CG  1 
ATOM   177  C CD  . GLU A 1 24  ? -12.051 -20.301 0.778   1.00 47.91 ? 615 GLU A CD  1 
ATOM   178  O OE1 . GLU A 1 24  ? -11.292 -21.289 0.832   1.00 51.73 ? 615 GLU A OE1 1 
ATOM   179  O OE2 . GLU A 1 24  ? -12.263 -19.556 1.758   1.00 53.78 ? 615 GLU A OE2 1 
ATOM   180  N N   . LEU A 1 25  ? -9.520  -18.635 -3.695  1.00 34.77 ? 616 LEU A N   1 
ATOM   181  C CA  . LEU A 1 25  ? -8.542  -18.887 -4.739  1.00 33.37 ? 616 LEU A CA  1 
ATOM   182  C C   . LEU A 1 25  ? -7.118  -18.767 -4.202  1.00 34.08 ? 616 LEU A C   1 
ATOM   183  O O   . LEU A 1 25  ? -6.211  -19.451 -4.689  1.00 33.71 ? 616 LEU A O   1 
ATOM   184  C CB  . LEU A 1 25  ? -8.728  -17.896 -5.889  1.00 35.23 ? 616 LEU A CB  1 
ATOM   185  C CG  . LEU A 1 25  ? -7.590  -17.856 -6.911  1.00 34.60 ? 616 LEU A CG  1 
ATOM   186  C CD1 . LEU A 1 25  ? -7.418  -19.238 -7.530  1.00 37.86 ? 616 LEU A CD1 1 
ATOM   187  C CD2 . LEU A 1 25  ? -7.894  -16.824 -7.969  1.00 40.96 ? 616 LEU A CD2 1 
ATOM   188  N N   . PHE A 1 26  ? -6.937  -17.912 -3.195  1.00 34.70 ? 617 PHE A N   1 
ATOM   189  C CA  . PHE A 1 26  ? -5.619  -17.658 -2.598  1.00 35.61 ? 617 PHE A CA  1 
ATOM   190  C C   . PHE A 1 26  ? -5.217  -18.568 -1.429  1.00 38.30 ? 617 PHE A C   1 
ATOM   191  O O   . PHE A 1 26  ? -4.109  -18.455 -0.904  1.00 36.33 ? 617 PHE A O   1 
ATOM   192  C CB  . PHE A 1 26  ? -5.540  -16.189 -2.154  1.00 33.34 ? 617 PHE A CB  1 
ATOM   193  C CG  . PHE A 1 26  ? -5.748  -15.210 -3.273  1.00 33.05 ? 617 PHE A CG  1 
ATOM   194  C CD1 . PHE A 1 26  ? -7.034  -14.950 -3.763  1.00 32.08 ? 617 PHE A CD1 1 
ATOM   195  C CD2 . PHE A 1 26  ? -4.658  -14.593 -3.883  1.00 31.75 ? 617 PHE A CD2 1 
ATOM   196  C CE1 . PHE A 1 26  ? -7.227  -14.094 -4.844  1.00 31.50 ? 617 PHE A CE1 1 
ATOM   197  C CE2 . PHE A 1 26  ? -4.838  -13.729 -4.976  1.00 32.19 ? 617 PHE A CE2 1 
ATOM   198  C CZ  . PHE A 1 26  ? -6.121  -13.480 -5.456  1.00 32.77 ? 617 PHE A CZ  1 
ATOM   199  N N   . LYS A 1 27  ? -6.113  -19.478 -1.050  1.00 40.72 ? 618 LYS A N   1 
ATOM   200  C CA  . LYS A 1 27  ? -5.918  -20.419 0.060   1.00 44.45 ? 618 LYS A CA  1 
ATOM   201  C C   . LYS A 1 27  ? -4.491  -20.698 0.545   1.00 46.30 ? 618 LYS A C   1 
ATOM   202  O O   . LYS A 1 27  ? -4.091  -20.256 1.629   1.00 48.89 ? 618 LYS A O   1 
ATOM   203  C CB  . LYS A 1 27  ? -6.603  -21.753 -0.271  1.00 46.50 ? 618 LYS A CB  1 
ATOM   204  C CG  . LYS A 1 27  ? -6.484  -22.813 0.819   1.00 49.53 ? 618 LYS A CG  1 
ATOM   205  C CD  . LYS A 1 27  ? -6.973  -22.316 2.184   1.00 52.06 ? 618 LYS A CD  1 
ATOM   206  C CE  . LYS A 1 27  ? -8.456  -21.947 2.175   1.00 54.23 ? 618 LYS A CE  1 
ATOM   207  N NZ  . LYS A 1 27  ? -8.733  -20.714 1.372   1.00 56.83 ? 618 LYS A NZ  1 
ATOM   208  N N   . ASN A 1 28  ? -3.726  -21.453 -0.226  1.00 46.38 ? 619 ASN A N   1 
ATOM   209  C CA  . ASN A 1 28  ? -2.358  -21.745 0.197   1.00 46.28 ? 619 ASN A CA  1 
ATOM   210  C C   . ASN A 1 28  ? -1.356  -21.116 -0.753  1.00 44.46 ? 619 ASN A C   1 
ATOM   211  O O   . ASN A 1 28  ? -0.214  -21.571 -0.859  1.00 45.17 ? 619 ASN A O   1 
ATOM   212  C CB  . ASN A 1 28  ? -2.125  -23.251 0.251   1.00 47.76 ? 619 ASN A CB  1 
ATOM   213  C CG  . ASN A 1 28  ? -2.896  -23.914 1.367   1.00 50.13 ? 619 ASN A CG  1 
ATOM   214  O OD1 . ASN A 1 28  ? -2.798  -23.509 2.530   1.00 49.78 ? 619 ASN A OD1 1 
ATOM   215  N ND2 . ASN A 1 28  ? -3.668  -24.942 1.024   1.00 50.06 ? 619 ASN A ND2 1 
ATOM   216  N N   . MET A 1 29  ? -1.794  -20.065 -1.436  1.00 40.30 ? 620 MET A N   1 
ATOM   217  C CA  . MET A 1 29  ? -0.948  -19.376 -2.398  1.00 37.14 ? 620 MET A CA  1 
ATOM   218  C C   . MET A 1 29  ? 0.120   -18.563 -1.690  1.00 33.99 ? 620 MET A C   1 
ATOM   219  O O   . MET A 1 29  ? -0.149  -17.917 -0.676  1.00 34.06 ? 620 MET A O   1 
ATOM   220  C CB  . MET A 1 29  ? -1.798  -18.443 -3.273  1.00 32.71 ? 620 MET A CB  1 
ATOM   221  C CG  . MET A 1 29  ? -1.087  -17.936 -4.523  1.00 32.13 ? 620 MET A CG  1 
ATOM   222  S SD  . MET A 1 29  ? -2.210  -17.047 -5.637  1.00 20.52 ? 620 MET A SD  1 
ATOM   223  C CE  . MET A 1 29  ? -3.241  -18.247 -6.059  1.00 23.26 ? 620 MET A CE  1 
ATOM   224  N N   . THR A 1 30  ? 1.336   -18.605 -2.222  1.00 31.36 ? 621 THR A N   1 
ATOM   225  C CA  . THR A 1 30  ? 2.421   -17.826 -1.644  1.00 32.16 ? 621 THR A CA  1 
ATOM   226  C C   . THR A 1 30  ? 2.413   -16.466 -2.319  1.00 30.99 ? 621 THR A C   1 
ATOM   227  O O   . THR A 1 30  ? 1.807   -16.280 -3.382  1.00 30.38 ? 621 THR A O   1 
ATOM   228  C CB  . THR A 1 30  ? 3.790   -18.453 -1.904  1.00 33.09 ? 621 THR A CB  1 
ATOM   229  O OG1 . THR A 1 30  ? 4.091   -18.369 -3.306  1.00 31.07 ? 621 THR A OG1 1 
ATOM   230  C CG2 . THR A 1 30  ? 3.796   -19.899 -1.457  1.00 34.51 ? 621 THR A CG2 1 
ATOM   231  N N   . TYR A 1 31  ? 3.109   -15.523 -1.703  1.00 28.64 ? 622 TYR A N   1 
ATOM   232  C CA  . TYR A 1 31  ? 3.203   -14.181 -2.224  1.00 27.53 ? 622 TYR A CA  1 
ATOM   233  C C   . TYR A 1 31  ? 3.760   -14.198 -3.657  1.00 27.58 ? 622 TYR A C   1 
ATOM   234  O O   . TYR A 1 31  ? 3.202   -13.570 -4.559  1.00 28.87 ? 622 TYR A O   1 
ATOM   235  C CB  . TYR A 1 31  ? 4.094   -13.366 -1.300  1.00 25.64 ? 622 TYR A CB  1 
ATOM   236  C CG  . TYR A 1 31  ? 4.320   -11.955 -1.750  1.00 26.83 ? 622 TYR A CG  1 
ATOM   237  C CD1 . TYR A 1 31  ? 3.474   -10.924 -1.340  1.00 27.22 ? 622 TYR A CD1 1 
ATOM   238  C CD2 . TYR A 1 31  ? 5.396   -11.641 -2.567  1.00 26.40 ? 622 TYR A CD2 1 
ATOM   239  C CE1 . TYR A 1 31  ? 3.710   -9.615  -1.731  1.00 26.14 ? 622 TYR A CE1 1 
ATOM   240  C CE2 . TYR A 1 31  ? 5.639   -10.337 -2.965  1.00 26.51 ? 622 TYR A CE2 1 
ATOM   241  C CZ  . TYR A 1 31  ? 4.799   -9.330  -2.544  1.00 28.96 ? 622 TYR A CZ  1 
ATOM   242  O OH  . TYR A 1 31  ? 5.067   -8.036  -2.915  1.00 30.64 ? 622 TYR A OH  1 
ATOM   243  N N   . GLU A 1 32  ? 4.836   -14.942 -3.883  1.00 27.19 ? 623 GLU A N   1 
ATOM   244  C CA  . GLU A 1 32  ? 5.417   -14.980 -5.225  1.00 30.50 ? 623 GLU A CA  1 
ATOM   245  C C   . GLU A 1 32  ? 4.449   -15.552 -6.261  1.00 29.82 ? 623 GLU A C   1 
ATOM   246  O O   . GLU A 1 32  ? 4.419   -15.105 -7.401  1.00 30.84 ? 623 GLU A O   1 
ATOM   247  C CB  . GLU A 1 32  ? 6.721   -15.792 -5.225  1.00 32.21 ? 623 GLU A CB  1 
ATOM   248  C CG  . GLU A 1 32  ? 7.883   -15.159 -4.454  1.00 37.09 ? 623 GLU A CG  1 
ATOM   249  C CD  . GLU A 1 32  ? 7.645   -15.054 -2.947  1.00 40.53 ? 623 GLU A CD  1 
ATOM   250  O OE1 . GLU A 1 32  ? 7.064   -15.989 -2.351  1.00 41.04 ? 623 GLU A OE1 1 
ATOM   251  O OE2 . GLU A 1 32  ? 8.061   -14.037 -2.350  1.00 42.45 ? 623 GLU A OE2 1 
ATOM   252  N N   . GLU A 1 33  ? 3.664   -16.548 -5.871  1.00 31.40 ? 624 GLU A N   1 
ATOM   253  C CA  . GLU A 1 33  ? 2.704   -17.143 -6.798  1.00 32.30 ? 624 GLU A CA  1 
ATOM   254  C C   . GLU A 1 33  ? 1.630   -16.134 -7.180  1.00 32.32 ? 624 GLU A C   1 
ATOM   255  O O   . GLU A 1 33  ? 1.206   -16.081 -8.342  1.00 31.54 ? 624 GLU A O   1 
ATOM   256  C CB  . GLU A 1 33  ? 2.061   -18.384 -6.176  1.00 35.03 ? 624 GLU A CB  1 
ATOM   257  C CG  . GLU A 1 33  ? 3.027   -19.567 -6.051  1.00 39.76 ? 624 GLU A CG  1 
ATOM   258  C CD  . GLU A 1 33  ? 2.357   -20.799 -5.476  1.00 41.42 ? 624 GLU A CD  1 
ATOM   259  O OE1 . GLU A 1 33  ? 1.830   -20.726 -4.340  1.00 38.60 ? 624 GLU A OE1 1 
ATOM   260  O OE2 . GLU A 1 33  ? 2.358   -21.841 -6.164  1.00 46.38 ? 624 GLU A OE2 1 
ATOM   261  N N   . MET A 1 34  ? 1.188   -15.341 -6.204  1.00 29.59 ? 625 MET A N   1 
ATOM   262  C CA  . MET A 1 34  ? 0.175   -14.313 -6.453  1.00 31.31 ? 625 MET A CA  1 
ATOM   263  C C   . MET A 1 34  ? 0.645   -13.398 -7.574  1.00 32.13 ? 625 MET A C   1 
ATOM   264  O O   . MET A 1 34  ? -0.137  -13.042 -8.456  1.00 32.74 ? 625 MET A O   1 
ATOM   265  C CB  . MET A 1 34  ? -0.094  -13.471 -5.181  1.00 28.05 ? 625 MET A CB  1 
ATOM   266  C CG  . MET A 1 34  ? -0.842  -12.107 -5.423  1.00 29.81 ? 625 MET A CG  1 
ATOM   267  S SD  . MET A 1 34  ? -1.180  -11.137 -3.925  1.00 21.11 ? 625 MET A SD  1 
ATOM   268  C CE  . MET A 1 34  ? 0.440   -10.487 -3.573  1.00 32.25 ? 625 MET A CE  1 
ATOM   269  N N   . LEU A 1 35  ? 1.923   -13.027 -7.544  1.00 33.20 ? 626 LEU A N   1 
ATOM   270  C CA  . LEU A 1 35  ? 2.481   -12.130 -8.556  1.00 35.31 ? 626 LEU A CA  1 
ATOM   271  C C   . LEU A 1 35  ? 2.636   -12.762 -9.935  1.00 37.32 ? 626 LEU A C   1 
ATOM   272  O O   . LEU A 1 35  ? 2.950   -12.073 -10.900 1.00 38.01 ? 626 LEU A O   1 
ATOM   273  C CB  . LEU A 1 35  ? 3.828   -11.560 -8.090  1.00 36.23 ? 626 LEU A CB  1 
ATOM   274  C CG  . LEU A 1 35  ? 3.754   -10.697 -6.826  1.00 35.35 ? 626 LEU A CG  1 
ATOM   275  C CD1 . LEU A 1 35  ? 5.135   -10.145 -6.495  1.00 38.43 ? 626 LEU A CD1 1 
ATOM   276  C CD2 . LEU A 1 35  ? 2.761   -9.559  -7.028  1.00 38.71 ? 626 LEU A CD2 1 
ATOM   277  N N   . LEU A 1 36  ? 2.405   -14.071 -10.028 1.00 38.66 ? 627 LEU A N   1 
ATOM   278  C CA  . LEU A 1 36  ? 2.507   -14.776 -11.304 1.00 39.44 ? 627 LEU A CA  1 
ATOM   279  C C   . LEU A 1 36  ? 1.142   -14.912 -11.968 1.00 38.68 ? 627 LEU A C   1 
ATOM   280  O O   . LEU A 1 36  ? 1.031   -15.434 -13.077 1.00 41.23 ? 627 LEU A O   1 
ATOM   281  C CB  . LEU A 1 36  ? 3.106   -16.169 -11.095 1.00 40.11 ? 627 LEU A CB  1 
ATOM   282  C CG  . LEU A 1 36  ? 4.554   -16.185 -10.602 1.00 42.10 ? 627 LEU A CG  1 
ATOM   283  C CD1 . LEU A 1 36  ? 5.024   -17.623 -10.425 1.00 41.94 ? 627 LEU A CD1 1 
ATOM   284  C CD2 . LEU A 1 36  ? 5.434   -15.448 -11.596 1.00 43.07 ? 627 LEU A CD2 1 
ATOM   285  N N   . ILE A 1 37  ? 0.105   -14.433 -11.289 1.00 37.31 ? 628 ILE A N   1 
ATOM   286  C CA  . ILE A 1 37  ? -1.257  -14.515 -11.806 1.00 35.92 ? 628 ILE A CA  1 
ATOM   287  C C   . ILE A 1 37  ? -1.486  -13.707 -13.076 1.00 37.26 ? 628 ILE A C   1 
ATOM   288  O O   . ILE A 1 37  ? -1.113  -12.533 -13.156 1.00 36.55 ? 628 ILE A O   1 
ATOM   289  C CB  . ILE A 1 37  ? -2.272  -14.050 -10.741 1.00 35.76 ? 628 ILE A CB  1 
ATOM   290  C CG1 . ILE A 1 37  ? -2.362  -15.097 -9.628  1.00 33.65 ? 628 ILE A CG1 1 
ATOM   291  C CG2 . ILE A 1 37  ? -3.629  -13.801 -11.380 1.00 34.28 ? 628 ILE A CG2 1 
ATOM   292  C CD1 . ILE A 1 37  ? -3.216  -14.674 -8.445  1.00 32.21 ? 628 ILE A CD1 1 
ATOM   293  N N   . THR A 1 38  ? -2.108  -14.348 -14.062 1.00 36.36 ? 629 THR A N   1 
ATOM   294  C CA  . THR A 1 38  ? -2.432  -13.715 -15.339 1.00 38.00 ? 629 THR A CA  1 
ATOM   295  C C   . THR A 1 38  ? -3.925  -13.870 -15.602 1.00 39.23 ? 629 THR A C   1 
ATOM   296  O O   . THR A 1 38  ? -4.574  -14.751 -15.025 1.00 38.78 ? 629 THR A O   1 
ATOM   297  C CB  . THR A 1 38  ? -1.660  -14.367 -16.505 1.00 37.81 ? 629 THR A CB  1 
ATOM   298  O OG1 . THR A 1 38  ? -1.886  -15.782 -16.500 1.00 37.56 ? 629 THR A OG1 1 
ATOM   299  C CG2 . THR A 1 38  ? -0.174  -14.092 -16.382 1.00 36.50 ? 629 THR A CG2 1 
ATOM   300  N N   . GLU A 1 39  ? -4.472  -13.016 -16.466 1.00 39.89 ? 630 GLU A N   1 
ATOM   301  C CA  . GLU A 1 39  ? -5.895  -13.066 -16.791 1.00 41.39 ? 630 GLU A CA  1 
ATOM   302  C C   . GLU A 1 39  ? -6.262  -14.435 -17.345 1.00 40.46 ? 630 GLU A C   1 
ATOM   303  O O   . GLU A 1 39  ? -7.341  -14.968 -17.068 1.00 39.34 ? 630 GLU A O   1 
ATOM   304  C CB  . GLU A 1 39  ? -6.247  -11.977 -17.818 1.00 42.60 ? 630 GLU A CB  1 
ATOM   305  C CG  . GLU A 1 39  ? -7.704  -11.977 -18.264 1.00 46.50 ? 630 GLU A CG  1 
ATOM   306  C CD  . GLU A 1 39  ? -8.031  -10.832 -19.220 1.00 48.35 ? 630 GLU A CD  1 
ATOM   307  O OE1 . GLU A 1 39  ? -7.181  -10.494 -20.067 1.00 50.70 ? 630 GLU A OE1 1 
ATOM   308  O OE2 . GLU A 1 39  ? -9.144  -10.279 -19.135 1.00 48.65 ? 630 GLU A OE2 1 
ATOM   309  N N   . ASP A 1 40  ? -5.340  -15.001 -18.116 1.00 41.07 ? 631 ASP A N   1 
ATOM   310  C CA  . ASP A 1 40  ? -5.520  -16.301 -18.747 1.00 41.14 ? 631 ASP A CA  1 
ATOM   311  C C   . ASP A 1 40  ? -5.650  -17.408 -17.698 1.00 40.12 ? 631 ASP A C   1 
ATOM   312  O O   . ASP A 1 40  ? -6.503  -18.285 -17.805 1.00 37.31 ? 631 ASP A O   1 
ATOM   313  C CB  . ASP A 1 40  ? -4.336  -16.553 -19.678 1.00 46.84 ? 631 ASP A CB  1 
ATOM   314  C CG  . ASP A 1 40  ? -4.548  -17.728 -20.593 1.00 50.14 ? 631 ASP A CG  1 
ATOM   315  O OD1 . ASP A 1 40  ? -5.701  -17.962 -21.019 1.00 53.05 ? 631 ASP A OD1 1 
ATOM   316  O OD2 . ASP A 1 40  ? -3.550  -18.410 -20.905 1.00 55.28 ? 631 ASP A OD2 1 
ATOM   317  N N   . PHE A 1 41  ? -4.799  -17.353 -16.676 1.00 38.55 ? 632 PHE A N   1 
ATOM   318  C CA  . PHE A 1 41  ? -4.835  -18.330 -15.598 1.00 36.25 ? 632 PHE A CA  1 
ATOM   319  C C   . PHE A 1 41  ? -6.167  -18.254 -14.853 1.00 34.08 ? 632 PHE A C   1 
ATOM   320  O O   . PHE A 1 41  ? -6.779  -19.277 -14.547 1.00 32.13 ? 632 PHE A O   1 
ATOM   321  C CB  . PHE A 1 41  ? -3.691  -18.065 -14.606 1.00 34.42 ? 632 PHE A CB  1 
ATOM   322  C CG  . PHE A 1 41  ? -3.920  -18.665 -13.241 1.00 35.11 ? 632 PHE A CG  1 
ATOM   323  C CD1 . PHE A 1 41  ? -3.830  -20.040 -13.040 1.00 34.27 ? 632 PHE A CD1 1 
ATOM   324  C CD2 . PHE A 1 41  ? -4.279  -17.851 -12.165 1.00 34.35 ? 632 PHE A CD2 1 
ATOM   325  C CE1 . PHE A 1 41  ? -4.099  -20.596 -11.795 1.00 33.13 ? 632 PHE A CE1 1 
ATOM   326  C CE2 . PHE A 1 41  ? -4.549  -18.395 -10.915 1.00 34.10 ? 632 PHE A CE2 1 
ATOM   327  C CZ  . PHE A 1 41  ? -4.461  -19.772 -10.724 1.00 32.88 ? 632 PHE A CZ  1 
ATOM   328  N N   . LEU A 1 42  ? -6.604  -17.038 -14.548 1.00 32.31 ? 633 LEU A N   1 
ATOM   329  C CA  . LEU A 1 42  ? -7.847  -16.850 -13.815 1.00 32.20 ? 633 LEU A CA  1 
ATOM   330  C C   . LEU A 1 42  ? -9.053  -17.401 -14.572 1.00 34.01 ? 633 LEU A C   1 
ATOM   331  O O   . LEU A 1 42  ? -9.895  -18.099 -13.996 1.00 31.83 ? 633 LEU A O   1 
ATOM   332  C CB  . LEU A 1 42  ? -8.051  -15.364 -13.500 1.00 31.69 ? 633 LEU A CB  1 
ATOM   333  C CG  . LEU A 1 42  ? -6.997  -14.767 -12.563 1.00 32.37 ? 633 LEU A CG  1 
ATOM   334  C CD1 . LEU A 1 42  ? -7.167  -13.252 -12.502 1.00 31.55 ? 633 LEU A CD1 1 
ATOM   335  C CD2 . LEU A 1 42  ? -7.131  -15.401 -11.163 1.00 33.12 ? 633 LEU A CD2 1 
ATOM   336  N N   . GLN A 1 43  ? -9.137  -17.093 -15.864 1.00 35.50 ? 634 GLN A N   1 
ATOM   337  C CA  . GLN A 1 43  ? -10.251 -17.583 -16.667 1.00 38.01 ? 634 GLN A CA  1 
ATOM   338  C C   . GLN A 1 43  ? -10.261 -19.106 -16.652 1.00 38.77 ? 634 GLN A C   1 
ATOM   339  O O   . GLN A 1 43  ? -11.322 -19.731 -16.621 1.00 40.27 ? 634 GLN A O   1 
ATOM   340  C CB  . GLN A 1 43  ? -10.135 -17.092 -18.115 1.00 41.03 ? 634 GLN A CB  1 
ATOM   341  C CG  . GLN A 1 43  ? -10.432 -15.624 -18.320 1.00 45.56 ? 634 GLN A CG  1 
ATOM   342  C CD  . GLN A 1 43  ? -10.469 -15.250 -19.796 1.00 49.01 ? 634 GLN A CD  1 
ATOM   343  O OE1 . GLN A 1 43  ? -11.279 -15.779 -20.557 1.00 51.87 ? 634 GLN A OE1 1 
ATOM   344  N NE2 . GLN A 1 43  ? -9.590  -14.342 -20.204 1.00 49.37 ? 634 GLN A NE2 1 
ATOM   345  N N   . SER A 1 44  ? -9.070  -19.700 -16.657 1.00 39.12 ? 635 SER A N   1 
ATOM   346  C CA  . SER A 1 44  ? -8.926  -21.153 -16.656 1.00 39.40 ? 635 SER A CA  1 
ATOM   347  C C   . SER A 1 44  ? -9.374  -21.848 -15.381 1.00 37.77 ? 635 SER A C   1 
ATOM   348  O O   . SER A 1 44  ? -9.726  -23.030 -15.415 1.00 37.37 ? 635 SER A O   1 
ATOM   349  C CB  . SER A 1 44  ? -7.478  -21.537 -16.943 1.00 40.51 ? 635 SER A CB  1 
ATOM   350  O OG  . SER A 1 44  ? -7.107  -21.147 -18.252 1.00 47.56 ? 635 SER A OG  1 
ATOM   351  N N   . VAL A 1 45  ? -9.359  -21.141 -14.256 1.00 36.78 ? 636 VAL A N   1 
ATOM   352  C CA  . VAL A 1 45  ? -9.784  -21.761 -13.006 1.00 34.39 ? 636 VAL A CA  1 
ATOM   353  C C   . VAL A 1 45  ? -11.160 -21.316 -12.512 1.00 35.67 ? 636 VAL A C   1 
ATOM   354  O O   . VAL A 1 45  ? -11.453 -21.379 -11.324 1.00 35.43 ? 636 VAL A O   1 
ATOM   355  C CB  . VAL A 1 45  ? -8.727  -21.563 -11.885 1.00 33.23 ? 636 VAL A CB  1 
ATOM   356  C CG1 . VAL A 1 45  ? -7.434  -22.287 -12.265 1.00 33.27 ? 636 VAL A CG1 1 
ATOM   357  C CG2 . VAL A 1 45  ? -8.445  -20.089 -11.676 1.00 33.34 ? 636 VAL A CG2 1 
ATOM   358  N N   . GLY A 1 46  ? -12.011 -20.858 -13.426 1.00 38.04 ? 637 GLY A N   1 
ATOM   359  C CA  . GLY A 1 46  ? -13.359 -20.489 -13.026 1.00 37.18 ? 637 GLY A CA  1 
ATOM   360  C C   . GLY A 1 46  ? -13.707 -19.051 -12.697 1.00 37.39 ? 637 GLY A C   1 
ATOM   361  O O   . GLY A 1 46  ? -14.849 -18.777 -12.323 1.00 37.93 ? 637 GLY A O   1 
ATOM   362  N N   . VAL A 1 47  ? -12.746 -18.139 -12.804 1.00 36.35 ? 638 VAL A N   1 
ATOM   363  C CA  . VAL A 1 47  ? -13.007 -16.725 -12.540 1.00 34.89 ? 638 VAL A CA  1 
ATOM   364  C C   . VAL A 1 47  ? -13.658 -16.124 -13.789 1.00 35.73 ? 638 VAL A C   1 
ATOM   365  O O   . VAL A 1 47  ? -13.224 -16.393 -14.904 1.00 34.85 ? 638 VAL A O   1 
ATOM   366  C CB  . VAL A 1 47  ? -11.694 -15.957 -12.244 1.00 35.45 ? 638 VAL A CB  1 
ATOM   367  C CG1 . VAL A 1 47  ? -11.995 -14.500 -11.945 1.00 34.21 ? 638 VAL A CG1 1 
ATOM   368  C CG2 . VAL A 1 47  ? -10.968 -16.594 -11.066 1.00 32.53 ? 638 VAL A CG2 1 
ATOM   369  N N   . THR A 1 48  ? -14.702 -15.321 -13.610 1.00 35.93 ? 639 THR A N   1 
ATOM   370  C CA  . THR A 1 48  ? -15.379 -14.710 -14.752 1.00 39.23 ? 639 THR A CA  1 
ATOM   371  C C   . THR A 1 48  ? -14.391 -13.868 -15.565 1.00 40.88 ? 639 THR A C   1 
ATOM   372  O O   . THR A 1 48  ? -13.405 -13.375 -15.032 1.00 41.23 ? 639 THR A O   1 
ATOM   373  C CB  . THR A 1 48  ? -16.529 -13.795 -14.300 1.00 37.00 ? 639 THR A CB  1 
ATOM   374  O OG1 . THR A 1 48  ? -15.986 -12.601 -13.718 1.00 38.98 ? 639 THR A OG1 1 
ATOM   375  C CG2 . THR A 1 48  ? -17.394 -14.503 -13.267 1.00 36.84 ? 639 THR A CG2 1 
ATOM   376  N N   . LYS A 1 49  ? -14.662 -13.696 -16.856 1.00 43.74 ? 640 LYS A N   1 
ATOM   377  C CA  . LYS A 1 49  ? -13.776 -12.916 -17.718 1.00 45.25 ? 640 LYS A CA  1 
ATOM   378  C C   . LYS A 1 49  ? -13.621 -11.495 -17.206 1.00 45.61 ? 640 LYS A C   1 
ATOM   379  O O   . LYS A 1 49  ? -12.558 -10.892 -17.344 1.00 46.57 ? 640 LYS A O   1 
ATOM   380  C CB  . LYS A 1 49  ? -14.314 -12.887 -19.152 1.00 48.68 ? 640 LYS A CB  1 
ATOM   381  C CG  . LYS A 1 49  ? -15.793 -12.570 -19.241 1.00 50.50 ? 640 LYS A CG  1 
ATOM   382  C CD  . LYS A 1 49  ? -16.592 -13.796 -19.692 1.00 53.27 ? 640 LYS A CD  1 
ATOM   383  C CE  . LYS A 1 49  ? -16.486 -14.948 -18.692 1.00 52.47 ? 640 LYS A CE  1 
ATOM   384  N NZ  . LYS A 1 49  ? -17.088 -14.585 -17.386 1.00 52.39 ? 640 LYS A NZ  1 
ATOM   385  N N   . GLY A 1 50  ? -14.682 -10.963 -16.613 1.00 44.53 ? 641 GLY A N   1 
ATOM   386  C CA  . GLY A 1 50  ? -14.623 -9.609  -16.090 1.00 44.82 ? 641 GLY A CA  1 
ATOM   387  C C   . GLY A 1 50  ? -13.690 -9.502  -14.896 1.00 44.37 ? 641 GLY A C   1 
ATOM   388  O O   . GLY A 1 50  ? -12.802 -8.649  -14.864 1.00 43.29 ? 641 GLY A O   1 
ATOM   389  N N   . ALA A 1 51  ? -13.896 -10.371 -13.911 1.00 43.64 ? 642 ALA A N   1 
ATOM   390  C CA  . ALA A 1 51  ? -13.065 -10.369 -12.713 1.00 41.33 ? 642 ALA A CA  1 
ATOM   391  C C   . ALA A 1 51  ? -11.641 -10.815 -13.045 1.00 40.96 ? 642 ALA A C   1 
ATOM   392  O O   . ALA A 1 51  ? -10.688 -10.383 -12.399 1.00 39.82 ? 642 ALA A O   1 
ATOM   393  C CB  . ALA A 1 51  ? -13.676 -11.275 -11.654 1.00 40.86 ? 642 ALA A CB  1 
ATOM   394  N N   . SER A 1 52  ? -11.494 -11.671 -14.053 1.00 39.16 ? 643 SER A N   1 
ATOM   395  C CA  . SER A 1 52  ? -10.165 -12.135 -14.449 1.00 40.24 ? 643 SER A CA  1 
ATOM   396  C C   . SER A 1 52  ? -9.366  -10.932 -14.923 1.00 41.21 ? 643 SER A C   1 
ATOM   397  O O   . SER A 1 52  ? -8.222  -10.724 -14.513 1.00 40.88 ? 643 SER A O   1 
ATOM   398  C CB  . SER A 1 52  ? -10.255 -13.166 -15.582 1.00 38.71 ? 643 SER A CB  1 
ATOM   399  O OG  . SER A 1 52  ? -10.805 -14.394 -15.130 1.00 38.88 ? 643 SER A OG  1 
ATOM   400  N N   . HIS A 1 53  ? -9.981  -10.132 -15.789 1.00 41.95 ? 644 HIS A N   1 
ATOM   401  C CA  . HIS A 1 53  ? -9.325  -8.944  -16.311 1.00 41.26 ? 644 HIS A CA  1 
ATOM   402  C C   . HIS A 1 53  ? -9.024  -7.940  -15.196 1.00 40.89 ? 644 HIS A C   1 
ATOM   403  O O   . HIS A 1 53  ? -7.912  -7.431  -15.096 1.00 41.09 ? 644 HIS A O   1 
ATOM   404  C CB  . HIS A 1 53  ? -10.201 -8.279  -17.381 1.00 45.35 ? 644 HIS A CB  1 
ATOM   405  C CG  . HIS A 1 53  ? -9.561  -7.086  -18.020 1.00 47.11 ? 644 HIS A CG  1 
ATOM   406  N ND1 . HIS A 1 53  ? -8.355  -7.157  -18.684 1.00 50.13 ? 644 HIS A ND1 1 
ATOM   407  C CD2 . HIS A 1 53  ? -9.945  -5.788  -18.072 1.00 49.05 ? 644 HIS A CD2 1 
ATOM   408  C CE1 . HIS A 1 53  ? -8.022  -5.952  -19.116 1.00 50.65 ? 644 HIS A CE1 1 
ATOM   409  N NE2 . HIS A 1 53  ? -8.970  -5.104  -18.758 1.00 50.61 ? 644 HIS A NE2 1 
ATOM   410  N N   . LYS A 1 54  ? -10.013 -7.665  -14.352 1.00 38.95 ? 645 LYS A N   1 
ATOM   411  C CA  . LYS A 1 54  ? -9.825  -6.711  -13.271 1.00 39.78 ? 645 LYS A CA  1 
ATOM   412  C C   . LYS A 1 54  ? -8.750  -7.142  -12.274 1.00 38.62 ? 645 LYS A C   1 
ATOM   413  O O   . LYS A 1 54  ? -7.885  -6.349  -11.909 1.00 36.71 ? 645 LYS A O   1 
ATOM   414  C CB  . LYS A 1 54  ? -11.138 -6.480  -12.528 1.00 39.00 ? 645 LYS A CB  1 
ATOM   415  C CG  . LYS A 1 54  ? -11.045 -5.400  -11.469 1.00 41.61 ? 645 LYS A CG  1 
ATOM   416  C CD  . LYS A 1 54  ? -12.357 -5.286  -10.714 1.00 43.72 ? 645 LYS A CD  1 
ATOM   417  C CE  . LYS A 1 54  ? -12.329 -4.140  -9.723  1.00 43.79 ? 645 LYS A CE  1 
ATOM   418  N NZ  . LYS A 1 54  ? -13.615 -4.047  -8.976  1.00 45.78 ? 645 LYS A NZ  1 
ATOM   419  N N   . LEU A 1 55  ? -8.803  -8.394  -11.835 1.00 37.24 ? 646 LEU A N   1 
ATOM   420  C CA  . LEU A 1 55  ? -7.813  -8.880  -10.881 1.00 36.06 ? 646 LEU A CA  1 
ATOM   421  C C   . LEU A 1 55  ? -6.428  -8.901  -11.519 1.00 36.55 ? 646 LEU A C   1 
ATOM   422  O O   . LEU A 1 55  ? -5.433  -8.573  -10.874 1.00 36.01 ? 646 LEU A O   1 
ATOM   423  C CB  . LEU A 1 55  ? -8.196  -10.278 -10.377 1.00 35.76 ? 646 LEU A CB  1 
ATOM   424  C CG  . LEU A 1 55  ? -7.299  -10.885 -9.291  1.00 34.33 ? 646 LEU A CG  1 
ATOM   425  C CD1 . LEU A 1 55  ? -7.105  -9.899  -8.148  1.00 32.35 ? 646 LEU A CD1 1 
ATOM   426  C CD2 . LEU A 1 55  ? -7.937  -12.169 -8.781  1.00 33.62 ? 646 LEU A CD2 1 
ATOM   427  N N   . ALA A 1 56  ? -6.359  -9.263  -12.796 1.00 36.45 ? 647 ALA A N   1 
ATOM   428  C CA  . ALA A 1 56  ? -5.072  -9.293  -13.476 1.00 38.37 ? 647 ALA A CA  1 
ATOM   429  C C   . ALA A 1 56  ? -4.496  -7.880  -13.502 1.00 37.25 ? 647 ALA A C   1 
ATOM   430  O O   . ALA A 1 56  ? -3.297  -7.689  -13.321 1.00 37.79 ? 647 ALA A O   1 
ATOM   431  C CB  . ALA A 1 56  ? -5.236  -9.829  -14.900 1.00 39.45 ? 647 ALA A CB  1 
ATOM   432  N N   . LEU A 1 57  ? -5.360  -6.895  -13.727 1.00 36.80 ? 648 LEU A N   1 
ATOM   433  C CA  . LEU A 1 57  ? -4.934  -5.497  -13.755 1.00 38.04 ? 648 LEU A CA  1 
ATOM   434  C C   . LEU A 1 57  ? -4.426  -5.068  -12.384 1.00 36.69 ? 648 LEU A C   1 
ATOM   435  O O   . LEU A 1 57  ? -3.426  -4.360  -12.277 1.00 37.13 ? 648 LEU A O   1 
ATOM   436  C CB  . LEU A 1 57  ? -6.095  -4.586  -14.157 1.00 40.62 ? 648 LEU A CB  1 
ATOM   437  C CG  . LEU A 1 57  ? -6.575  -4.650  -15.606 1.00 44.54 ? 648 LEU A CG  1 
ATOM   438  C CD1 . LEU A 1 57  ? -7.709  -3.648  -15.800 1.00 45.52 ? 648 LEU A CD1 1 
ATOM   439  C CD2 . LEU A 1 57  ? -5.413  -4.340  -16.546 1.00 43.61 ? 648 LEU A CD2 1 
ATOM   440  N N   . CYS A 1 58  ? -5.124  -5.498  -11.339 1.00 34.91 ? 649 CYS A N   1 
ATOM   441  C CA  . CYS A 1 58  ? -4.733  -5.152  -9.976  1.00 34.85 ? 649 CYS A CA  1 
ATOM   442  C C   . CYS A 1 58  ? -3.391  -5.779  -9.625  1.00 32.81 ? 649 CYS A C   1 
ATOM   443  O O   . CYS A 1 58  ? -2.562  -5.149  -8.970  1.00 32.68 ? 649 CYS A O   1 
ATOM   444  C CB  . CYS A 1 58  ? -5.808  -5.605  -8.981  1.00 34.58 ? 649 CYS A CB  1 
ATOM   445  S SG  . CYS A 1 58  ? -7.356  -4.688  -9.117  1.00 41.28 ? 649 CYS A SG  1 
ATOM   446  N N   . ILE A 1 59  ? -3.180  -7.021  -10.061 1.00 32.05 ? 650 ILE A N   1 
ATOM   447  C CA  . ILE A 1 59  ? -1.921  -7.716  -9.803  1.00 32.89 ? 650 ILE A CA  1 
ATOM   448  C C   . ILE A 1 59  ? -0.800  -6.979  -10.539 1.00 34.11 ? 650 ILE A C   1 
ATOM   449  O O   . ILE A 1 59  ? 0.312   -6.824  -10.023 1.00 31.22 ? 650 ILE A O   1 
ATOM   450  C CB  . ILE A 1 59  ? -2.000  -9.191  -10.287 1.00 32.53 ? 650 ILE A CB  1 
ATOM   451  C CG1 . ILE A 1 59  ? -3.009  -9.969  -9.435  1.00 34.27 ? 650 ILE A CG1 1 
ATOM   452  C CG2 . ILE A 1 59  ? -0.629  -9.848  -10.228 1.00 30.90 ? 650 ILE A CG2 1 
ATOM   453  C CD1 . ILE A 1 59  ? -2.542  -10.273 -8.015  1.00 35.74 ? 650 ILE A CD1 1 
ATOM   454  N N   . ASP A 1 60  ? -1.096  -6.516  -11.751 1.00 36.31 ? 651 ASP A N   1 
ATOM   455  C CA  . ASP A 1 60  ? -0.100  -5.777  -12.514 1.00 38.77 ? 651 ASP A CA  1 
ATOM   456  C C   . ASP A 1 60  ? 0.255   -4.506  -11.755 1.00 38.75 ? 651 ASP A C   1 
ATOM   457  O O   . ASP A 1 60  ? 1.427   -4.137  -11.665 1.00 40.78 ? 651 ASP A O   1 
ATOM   458  C CB  . ASP A 1 60  ? -0.627  -5.427  -13.909 1.00 43.26 ? 651 ASP A CB  1 
ATOM   459  C CG  . ASP A 1 60  ? -0.788  -6.648  -14.787 1.00 47.32 ? 651 ASP A CG  1 
ATOM   460  O OD1 . ASP A 1 60  ? 0.183   -7.425  -14.893 1.00 50.96 ? 651 ASP A OD1 1 
ATOM   461  O OD2 . ASP A 1 60  ? -1.879  -6.832  -15.367 1.00 51.36 ? 651 ASP A OD2 1 
ATOM   462  N N   . LYS A 1 61  ? -0.752  -3.846  -11.187 1.00 37.79 ? 652 LYS A N   1 
ATOM   463  C CA  . LYS A 1 61  ? -0.496  -2.626  -10.434 1.00 38.31 ? 652 LYS A CA  1 
ATOM   464  C C   . LYS A 1 61  ? 0.335   -2.938  -9.196  1.00 36.94 ? 652 LYS A C   1 
ATOM   465  O O   . LYS A 1 61  ? 1.110   -2.103  -8.739  1.00 36.01 ? 652 LYS A O   1 
ATOM   466  C CB  . LYS A 1 61  ? -1.809  -1.941  -10.031 1.00 41.05 ? 652 LYS A CB  1 
ATOM   467  C CG  . LYS A 1 61  ? -2.568  -1.376  -11.217 1.00 43.07 ? 652 LYS A CG  1 
ATOM   468  C CD  . LYS A 1 61  ? -3.709  -0.463  -10.793 1.00 47.03 ? 652 LYS A CD  1 
ATOM   469  C CE  . LYS A 1 61  ? -4.438  0.075   -12.014 1.00 48.71 ? 652 LYS A CE  1 
ATOM   470  N NZ  . LYS A 1 61  ? -5.522  1.020   -11.639 1.00 52.85 ? 652 LYS A NZ  1 
ATOM   471  N N   . LEU A 1 62  ? 0.169   -4.141  -8.650  1.00 35.88 ? 653 LEU A N   1 
ATOM   472  C CA  . LEU A 1 62  ? 0.950   -4.537  -7.484  1.00 34.54 ? 653 LEU A CA  1 
ATOM   473  C C   . LEU A 1 62  ? 2.414   -4.521  -7.886  1.00 34.82 ? 653 LEU A C   1 
ATOM   474  O O   . LEU A 1 62  ? 3.278   -4.061  -7.135  1.00 34.62 ? 653 LEU A O   1 
ATOM   475  C CB  . LEU A 1 62  ? 0.573   -5.951  -7.013  1.00 33.58 ? 653 LEU A CB  1 
ATOM   476  C CG  . LEU A 1 62  ? -0.744  -6.126  -6.253  1.00 33.75 ? 653 LEU A CG  1 
ATOM   477  C CD1 . LEU A 1 62  ? -0.827  -7.558  -5.677  1.00 32.60 ? 653 LEU A CD1 1 
ATOM   478  C CD2 . LEU A 1 62  ? -0.810  -5.097  -5.119  1.00 32.87 ? 653 LEU A CD2 1 
ATOM   479  N N   . LYS A 1 63  ? 2.691   -5.007  -9.091  1.00 36.05 ? 654 LYS A N   1 
ATOM   480  C CA  . LYS A 1 63  ? 4.065   -5.062  -9.576  1.00 37.49 ? 654 LYS A CA  1 
ATOM   481  C C   . LYS A 1 63  ? 4.671   -3.682  -9.782  1.00 35.90 ? 654 LYS A C   1 
ATOM   482  O O   . LYS A 1 63  ? 5.890   -3.536  -9.782  1.00 38.79 ? 654 LYS A O   1 
ATOM   483  C CB  . LYS A 1 63  ? 4.148   -5.853  -10.886 1.00 39.05 ? 654 LYS A CB  1 
ATOM   484  C CG  . LYS A 1 63  ? 3.664   -7.294  -10.808 1.00 41.71 ? 654 LYS A CG  1 
ATOM   485  C CD  . LYS A 1 63  ? 3.957   -8.013  -12.121 1.00 46.07 ? 654 LYS A CD  1 
ATOM   486  C CE  . LYS A 1 63  ? 3.032   -9.192  -12.355 1.00 48.91 ? 654 LYS A CE  1 
ATOM   487  N NZ  . LYS A 1 63  ? 1.638   -8.755  -12.688 1.00 51.53 ? 654 LYS A NZ  1 
ATOM   488  N N   . GLU A 1 64  ? 3.827   -2.668  -9.941  1.00 36.93 ? 655 GLU A N   1 
ATOM   489  C CA  . GLU A 1 64  ? 4.311   -1.303  -10.145 1.00 35.96 ? 655 GLU A CA  1 
ATOM   490  C C   . GLU A 1 64  ? 4.527   -0.513  -8.854  1.00 35.58 ? 655 GLU A C   1 
ATOM   491  O O   . GLU A 1 64  ? 5.073   0.588   -8.873  1.00 32.81 ? 655 GLU A O   1 
ATOM   492  C CB  . GLU A 1 64  ? 3.344   -0.529  -11.040 1.00 38.93 ? 655 GLU A CB  1 
ATOM   493  C CG  . GLU A 1 64  ? 3.379   -0.949  -12.502 1.00 44.02 ? 655 GLU A CG  1 
ATOM   494  C CD  . GLU A 1 64  ? 4.792   -0.960  -13.065 1.00 47.81 ? 655 GLU A CD  1 
ATOM   495  O OE1 . GLU A 1 64  ? 5.496   0.069   -12.947 1.00 47.75 ? 655 GLU A OE1 1 
ATOM   496  O OE2 . GLU A 1 64  ? 5.199   -2.000  -13.626 1.00 51.23 ? 655 GLU A OE2 1 
ATOM   497  N N   . ARG A 1 65  ? 4.118   -1.081  -7.726  1.00 34.46 ? 656 ARG A N   1 
ATOM   498  C CA  . ARG A 1 65  ? 4.263   -0.390  -6.456  1.00 32.50 ? 656 ARG A CA  1 
ATOM   499  C C   . ARG A 1 65  ? 5.633   0.236   -6.200  1.00 32.98 ? 656 ARG A C   1 
ATOM   500  O O   . ARG A 1 65  ? 5.716   1.410   -5.831  1.00 32.84 ? 656 ARG A O   1 
ATOM   501  C CB  . ARG A 1 65  ? 3.896   -1.327  -5.307  1.00 31.90 ? 656 ARG A CB  1 
ATOM   502  C CG  . ARG A 1 65  ? 2.401   -1.570  -5.178  1.00 27.71 ? 656 ARG A CG  1 
ATOM   503  C CD  . ARG A 1 65  ? 2.115   -2.592  -4.106  1.00 29.51 ? 656 ARG A CD  1 
ATOM   504  N NE  . ARG A 1 65  ? 2.750   -3.881  -4.410  1.00 29.27 ? 656 ARG A NE  1 
ATOM   505  C CZ  . ARG A 1 65  ? 2.733   -4.918  -3.584  1.00 32.79 ? 656 ARG A CZ  1 
ATOM   506  N NH1 . ARG A 1 65  ? 2.111   -4.812  -2.416  1.00 30.33 ? 656 ARG A NH1 1 
ATOM   507  N NH2 . ARG A 1 65  ? 3.349   -6.051  -3.913  1.00 30.41 ? 656 ARG A NH2 1 
ATOM   508  N N   . ALA A 1 66  ? 6.707   -0.528  -6.387  1.00 34.54 ? 657 ALA A N   1 
ATOM   509  C CA  . ALA A 1 66  ? 8.047   0.009   -6.145  1.00 33.72 ? 657 ALA A CA  1 
ATOM   510  C C   . ALA A 1 66  ? 8.330   1.256   -6.982  1.00 34.50 ? 657 ALA A C   1 
ATOM   511  O O   . ALA A 1 66  ? 8.890   2.239   -6.484  1.00 33.24 ? 657 ALA A O   1 
ATOM   512  C CB  . ALA A 1 66  ? 9.107   -1.064  -6.423  1.00 32.76 ? 657 ALA A CB  1 
ATOM   513  N N   . ASN A 1 67  ? 7.946   1.218   -8.253  1.00 37.24 ? 658 ASN A N   1 
ATOM   514  C CA  . ASN A 1 67  ? 8.164   2.367   -9.134  1.00 39.10 ? 658 ASN A CA  1 
ATOM   515  C C   . ASN A 1 67  ? 7.286   3.542   -8.691  1.00 38.94 ? 658 ASN A C   1 
ATOM   516  O O   . ASN A 1 67  ? 7.736   4.690   -8.649  1.00 37.20 ? 658 ASN A O   1 
ATOM   517  C CB  . ASN A 1 67  ? 7.838   2.007   -10.593 1.00 41.81 ? 658 ASN A CB  1 
ATOM   518  C CG  . ASN A 1 67  ? 8.780   0.957   -11.166 1.00 45.00 ? 658 ASN A CG  1 
ATOM   519  O OD1 . ASN A 1 67  ? 9.981   0.974   -10.896 1.00 46.58 ? 658 ASN A OD1 1 
ATOM   520  N ND2 . ASN A 1 67  ? 8.239   0.048   -11.977 1.00 47.78 ? 658 ASN A ND2 1 
ATOM   521  N N   . ILE A 1 68  ? 6.029   3.253   -8.367  1.00 38.01 ? 659 ILE A N   1 
ATOM   522  C CA  . ILE A 1 68  ? 5.109   4.297   -7.927  1.00 36.46 ? 659 ILE A CA  1 
ATOM   523  C C   . ILE A 1 68  ? 5.647   4.974   -6.674  1.00 35.56 ? 659 ILE A C   1 
ATOM   524  O O   . ILE A 1 68  ? 5.712   6.199   -6.602  1.00 35.51 ? 659 ILE A O   1 
ATOM   525  C CB  . ILE A 1 68  ? 3.713   3.724   -7.625  1.00 35.96 ? 659 ILE A CB  1 
ATOM   526  C CG1 . ILE A 1 68  ? 3.034   3.297   -8.932  1.00 37.28 ? 659 ILE A CG1 1 
ATOM   527  C CG2 . ILE A 1 68  ? 2.878   4.758   -6.880  1.00 36.23 ? 659 ILE A CG2 1 
ATOM   528  C CD1 . ILE A 1 68  ? 1.816   2.415   -8.736  1.00 36.17 ? 659 ILE A CD1 1 
ATOM   529  N N   . LEU A 1 69  ? 6.041   4.179   -5.684  1.00 33.83 ? 660 LEU A N   1 
ATOM   530  C CA  . LEU A 1 69  ? 6.572   4.749   -4.447  1.00 32.40 ? 660 LEU A CA  1 
ATOM   531  C C   . LEU A 1 69  ? 7.854   5.531   -4.719  1.00 34.44 ? 660 LEU A C   1 
ATOM   532  O O   . LEU A 1 69  ? 8.070   6.606   -4.162  1.00 33.97 ? 660 LEU A O   1 
ATOM   533  C CB  . LEU A 1 69  ? 6.822   3.641   -3.418  1.00 29.99 ? 660 LEU A CB  1 
ATOM   534  C CG  . LEU A 1 69  ? 5.534   2.992   -2.896  1.00 29.97 ? 660 LEU A CG  1 
ATOM   535  C CD1 . LEU A 1 69  ? 5.849   1.690   -2.141  1.00 29.91 ? 660 LEU A CD1 1 
ATOM   536  C CD2 . LEU A 1 69  ? 4.811   3.988   -1.993  1.00 29.59 ? 660 LEU A CD2 1 
ATOM   537  N N   . ASN A 1 70  ? 8.701   4.987   -5.585  1.00 36.81 ? 661 ASN A N   1 
ATOM   538  C CA  . ASN A 1 70  ? 9.952   5.648   -5.932  1.00 38.34 ? 661 ASN A CA  1 
ATOM   539  C C   . ASN A 1 70  ? 9.640   7.017   -6.534  1.00 38.08 ? 661 ASN A C   1 
ATOM   540  O O   . ASN A 1 70  ? 10.243  8.027   -6.169  1.00 37.59 ? 661 ASN A O   1 
ATOM   541  C CB  . ASN A 1 70  ? 10.729  4.790   -6.938  1.00 39.15 ? 661 ASN A CB  1 
ATOM   542  C CG  . ASN A 1 70  ? 12.034  5.425   -7.362  1.00 42.61 ? 661 ASN A CG  1 
ATOM   543  O OD1 . ASN A 1 70  ? 12.916  5.678   -6.534  1.00 42.24 ? 661 ASN A OD1 1 
ATOM   544  N ND2 . ASN A 1 70  ? 12.167  5.692   -8.660  1.00 40.88 ? 661 ASN A ND2 1 
ATOM   545  N N   . ARG A 1 71  ? 8.688   7.034   -7.458  1.00 39.43 ? 662 ARG A N   1 
ATOM   546  C CA  . ARG A 1 71  ? 8.270   8.262   -8.126  1.00 41.77 ? 662 ARG A CA  1 
ATOM   547  C C   . ARG A 1 71  ? 7.723   9.292   -7.141  1.00 40.51 ? 662 ARG A C   1 
ATOM   548  O O   . ARG A 1 71  ? 8.083   10.467  -7.192  1.00 39.94 ? 662 ARG A O   1 
ATOM   549  C CB  . ARG A 1 71  ? 7.192   7.949   -9.165  1.00 44.93 ? 662 ARG A CB  1 
ATOM   550  C CG  . ARG A 1 71  ? 6.770   9.144   -9.993  1.00 50.31 ? 662 ARG A CG  1 
ATOM   551  C CD  . ARG A 1 71  ? 5.262   9.212   -10.120 1.00 55.09 ? 662 ARG A CD  1 
ATOM   552  N NE  . ARG A 1 71  ? 4.685   7.958   -10.598 1.00 57.72 ? 662 ARG A NE  1 
ATOM   553  C CZ  . ARG A 1 71  ? 3.379   7.732   -10.681 1.00 58.80 ? 662 ARG A CZ  1 
ATOM   554  N NH1 . ARG A 1 71  ? 2.520   8.676   -10.320 1.00 59.62 ? 662 ARG A NH1 1 
ATOM   555  N NH2 . ARG A 1 71  ? 2.930   6.564   -11.120 1.00 58.35 ? 662 ARG A NH2 1 
ATOM   556  N N   . VAL A 1 72  ? 6.833   8.855   -6.254  1.00 39.50 ? 663 VAL A N   1 
ATOM   557  C CA  . VAL A 1 72  ? 6.248   9.759   -5.271  1.00 37.69 ? 663 VAL A CA  1 
ATOM   558  C C   . VAL A 1 72  ? 7.336   10.335  -4.384  1.00 37.63 ? 663 VAL A C   1 
ATOM   559  O O   . VAL A 1 72  ? 7.360   11.531  -4.107  1.00 37.59 ? 663 VAL A O   1 
ATOM   560  C CB  . VAL A 1 72  ? 5.190   9.033   -4.403  1.00 36.70 ? 663 VAL A CB  1 
ATOM   561  C CG1 . VAL A 1 72  ? 4.788   9.909   -3.218  1.00 36.33 ? 663 VAL A CG1 1 
ATOM   562  C CG2 . VAL A 1 72  ? 3.968   8.706   -5.255  1.00 36.92 ? 663 VAL A CG2 1 
ATOM   563  N N   . GLU A 1 73  ? 8.245   9.480   -3.936  1.00 38.93 ? 664 GLU A N   1 
ATOM   564  C CA  . GLU A 1 73  ? 9.341   9.939   -3.097  1.00 42.40 ? 664 GLU A CA  1 
ATOM   565  C C   . GLU A 1 73  ? 10.074  11.071  -3.817  1.00 43.02 ? 664 GLU A C   1 
ATOM   566  O O   . GLU A 1 73  ? 10.272  12.154  -3.272  1.00 42.56 ? 664 GLU A O   1 
ATOM   567  C CB  . GLU A 1 73  ? 10.326  8.793   -2.845  1.00 43.99 ? 664 GLU A CB  1 
ATOM   568  C CG  . GLU A 1 73  ? 11.538  9.203   -2.025  1.00 46.65 ? 664 GLU A CG  1 
ATOM   569  C CD  . GLU A 1 73  ? 12.540  8.082   -1.859  1.00 48.89 ? 664 GLU A CD  1 
ATOM   570  O OE1 . GLU A 1 73  ? 12.121  6.951   -1.528  1.00 48.55 ? 664 GLU A OE1 1 
ATOM   571  O OE2 . GLU A 1 73  ? 13.747  8.334   -2.053  1.00 51.70 ? 664 GLU A OE2 1 
ATOM   572  N N   . GLN A 1 74  ? 10.462  10.795  -5.056  1.00 45.48 ? 665 GLN A N   1 
ATOM   573  C CA  . GLN A 1 74  ? 11.198  11.739  -5.885  1.00 48.16 ? 665 GLN A CA  1 
ATOM   574  C C   . GLN A 1 74  ? 10.476  13.063  -6.119  1.00 48.56 ? 665 GLN A C   1 
ATOM   575  O O   . GLN A 1 74  ? 11.024  14.132  -5.841  1.00 50.10 ? 665 GLN A O   1 
ATOM   576  C CB  . GLN A 1 74  ? 11.512  11.081  -7.226  1.00 49.98 ? 665 GLN A CB  1 
ATOM   577  C CG  . GLN A 1 74  ? 12.277  11.947  -8.192  1.00 53.69 ? 665 GLN A CG  1 
ATOM   578  C CD  . GLN A 1 74  ? 12.413  11.283  -9.545  1.00 56.53 ? 665 GLN A CD  1 
ATOM   579  O OE1 . GLN A 1 74  ? 12.944  10.174  -9.652  1.00 55.77 ? 665 GLN A OE1 1 
ATOM   580  N NE2 . GLN A 1 74  ? 11.925  11.954  -10.588 1.00 56.46 ? 665 GLN A NE2 1 
ATOM   581  N N   . GLU A 1 75  ? 9.249   12.991  -6.625  1.00 48.21 ? 666 GLU A N   1 
ATOM   582  C CA  . GLU A 1 75  ? 8.477   14.195  -6.910  1.00 48.13 ? 666 GLU A CA  1 
ATOM   583  C C   . GLU A 1 75  ? 8.073   15.019  -5.694  1.00 48.35 ? 666 GLU A C   1 
ATOM   584  O O   . GLU A 1 75  ? 7.761   16.200  -5.823  1.00 46.82 ? 666 GLU A O   1 
ATOM   585  C CB  . GLU A 1 75  ? 7.248   13.838  -7.737  1.00 48.57 ? 666 GLU A CB  1 
ATOM   586  C CG  . GLU A 1 75  ? 7.595   13.429  -9.158  1.00 51.89 ? 666 GLU A CG  1 
ATOM   587  C CD  . GLU A 1 75  ? 6.372   13.123  -9.988  1.00 54.44 ? 666 GLU A CD  1 
ATOM   588  O OE1 . GLU A 1 75  ? 5.447   13.966  -10.029 1.00 57.79 ? 666 GLU A OE1 1 
ATOM   589  O OE2 . GLU A 1 75  ? 6.336   12.040  -10.608 1.00 56.60 ? 666 GLU A OE2 1 
ATOM   590  N N   . LEU A 1 76  ? 8.058   14.408  -4.515  1.00 48.73 ? 667 LEU A N   1 
ATOM   591  C CA  . LEU A 1 76  ? 7.725   15.162  -3.311  1.00 49.11 ? 667 LEU A CA  1 
ATOM   592  C C   . LEU A 1 76  ? 8.983   15.907  -2.885  1.00 49.95 ? 667 LEU A C   1 
ATOM   593  O O   . LEU A 1 76  ? 8.928   17.061  -2.454  1.00 49.95 ? 667 LEU A O   1 
ATOM   594  C CB  . LEU A 1 76  ? 7.268   14.231  -2.181  1.00 49.09 ? 667 LEU A CB  1 
ATOM   595  C CG  . LEU A 1 76  ? 5.825   13.722  -2.248  1.00 48.50 ? 667 LEU A CG  1 
ATOM   596  C CD1 . LEU A 1 76  ? 5.590   12.727  -1.126  1.00 47.45 ? 667 LEU A CD1 1 
ATOM   597  C CD2 . LEU A 1 76  ? 4.854   14.896  -2.147  1.00 46.75 ? 667 LEU A CD2 1 
ATOM   598  N N   . LEU A 1 77  ? 10.123  15.237  -3.012  1.00 50.37 ? 668 LEU A N   1 
ATOM   599  C CA  . LEU A 1 77  ? 11.396  15.840  -2.646  1.00 51.97 ? 668 LEU A CA  1 
ATOM   600  C C   . LEU A 1 77  ? 11.747  16.999  -3.576  1.00 52.52 ? 668 LEU A C   1 
ATOM   601  O O   . LEU A 1 77  ? 12.453  17.925  -3.179  1.00 53.05 ? 668 LEU A O   1 
ATOM   602  C CB  . LEU A 1 77  ? 12.515  14.798  -2.703  1.00 52.40 ? 668 LEU A CB  1 
ATOM   603  C CG  . LEU A 1 77  ? 12.500  13.696  -1.645  1.00 52.90 ? 668 LEU A CG  1 
ATOM   604  C CD1 . LEU A 1 77  ? 13.592  12.685  -1.953  1.00 53.57 ? 668 LEU A CD1 1 
ATOM   605  C CD2 . LEU A 1 77  ? 12.701  14.310  -0.269  1.00 53.29 ? 668 LEU A CD2 1 
ATOM   606  N N   . SER A 1 78  ? 11.257  16.943  -4.812  1.00 51.99 ? 669 SER A N   1 
ATOM   607  C CA  . SER A 1 78  ? 11.545  17.991  -5.787  1.00 51.06 ? 669 SER A CA  1 
ATOM   608  C C   . SER A 1 78  ? 10.514  19.107  -5.727  1.00 51.18 ? 669 SER A C   1 
ATOM   609  O O   . SER A 1 78  ? 10.721  20.180  -6.293  1.00 51.11 ? 669 SER A O   1 
ATOM   610  C CB  . SER A 1 78  ? 11.580  17.409  -7.202  1.00 49.48 ? 669 SER A CB  1 
ATOM   611  O OG  . SER A 1 78  ? 10.281  17.050  -7.640  1.00 48.83 ? 669 SER A OG  1 
ATOM   612  N N   . GLY A 1 79  ? 9.408   18.853  -5.033  1.00 50.08 ? 670 GLY A N   1 
ATOM   613  C CA  . GLY A 1 79  ? 8.357   19.847  -4.924  1.00 48.00 ? 670 GLY A CA  1 
ATOM   614  C C   . GLY A 1 79  ? 7.422   19.801  -6.119  1.00 47.64 ? 670 GLY A C   1 
ATOM   615  O O   . GLY A 1 79  ? 6.577   20.676  -6.286  1.00 48.45 ? 670 GLY A O   1 
ATOM   616  N N   . GLN A 1 80  ? 7.572   18.776  -6.955  1.00 46.58 ? 671 GLN A N   1 
ATOM   617  C CA  . GLN A 1 80  ? 6.734   18.625  -8.143  1.00 45.59 ? 671 GLN A CA  1 
ATOM   618  C C   . GLN A 1 80  ? 5.348   18.047  -7.849  1.00 43.52 ? 671 GLN A C   1 
ATOM   619  O O   . GLN A 1 80  ? 4.392   18.326  -8.572  1.00 42.57 ? 671 GLN A O   1 
ATOM   620  C CB  . GLN A 1 80  ? 7.431   17.722  -9.175  1.00 47.77 ? 671 GLN A CB  1 
ATOM   621  C CG  . GLN A 1 80  ? 8.691   18.307  -9.807  1.00 51.78 ? 671 GLN A CG  1 
ATOM   622  C CD  . GLN A 1 80  ? 8.419   19.577  -10.592 1.00 53.54 ? 671 GLN A CD  1 
ATOM   623  O OE1 . GLN A 1 80  ? 7.578   19.594  -11.492 1.00 55.39 ? 671 GLN A OE1 1 
ATOM   624  N NE2 . GLN A 1 80  ? 9.137   20.649  -10.258 1.00 54.08 ? 671 GLN A NE2 1 
ATOM   625  N N   . MET A 1 81  ? 5.241   17.231  -6.800  1.00 41.05 ? 672 MET A N   1 
ATOM   626  C CA  . MET A 1 81  ? 3.968   16.592  -6.452  1.00 36.60 ? 672 MET A CA  1 
ATOM   627  C C   . MET A 1 81  ? 3.307   17.195  -5.221  1.00 35.25 ? 672 MET A C   1 
ATOM   628  O O   . MET A 1 81  ? 3.983   17.499  -4.240  1.00 35.73 ? 672 MET A O   1 
ATOM   629  C CB  . MET A 1 81  ? 4.193   15.089  -6.223  1.00 34.50 ? 672 MET A CB  1 
ATOM   630  C CG  . MET A 1 81  ? 2.930   14.285  -5.881  1.00 30.30 ? 672 MET A CG  1 
ATOM   631  S SD  . MET A 1 81  ? 3.247   12.484  -5.738  1.00 19.91 ? 672 MET A SD  1 
ATOM   632  C CE  . MET A 1 81  ? 3.036   12.001  -7.472  1.00 33.20 ? 672 MET A CE  1 
ATOM   633  N N   . GLU A 1 82  ? 1.989   17.376  -5.287  1.00 33.38 ? 673 GLU A N   1 
ATOM   634  C CA  . GLU A 1 82  ? 1.214   17.901  -4.162  1.00 33.77 ? 673 GLU A CA  1 
ATOM   635  C C   . GLU A 1 82  ? 1.000   16.782  -3.145  1.00 34.11 ? 673 GLU A C   1 
ATOM   636  O O   . GLU A 1 82  ? 0.974   15.600  -3.507  1.00 30.88 ? 673 GLU A O   1 
ATOM   637  C CB  . GLU A 1 82  ? -0.154  18.399  -4.629  1.00 34.90 ? 673 GLU A CB  1 
ATOM   638  C CG  . GLU A 1 82  ? -0.098  19.683  -5.416  1.00 36.97 ? 673 GLU A CG  1 
ATOM   639  C CD  . GLU A 1 82  ? 0.224   20.873  -4.540  1.00 39.28 ? 673 GLU A CD  1 
ATOM   640  O OE1 . GLU A 1 82  ? 0.759   21.866  -5.070  1.00 37.07 ? 673 GLU A OE1 1 
ATOM   641  O OE2 . GLU A 1 82  ? -0.068  20.811  -3.324  1.00 38.93 ? 673 GLU A OE2 1 
ATOM   642  N N   . LEU A 1 83  ? 0.841   17.153  -1.878  1.00 34.22 ? 674 LEU A N   1 
ATOM   643  C CA  . LEU A 1 83  ? 0.614   16.160  -0.836  1.00 36.06 ? 674 LEU A CA  1 
ATOM   644  C C   . LEU A 1 83  ? -0.681  15.408  -1.076  1.00 34.78 ? 674 LEU A C   1 
ATOM   645  O O   . LEU A 1 83  ? -0.759  14.200  -0.826  1.00 33.70 ? 674 LEU A O   1 
ATOM   646  C CB  . LEU A 1 83  ? 0.570   16.817  0.540   1.00 38.17 ? 674 LEU A CB  1 
ATOM   647  C CG  . LEU A 1 83  ? 1.905   17.322  1.079   1.00 41.83 ? 674 LEU A CG  1 
ATOM   648  C CD1 . LEU A 1 83  ? 1.696   17.911  2.469   1.00 44.48 ? 674 LEU A CD1 1 
ATOM   649  C CD2 . LEU A 1 83  ? 2.898   16.166  1.125   1.00 43.27 ? 674 LEU A CD2 1 
ATOM   650  N N   . SER A 1 84  ? -1.703  16.113  -1.556  1.00 33.34 ? 675 SER A N   1 
ATOM   651  C CA  . SER A 1 84  ? -2.983  15.462  -1.816  1.00 33.99 ? 675 SER A CA  1 
ATOM   652  C C   . SER A 1 84  ? -2.777  14.332  -2.819  1.00 32.14 ? 675 SER A C   1 
ATOM   653  O O   . SER A 1 84  ? -3.360  13.260  -2.680  1.00 32.04 ? 675 SER A O   1 
ATOM   654  C CB  . SER A 1 84  ? -4.016  16.466  -2.353  1.00 34.02 ? 675 SER A CB  1 
ATOM   655  O OG  . SER A 1 84  ? -3.644  16.965  -3.623  1.00 36.53 ? 675 SER A OG  1 
ATOM   656  N N   . THR A 1 85  ? -1.932  14.564  -3.819  1.00 30.27 ? 676 THR A N   1 
ATOM   657  C CA  . THR A 1 85  ? -1.664  13.541  -4.825  1.00 30.12 ? 676 THR A CA  1 
ATOM   658  C C   . THR A 1 85  ? -0.924  12.354  -4.222  1.00 29.67 ? 676 THR A C   1 
ATOM   659  O O   . THR A 1 85  ? -1.290  11.198  -4.456  1.00 29.41 ? 676 THR A O   1 
ATOM   660  C CB  . THR A 1 85  ? -0.805  14.100  -5.991  1.00 32.65 ? 676 THR A CB  1 
ATOM   661  O OG1 . THR A 1 85  ? -1.532  15.141  -6.664  1.00 33.99 ? 676 THR A OG1 1 
ATOM   662  C CG2 . THR A 1 85  ? -0.456  12.983  -6.982  1.00 32.18 ? 676 THR A CG2 1 
ATOM   663  N N   . ALA A 1 86  ? 0.118   12.644  -3.451  1.00 28.21 ? 677 ALA A N   1 
ATOM   664  C CA  . ALA A 1 86  ? 0.911   11.593  -2.815  1.00 29.85 ? 677 ALA A CA  1 
ATOM   665  C C   . ALA A 1 86  ? 0.038   10.730  -1.906  1.00 31.44 ? 677 ALA A C   1 
ATOM   666  O O   . ALA A 1 86  ? 0.177   9.503   -1.876  1.00 31.11 ? 677 ALA A O   1 
ATOM   667  C CB  . ALA A 1 86  ? 2.056   12.212  -2.008  1.00 27.15 ? 677 ALA A CB  1 
ATOM   668  N N   . VAL A 1 87  ? -0.876  11.360  -1.172  1.00 30.13 ? 678 VAL A N   1 
ATOM   669  C CA  . VAL A 1 87  ? -1.729  10.596  -0.273  1.00 32.36 ? 678 VAL A CA  1 
ATOM   670  C C   . VAL A 1 87  ? -2.739  9.752   -1.053  1.00 33.30 ? 678 VAL A C   1 
ATOM   671  O O   . VAL A 1 87  ? -3.133  8.668   -0.609  1.00 32.61 ? 678 VAL A O   1 
ATOM   672  C CB  . VAL A 1 87  ? -2.437  11.535  0.739   1.00 34.79 ? 678 VAL A CB  1 
ATOM   673  C CG1 . VAL A 1 87  ? -3.440  10.760  1.564   1.00 35.84 ? 678 VAL A CG1 1 
ATOM   674  C CG2 . VAL A 1 87  ? -1.392  12.165  1.659   1.00 32.17 ? 678 VAL A CG2 1 
ATOM   675  N N   . GLU A 1 88  ? -3.140  10.230  -2.229  1.00 33.92 ? 679 GLU A N   1 
ATOM   676  C CA  . GLU A 1 88  ? -4.081  9.482   -3.057  1.00 34.77 ? 679 GLU A CA  1 
ATOM   677  C C   . GLU A 1 88  ? -3.374  8.209   -3.538  1.00 35.89 ? 679 GLU A C   1 
ATOM   678  O O   . GLU A 1 88  ? -3.947  7.114   -3.507  1.00 34.30 ? 679 GLU A O   1 
ATOM   679  C CB  . GLU A 1 88  ? -4.527  10.319  -4.254  1.00 39.85 ? 679 GLU A CB  1 
ATOM   680  C CG  . GLU A 1 88  ? -5.654  9.687   -5.058  1.00 45.12 ? 679 GLU A CG  1 
ATOM   681  C CD  . GLU A 1 88  ? -6.034  10.501  -6.280  1.00 49.62 ? 679 GLU A CD  1 
ATOM   682  O OE1 . GLU A 1 88  ? -6.243  11.730  -6.145  1.00 52.04 ? 679 GLU A OE1 1 
ATOM   683  O OE2 . GLU A 1 88  ? -6.130  9.909   -7.376  1.00 51.93 ? 679 GLU A OE2 1 
ATOM   684  N N   . GLU A 1 89  ? -2.130  8.357   -3.985  1.00 33.73 ? 680 GLU A N   1 
ATOM   685  C CA  . GLU A 1 89  ? -1.353  7.199   -4.431  1.00 35.45 ? 680 GLU A CA  1 
ATOM   686  C C   . GLU A 1 89  ? -1.232  6.189   -3.284  1.00 34.31 ? 680 GLU A C   1 
ATOM   687  O O   . GLU A 1 89  ? -1.492  5.000   -3.467  1.00 34.97 ? 680 GLU A O   1 
ATOM   688  C CB  . GLU A 1 89  ? 0.054   7.619   -4.869  1.00 37.17 ? 680 GLU A CB  1 
ATOM   689  C CG  . GLU A 1 89  ? 0.112   8.463   -6.143  1.00 40.13 ? 680 GLU A CG  1 
ATOM   690  C CD  . GLU A 1 89  ? -0.196  7.663   -7.397  1.00 42.91 ? 680 GLU A CD  1 
ATOM   691  O OE1 . GLU A 1 89  ? -0.147  8.246   -8.496  1.00 48.13 ? 680 GLU A OE1 1 
ATOM   692  O OE2 . GLU A 1 89  ? -0.485  6.453   -7.293  1.00 43.95 ? 680 GLU A OE2 1 
ATOM   693  N N   . LEU A 1 90  ? -0.837  6.662   -2.103  1.00 32.43 ? 681 LEU A N   1 
ATOM   694  C CA  . LEU A 1 90  ? -0.676  5.771   -0.956  1.00 32.17 ? 681 LEU A CA  1 
ATOM   695  C C   . LEU A 1 90  ? -1.948  5.002   -0.635  1.00 32.48 ? 681 LEU A C   1 
ATOM   696  O O   . LEU A 1 90  ? -1.900  3.836   -0.242  1.00 33.40 ? 681 LEU A O   1 
ATOM   697  C CB  . LEU A 1 90  ? -0.225  6.548   0.285   1.00 30.76 ? 681 LEU A CB  1 
ATOM   698  C CG  . LEU A 1 90  ? 1.159   7.200   0.215   1.00 32.21 ? 681 LEU A CG  1 
ATOM   699  C CD1 . LEU A 1 90  ? 1.397   8.004   1.486   1.00 29.52 ? 681 LEU A CD1 1 
ATOM   700  C CD2 . LEU A 1 90  ? 2.247   6.133   0.039   1.00 29.80 ? 681 LEU A CD2 1 
ATOM   701  N N   . THR A 1 91  ? -3.087  5.657   -0.814  1.00 33.22 ? 682 THR A N   1 
ATOM   702  C CA  . THR A 1 91  ? -4.382  5.045   -0.539  1.00 32.40 ? 682 THR A CA  1 
ATOM   703  C C   . THR A 1 91  ? -4.581  3.728   -1.286  1.00 33.70 ? 682 THR A C   1 
ATOM   704  O O   . THR A 1 91  ? -5.208  2.792   -0.770  1.00 31.12 ? 682 THR A O   1 
ATOM   705  C CB  . THR A 1 91  ? -5.516  6.013   -0.919  1.00 33.34 ? 682 THR A CB  1 
ATOM   706  O OG1 . THR A 1 91  ? -5.525  7.108   0.011   1.00 33.46 ? 682 THR A OG1 1 
ATOM   707  C CG2 . THR A 1 91  ? -6.858  5.304   -0.906  1.00 36.90 ? 682 THR A CG2 1 
ATOM   708  N N   . ASN A 1 92  ? -4.037  3.655   -2.497  1.00 31.68 ? 683 ASN A N   1 
ATOM   709  C CA  . ASN A 1 92  ? -4.179  2.462   -3.317  1.00 33.11 ? 683 ASN A CA  1 
ATOM   710  C C   . ASN A 1 92  ? -3.080  1.436   -3.096  1.00 32.62 ? 683 ASN A C   1 
ATOM   711  O O   . ASN A 1 92  ? -3.007  0.436   -3.806  1.00 32.83 ? 683 ASN A O   1 
ATOM   712  C CB  . ASN A 1 92  ? -4.225  2.857   -4.792  1.00 37.84 ? 683 ASN A CB  1 
ATOM   713  C CG  . ASN A 1 92  ? -5.393  3.769   -5.102  1.00 41.03 ? 683 ASN A CG  1 
ATOM   714  O OD1 . ASN A 1 92  ? -6.531  3.469   -4.746  1.00 45.67 ? 683 ASN A OD1 1 
ATOM   715  N ND2 . ASN A 1 92  ? -5.121  4.887   -5.766  1.00 43.75 ? 683 ASN A ND2 1 
ATOM   716  N N   . ILE A 1 93  ? -2.233  1.675   -2.103  1.00 32.14 ? 684 ILE A N   1 
ATOM   717  C CA  . ILE A 1 93  ? -1.144  0.745   -1.820  1.00 30.75 ? 684 ILE A CA  1 
ATOM   718  C C   . ILE A 1 93  ? -1.202  0.214   -0.387  1.00 30.78 ? 684 ILE A C   1 
ATOM   719  O O   . ILE A 1 93  ? -0.844  -0.938  -0.119  1.00 28.38 ? 684 ILE A O   1 
ATOM   720  C CB  . ILE A 1 93  ? 0.227   1.440   -2.043  1.00 30.64 ? 684 ILE A CB  1 
ATOM   721  C CG1 . ILE A 1 93  ? 0.401   1.770   -3.531  1.00 29.98 ? 684 ILE A CG1 1 
ATOM   722  C CG2 . ILE A 1 93  ? 1.369   0.550   -1.552  1.00 31.66 ? 684 ILE A CG2 1 
ATOM   723  C CD1 . ILE A 1 93  ? 1.714   2.472   -3.845  1.00 30.35 ? 684 ILE A CD1 1 
ATOM   724  N N   . VAL A 1 94  ? -1.693  1.046   0.520   1.00 28.23 ? 685 VAL A N   1 
ATOM   725  C CA  . VAL A 1 94  ? -1.737  0.685   1.936   1.00 29.18 ? 685 VAL A CA  1 
ATOM   726  C C   . VAL A 1 94  ? -2.411  -0.646  2.290   1.00 30.32 ? 685 VAL A C   1 
ATOM   727  O O   . VAL A 1 94  ? -1.998  -1.317  3.243   1.00 30.63 ? 685 VAL A O   1 
ATOM   728  C CB  . VAL A 1 94  ? -2.372  1.818   2.763   1.00 28.80 ? 685 VAL A CB  1 
ATOM   729  C CG1 . VAL A 1 94  ? -3.867  1.929   2.455   1.00 28.61 ? 685 VAL A CG1 1 
ATOM   730  C CG2 . VAL A 1 94  ? -2.092  1.591   4.246   1.00 32.53 ? 685 VAL A CG2 1 
ATOM   731  N N   . LEU A 1 95  ? -3.413  -1.047  1.515   1.00 30.73 ? 686 LEU A N   1 
ATOM   732  C CA  . LEU A 1 95  ? -4.118  -2.305  1.785   1.00 30.86 ? 686 LEU A CA  1 
ATOM   733  C C   . LEU A 1 95  ? -3.598  -3.497  0.995   1.00 31.66 ? 686 LEU A C   1 
ATOM   734  O O   . LEU A 1 95  ? -4.067  -4.622  1.191   1.00 31.36 ? 686 LEU A O   1 
ATOM   735  C CB  . LEU A 1 95  ? -5.613  -2.151  1.498   1.00 32.87 ? 686 LEU A CB  1 
ATOM   736  C CG  . LEU A 1 95  ? -6.332  -1.036  2.256   1.00 32.63 ? 686 LEU A CG  1 
ATOM   737  C CD1 . LEU A 1 95  ? -7.818  -1.079  1.932   1.00 34.34 ? 686 LEU A CD1 1 
ATOM   738  C CD2 . LEU A 1 95  ? -6.103  -1.190  3.751   1.00 35.18 ? 686 LEU A CD2 1 
ATOM   739  N N   . THR A 1 96  ? -2.648  -3.262  0.095   1.00 30.33 ? 687 THR A N   1 
ATOM   740  C CA  . THR A 1 96  ? -2.098  -4.356  -0.714  1.00 30.69 ? 687 THR A CA  1 
ATOM   741  C C   . THR A 1 96  ? -1.200  -5.296  0.085   1.00 29.61 ? 687 THR A C   1 
ATOM   742  O O   . THR A 1 96  ? -0.591  -4.896  1.075   1.00 30.70 ? 687 THR A O   1 
ATOM   743  C CB  . THR A 1 96  ? -1.272  -3.818  -1.908  1.00 28.56 ? 687 THR A CB  1 
ATOM   744  O OG1 . THR A 1 96  ? -0.109  -3.134  -1.420  1.00 28.97 ? 687 THR A OG1 1 
ATOM   745  C CG2 . THR A 1 96  ? -2.105  -2.861  -2.740  1.00 28.13 ? 687 THR A CG2 1 
ATOM   746  N N   . PRO A 1 97  ? -1.099  -6.566  -0.350  1.00 28.70 ? 688 PRO A N   1 
ATOM   747  C CA  . PRO A 1 97  ? -0.267  -7.567  0.321   1.00 29.50 ? 688 PRO A CA  1 
ATOM   748  C C   . PRO A 1 97  ? 1.194   -7.150  0.279   1.00 29.21 ? 688 PRO A C   1 
ATOM   749  O O   . PRO A 1 97  ? 1.753   -6.918  -0.799  1.00 29.55 ? 688 PRO A O   1 
ATOM   750  C CB  . PRO A 1 97  ? -0.517  -8.839  -0.492  1.00 29.43 ? 688 PRO A CB  1 
ATOM   751  C CG  . PRO A 1 97  ? -1.896  -8.629  -1.057  1.00 29.70 ? 688 PRO A CG  1 
ATOM   752  C CD  . PRO A 1 97  ? -1.880  -7.171  -1.444  1.00 30.14 ? 688 PRO A CD  1 
ATOM   753  N N   . MET A 1 98  ? 1.803   -7.036  1.454   1.00 29.51 ? 689 MET A N   1 
ATOM   754  C CA  . MET A 1 98  ? 3.199   -6.648  1.562   1.00 29.29 ? 689 MET A CA  1 
ATOM   755  C C   . MET A 1 98  ? 3.957   -7.622  2.446   1.00 30.44 ? 689 MET A C   1 
ATOM   756  O O   . MET A 1 98  ? 3.493   -8.000  3.520   1.00 29.10 ? 689 MET A O   1 
ATOM   757  C CB  . MET A 1 98  ? 3.333   -5.239  2.158   1.00 29.53 ? 689 MET A CB  1 
ATOM   758  C CG  . MET A 1 98  ? 2.792   -4.104  1.291   1.00 31.79 ? 689 MET A CG  1 
ATOM   759  S SD  . MET A 1 98  ? 3.172   -2.447  2.022   1.00 26.44 ? 689 MET A SD  1 
ATOM   760  C CE  . MET A 1 98  ? 1.534   -1.709  2.080   1.00 32.17 ? 689 MET A CE  1 
ATOM   761  N N   . LYS A 1 99  ? 5.130   -8.025  1.985   1.00 28.72 ? 690 LYS A N   1 
ATOM   762  C CA  . LYS A 1 99  ? 5.968   -8.930  2.749   1.00 30.97 ? 690 LYS A CA  1 
ATOM   763  C C   . LYS A 1 99  ? 6.589   -8.154  3.898   1.00 32.09 ? 690 LYS A C   1 
ATOM   764  O O   . LYS A 1 99  ? 6.620   -6.924  3.884   1.00 30.35 ? 690 LYS A O   1 
ATOM   765  C CB  . LYS A 1 99  ? 7.083   -9.488  1.869   1.00 32.03 ? 690 LYS A CB  1 
ATOM   766  C CG  . LYS A 1 99  ? 6.595   -10.271 0.659   1.00 35.06 ? 690 LYS A CG  1 
ATOM   767  C CD  . LYS A 1 99  ? 7.750   -10.947 -0.064  1.00 40.49 ? 690 LYS A CD  1 
ATOM   768  C CE  . LYS A 1 99  ? 8.243   -12.165 0.701   1.00 42.99 ? 690 LYS A CE  1 
ATOM   769  N NZ  . LYS A 1 99  ? 9.262   -12.929 -0.076  1.00 45.16 ? 690 LYS A NZ  1 
ATOM   770  N N   . PRO A 1 100 ? 7.079   -8.866  4.921   1.00 33.90 ? 691 PRO A N   1 
ATOM   771  C CA  . PRO A 1 100 ? 7.709   -8.204  6.071   1.00 34.33 ? 691 PRO A CA  1 
ATOM   772  C C   . PRO A 1 100 ? 8.887   -7.328  5.627   1.00 33.31 ? 691 PRO A C   1 
ATOM   773  O O   . PRO A 1 100 ? 9.495   -7.570  4.580   1.00 31.37 ? 691 PRO A O   1 
ATOM   774  C CB  . PRO A 1 100 ? 8.174   -9.376  6.923   1.00 35.56 ? 691 PRO A CB  1 
ATOM   775  C CG  . PRO A 1 100 ? 7.102   -10.416 6.674   1.00 36.74 ? 691 PRO A CG  1 
ATOM   776  C CD  . PRO A 1 100 ? 6.904   -10.310 5.167   1.00 35.13 ? 691 PRO A CD  1 
ATOM   777  N N   . LEU A 1 101 ? 9.204   -6.307  6.414   1.00 33.92 ? 692 LEU A N   1 
ATOM   778  C CA  . LEU A 1 101 ? 10.336  -5.441  6.093   1.00 34.26 ? 692 LEU A CA  1 
ATOM   779  C C   . LEU A 1 101 ? 11.614  -6.275  6.095   1.00 34.21 ? 692 LEU A C   1 
ATOM   780  O O   . LEU A 1 101 ? 12.543  -6.015  5.324   1.00 32.31 ? 692 LEU A O   1 
ATOM   781  C CB  . LEU A 1 101 ? 10.459  -4.321  7.128   1.00 37.45 ? 692 LEU A CB  1 
ATOM   782  C CG  . LEU A 1 101 ? 9.284   -3.349  7.237   1.00 39.33 ? 692 LEU A CG  1 
ATOM   783  C CD1 . LEU A 1 101 ? 9.498   -2.443  8.431   1.00 40.41 ? 692 LEU A CD1 1 
ATOM   784  C CD2 . LEU A 1 101 ? 9.168   -2.527  5.966   1.00 39.06 ? 692 LEU A CD2 1 
ATOM   785  N N   . GLU A 1 102 ? 11.644  -7.289  6.957   1.00 33.73 ? 693 GLU A N   1 
ATOM   786  C CA  . GLU A 1 102 ? 12.799  -8.176  7.085   1.00 37.42 ? 693 GLU A CA  1 
ATOM   787  C C   . GLU A 1 102 ? 12.963  -9.181  5.951   1.00 37.46 ? 693 GLU A C   1 
ATOM   788  O O   . GLU A 1 102 ? 13.512  -10.265 6.161   1.00 39.60 ? 693 GLU A O   1 
ATOM   789  C CB  . GLU A 1 102 ? 12.733  -8.961  8.398   1.00 40.10 ? 693 GLU A CB  1 
ATOM   790  C CG  . GLU A 1 102 ? 12.891  -8.134  9.642   1.00 42.41 ? 693 GLU A CG  1 
ATOM   791  C CD  . GLU A 1 102 ? 11.830  -7.085  9.757   1.00 41.91 ? 693 GLU A CD  1 
ATOM   792  O OE1 . GLU A 1 102 ? 10.644  -7.407  9.492   1.00 43.33 ? 693 GLU A OE1 1 
ATOM   793  O OE2 . GLU A 1 102 ? 12.180  -5.942  10.115  1.00 43.86 ? 693 GLU A OE2 1 
ATOM   794  N N   . SER A 1 103 ? 12.486  -8.843  4.759   1.00 37.66 ? 694 SER A N   1 
ATOM   795  C CA  . SER A 1 103 ? 12.614  -9.746  3.620   1.00 35.08 ? 694 SER A CA  1 
ATOM   796  C C   . SER A 1 103 ? 13.837  -9.360  2.820   1.00 37.20 ? 694 SER A C   1 
ATOM   797  O O   . SER A 1 103 ? 13.863  -8.304  2.174   1.00 36.94 ? 694 SER A O   1 
ATOM   798  C CB  . SER A 1 103 ? 11.374  -9.667  2.734   1.00 37.36 ? 694 SER A CB  1 
ATOM   799  O OG  . SER A 1 103 ? 10.220  -10.043 3.460   1.00 37.14 ? 694 SER A OG  1 
ATOM   800  N N   . PRO A 1 104 ? 14.876  -10.216 2.840   1.00 36.20 ? 695 PRO A N   1 
ATOM   801  C CA  . PRO A 1 104 ? 16.116  -9.954  2.112   1.00 36.41 ? 695 PRO A CA  1 
ATOM   802  C C   . PRO A 1 104 ? 15.904  -9.628  0.643   1.00 36.50 ? 695 PRO A C   1 
ATOM   803  O O   . PRO A 1 104 ? 15.053  -10.220 -0.018  1.00 35.50 ? 695 PRO A O   1 
ATOM   804  C CB  . PRO A 1 104 ? 16.909  -11.250 2.305   1.00 36.24 ? 695 PRO A CB  1 
ATOM   805  C CG  . PRO A 1 104 ? 16.438  -11.735 3.634   1.00 33.69 ? 695 PRO A CG  1 
ATOM   806  C CD  . PRO A 1 104 ? 14.945  -11.515 3.531   1.00 37.22 ? 695 PRO A CD  1 
ATOM   807  N N   . GLY A 1 105 ? 16.701  -8.692  0.139   1.00 37.38 ? 696 GLY A N   1 
ATOM   808  C CA  . GLY A 1 105 ? 16.601  -8.297  -1.253  1.00 38.39 ? 696 GLY A CA  1 
ATOM   809  C C   . GLY A 1 105 ? 16.958  -6.830  -1.403  1.00 39.96 ? 696 GLY A C   1 
ATOM   810  O O   . GLY A 1 105 ? 17.149  -6.146  -0.399  1.00 39.80 ? 696 GLY A O   1 
ATOM   811  N N   . PRO A 1 106 ? 17.079  -6.321  -2.640  1.00 40.66 ? 697 PRO A N   1 
ATOM   812  C CA  . PRO A 1 106 ? 17.421  -4.909  -2.862  1.00 41.91 ? 697 PRO A CA  1 
ATOM   813  C C   . PRO A 1 106 ? 16.418  -4.029  -2.115  1.00 41.79 ? 697 PRO A C   1 
ATOM   814  O O   . PRO A 1 106 ? 15.219  -4.103  -2.373  1.00 40.98 ? 697 PRO A O   1 
ATOM   815  C CB  . PRO A 1 106 ? 17.293  -4.751  -4.377  1.00 43.06 ? 697 PRO A CB  1 
ATOM   816  C CG  . PRO A 1 106 ? 17.567  -6.134  -4.900  1.00 44.05 ? 697 PRO A CG  1 
ATOM   817  C CD  . PRO A 1 106 ? 16.830  -7.011  -3.915  1.00 42.06 ? 697 PRO A CD  1 
ATOM   818  N N   . PRO A 1 107 ? 16.893  -3.203  -1.170  1.00 41.28 ? 698 PRO A N   1 
ATOM   819  C CA  . PRO A 1 107 ? 16.003  -2.324  -0.401  1.00 40.86 ? 698 PRO A CA  1 
ATOM   820  C C   . PRO A 1 107 ? 15.088  -1.489  -1.299  1.00 41.35 ? 698 PRO A C   1 
ATOM   821  O O   . PRO A 1 107 ? 13.982  -1.113  -0.903  1.00 37.98 ? 698 PRO A O   1 
ATOM   822  C CB  . PRO A 1 107 ? 16.979  -1.457  0.392   1.00 41.81 ? 698 PRO A CB  1 
ATOM   823  C CG  . PRO A 1 107 ? 18.135  -2.399  0.634   1.00 41.73 ? 698 PRO A CG  1 
ATOM   824  C CD  . PRO A 1 107 ? 18.290  -3.067  -0.715  1.00 42.19 ? 698 PRO A CD  1 
ATOM   825  N N   . GLU A 1 108 ? 15.558  -1.206  -2.511  1.00 40.10 ? 699 GLU A N   1 
ATOM   826  C CA  . GLU A 1 108 ? 14.786  -0.413  -3.461  1.00 40.04 ? 699 GLU A CA  1 
ATOM   827  C C   . GLU A 1 108 ? 13.537  -1.134  -3.951  1.00 39.28 ? 699 GLU A C   1 
ATOM   828  O O   . GLU A 1 108 ? 12.616  -0.501  -4.470  1.00 39.77 ? 699 GLU A O   1 
ATOM   829  C CB  . GLU A 1 108 ? 15.658  -0.020  -4.661  1.00 43.13 ? 699 GLU A CB  1 
ATOM   830  C CG  . GLU A 1 108 ? 16.862  -0.924  -4.892  1.00 47.60 ? 699 GLU A CG  1 
ATOM   831  C CD  . GLU A 1 108 ? 18.005  -0.629  -3.936  1.00 49.15 ? 699 GLU A CD  1 
ATOM   832  O OE1 . GLU A 1 108 ? 18.484  0.525   -3.924  1.00 53.30 ? 699 GLU A OE1 1 
ATOM   833  O OE2 . GLU A 1 108 ? 18.430  -1.542  -3.199  1.00 51.35 ? 699 GLU A OE2 1 
ATOM   834  N N   . GLU A 1 109 ? 13.503  -2.455  -3.782  1.00 37.30 ? 700 GLU A N   1 
ATOM   835  C CA  . GLU A 1 109 ? 12.361  -3.255  -4.208  1.00 36.04 ? 700 GLU A CA  1 
ATOM   836  C C   . GLU A 1 109 ? 11.551  -3.750  -3.015  1.00 32.34 ? 700 GLU A C   1 
ATOM   837  O O   . GLU A 1 109 ? 10.584  -4.487  -3.186  1.00 31.24 ? 700 GLU A O   1 
ATOM   838  C CB  . GLU A 1 109 ? 12.837  -4.458  -5.027  1.00 40.20 ? 700 GLU A CB  1 
ATOM   839  C CG  . GLU A 1 109 ? 13.722  -4.088  -6.206  1.00 47.03 ? 700 GLU A CG  1 
ATOM   840  C CD  . GLU A 1 109 ? 12.979  -3.294  -7.262  1.00 50.78 ? 700 GLU A CD  1 
ATOM   841  O OE1 . GLU A 1 109 ? 13.646  -2.633  -8.090  1.00 53.47 ? 700 GLU A OE1 1 
ATOM   842  O OE2 . GLU A 1 109 ? 11.728  -3.338  -7.273  1.00 53.04 ? 700 GLU A OE2 1 
ATOM   843  N N   . ASN A 1 110 ? 11.960  -3.360  -1.814  1.00 30.65 ? 701 ASN A N   1 
ATOM   844  C CA  . ASN A 1 110 ? 11.262  -3.770  -0.587  1.00 30.19 ? 701 ASN A CA  1 
ATOM   845  C C   . ASN A 1 110 ? 10.050  -2.844  -0.444  1.00 28.27 ? 701 ASN A C   1 
ATOM   846  O O   . ASN A 1 110 ? 10.192  -1.712  0.001   1.00 29.82 ? 701 ASN A O   1 
ATOM   847  C CB  . ASN A 1 110 ? 12.209  -3.619  0.604   1.00 29.52 ? 701 ASN A CB  1 
ATOM   848  C CG  . ASN A 1 110 ? 11.663  -4.248  1.875   1.00 31.32 ? 701 ASN A CG  1 
ATOM   849  O OD1 . ASN A 1 110 ? 10.526  -4.001  2.261   1.00 28.85 ? 701 ASN A OD1 1 
ATOM   850  N ND2 . ASN A 1 110 ? 12.491  -5.052  2.543   1.00 32.20 ? 701 ASN A ND2 1 
ATOM   851  N N   . ILE A 1 111 ? 8.875   -3.325  -0.844  1.00 28.50 ? 702 ILE A N   1 
ATOM   852  C CA  . ILE A 1 111 ? 7.648   -2.506  -0.815  1.00 30.70 ? 702 ILE A CA  1 
ATOM   853  C C   . ILE A 1 111 ? 7.325   -1.864  0.527   1.00 29.84 ? 702 ILE A C   1 
ATOM   854  O O   . ILE A 1 111 ? 6.990   -0.677  0.593   1.00 29.81 ? 702 ILE A O   1 
ATOM   855  C CB  . ILE A 1 111 ? 6.403   -3.316  -1.280  1.00 31.65 ? 702 ILE A CB  1 
ATOM   856  C CG1 . ILE A 1 111 ? 6.661   -3.938  -2.659  1.00 34.24 ? 702 ILE A CG1 1 
ATOM   857  C CG2 . ILE A 1 111 ? 5.167   -2.401  -1.327  1.00 32.13 ? 702 ILE A CG2 1 
ATOM   858  C CD1 . ILE A 1 111 ? 7.196   -2.968  -3.704  1.00 32.56 ? 702 ILE A CD1 1 
ATOM   859  N N   . GLY A 1 112 ? 7.407   -2.646  1.595   1.00 30.18 ? 703 GLY A N   1 
ATOM   860  C CA  . GLY A 1 112 ? 7.108   -2.113  2.908   1.00 29.86 ? 703 GLY A CA  1 
ATOM   861  C C   . GLY A 1 112 ? 8.054   -0.988  3.268   1.00 30.80 ? 703 GLY A C   1 
ATOM   862  O O   . GLY A 1 112 ? 7.643   0.038   3.812   1.00 31.28 ? 703 GLY A O   1 
ATOM   863  N N   . LEU A 1 113 ? 9.331   -1.180  2.962   1.00 31.83 ? 704 LEU A N   1 
ATOM   864  C CA  . LEU A 1 113 ? 10.351  -0.179  3.258   1.00 33.21 ? 704 LEU A CA  1 
ATOM   865  C C   . LEU A 1 113 ? 10.138  1.113   2.457   1.00 32.96 ? 704 LEU A C   1 
ATOM   866  O O   . LEU A 1 113 ? 10.262  2.209   3.002   1.00 33.74 ? 704 LEU A O   1 
ATOM   867  C CB  . LEU A 1 113 ? 11.737  -0.749  2.947   1.00 35.23 ? 704 LEU A CB  1 
ATOM   868  C CG  . LEU A 1 113 ? 12.938  -0.004  3.520   1.00 42.06 ? 704 LEU A CG  1 
ATOM   869  C CD1 . LEU A 1 113 ? 12.912  -0.119  5.047   1.00 42.47 ? 704 LEU A CD1 1 
ATOM   870  C CD2 . LEU A 1 113 ? 14.234  -0.606  2.958   1.00 44.24 ? 704 LEU A CD2 1 
ATOM   871  N N   . ARG A 1 114 ? 9.844   0.980   1.165   1.00 31.35 ? 705 ARG A N   1 
ATOM   872  C CA  . ARG A 1 114 ? 9.621   2.145   0.319   1.00 32.15 ? 705 ARG A CA  1 
ATOM   873  C C   . ARG A 1 114 ? 8.373   2.890   0.789   1.00 33.17 ? 705 ARG A C   1 
ATOM   874  O O   . ARG A 1 114 ? 8.326   4.121   0.762   1.00 31.66 ? 705 ARG A O   1 
ATOM   875  C CB  . ARG A 1 114 ? 9.439   1.724   -1.145  1.00 32.68 ? 705 ARG A CB  1 
ATOM   876  C CG  . ARG A 1 114 ? 10.660  1.018   -1.763  1.00 36.94 ? 705 ARG A CG  1 
ATOM   877  C CD  . ARG A 1 114 ? 11.938  1.811   -1.521  1.00 38.73 ? 705 ARG A CD  1 
ATOM   878  N NE  . ARG A 1 114 ? 11.916  3.144   -2.128  1.00 41.05 ? 705 ARG A NE  1 
ATOM   879  C CZ  . ARG A 1 114 ? 12.268  3.412   -3.387  1.00 43.15 ? 705 ARG A CZ  1 
ATOM   880  N NH1 . ARG A 1 114 ? 12.669  2.442   -4.197  1.00 43.71 ? 705 ARG A NH1 1 
ATOM   881  N NH2 . ARG A 1 114 ? 12.249  4.663   -3.833  1.00 42.13 ? 705 ARG A NH2 1 
ATOM   882  N N   . PHE A 1 115 ? 7.364   2.129   1.210   1.00 29.91 ? 706 PHE A N   1 
ATOM   883  C CA  . PHE A 1 115 ? 6.112   2.705   1.689   1.00 31.26 ? 706 PHE A CA  1 
ATOM   884  C C   . PHE A 1 115 ? 6.353   3.532   2.949   1.00 30.52 ? 706 PHE A C   1 
ATOM   885  O O   . PHE A 1 115 ? 5.856   4.656   3.074   1.00 31.71 ? 706 PHE A O   1 
ATOM   886  C CB  . PHE A 1 115 ? 5.099   1.594   1.984   1.00 28.09 ? 706 PHE A CB  1 
ATOM   887  C CG  . PHE A 1 115 ? 3.720   2.103   2.291   1.00 28.26 ? 706 PHE A CG  1 
ATOM   888  C CD1 . PHE A 1 115 ? 2.812   2.330   1.270   1.00 25.50 ? 706 PHE A CD1 1 
ATOM   889  C CD2 . PHE A 1 115 ? 3.338   2.363   3.603   1.00 29.46 ? 706 PHE A CD2 1 
ATOM   890  C CE1 . PHE A 1 115 ? 1.519   2.811   1.546   1.00 28.38 ? 706 PHE A CE1 1 
ATOM   891  C CE2 . PHE A 1 115 ? 2.054   2.844   3.896   1.00 29.25 ? 706 PHE A CE2 1 
ATOM   892  C CZ  . PHE A 1 115 ? 1.145   3.065   2.860   1.00 28.14 ? 706 PHE A CZ  1 
ATOM   893  N N   . LEU A 1 116 ? 7.113   2.979   3.889   1.00 31.21 ? 707 LEU A N   1 
ATOM   894  C CA  . LEU A 1 116 ? 7.413   3.695   5.118   1.00 32.03 ? 707 LEU A CA  1 
ATOM   895  C C   . LEU A 1 116 ? 8.289   4.916   4.845   1.00 33.31 ? 707 LEU A C   1 
ATOM   896  O O   . LEU A 1 116 ? 8.183   5.933   5.536   1.00 33.52 ? 707 LEU A O   1 
ATOM   897  C CB  . LEU A 1 116 ? 8.093   2.767   6.124   1.00 34.14 ? 707 LEU A CB  1 
ATOM   898  C CG  . LEU A 1 116 ? 7.201   1.712   6.782   1.00 34.11 ? 707 LEU A CG  1 
ATOM   899  C CD1 . LEU A 1 116 ? 8.044   0.864   7.702   1.00 37.05 ? 707 LEU A CD1 1 
ATOM   900  C CD2 . LEU A 1 116 ? 6.068   2.387   7.564   1.00 37.02 ? 707 LEU A CD2 1 
ATOM   901  N N   . LYS A 1 117 ? 9.148   4.822   3.833   1.00 34.03 ? 708 LYS A N   1 
ATOM   902  C CA  . LYS A 1 117 ? 10.015  5.948   3.475   1.00 35.85 ? 708 LYS A CA  1 
ATOM   903  C C   . LYS A 1 117 ? 9.155   7.111   2.982   1.00 34.67 ? 708 LYS A C   1 
ATOM   904  O O   . LYS A 1 117 ? 9.375   8.262   3.364   1.00 35.06 ? 708 LYS A O   1 
ATOM   905  C CB  . LYS A 1 117 ? 11.009  5.553   2.369   1.00 38.64 ? 708 LYS A CB  1 
ATOM   906  C CG  . LYS A 1 117 ? 12.342  5.001   2.871   1.00 45.13 ? 708 LYS A CG  1 
ATOM   907  C CD  . LYS A 1 117 ? 13.310  4.777   1.704   1.00 49.63 ? 708 LYS A CD  1 
ATOM   908  C CE  . LYS A 1 117 ? 14.712  4.419   2.181   1.00 51.61 ? 708 LYS A CE  1 
ATOM   909  N NZ  . LYS A 1 117 ? 14.758  3.086   2.840   1.00 55.67 ? 708 LYS A NZ  1 
ATOM   910  N N   . VAL A 1 118 ? 8.184   6.805   2.127   1.00 32.87 ? 709 VAL A N   1 
ATOM   911  C CA  . VAL A 1 118 ? 7.292   7.821   1.590   1.00 31.81 ? 709 VAL A CA  1 
ATOM   912  C C   . VAL A 1 118 ? 6.457   8.433   2.712   1.00 33.07 ? 709 VAL A C   1 
ATOM   913  O O   . VAL A 1 118 ? 6.223   9.645   2.729   1.00 31.08 ? 709 VAL A O   1 
ATOM   914  C CB  . VAL A 1 118 ? 6.361   7.233   0.516   1.00 32.97 ? 709 VAL A CB  1 
ATOM   915  C CG1 . VAL A 1 118 ? 5.249   8.226   0.191   1.00 31.90 ? 709 VAL A CG1 1 
ATOM   916  C CG2 . VAL A 1 118 ? 7.165   6.906   -0.742  1.00 33.65 ? 709 VAL A CG2 1 
ATOM   917  N N   . ILE A 1 119 ? 6.015   7.604   3.657   1.00 31.11 ? 710 ILE A N   1 
ATOM   918  C CA  . ILE A 1 119 ? 5.238   8.122   4.778   1.00 32.71 ? 710 ILE A CA  1 
ATOM   919  C C   . ILE A 1 119 ? 6.060   9.163   5.534   1.00 33.81 ? 710 ILE A C   1 
ATOM   920  O O   . ILE A 1 119 ? 5.534   10.206  5.931   1.00 34.68 ? 710 ILE A O   1 
ATOM   921  C CB  . ILE A 1 119 ? 4.817   6.997   5.762   1.00 32.62 ? 710 ILE A CB  1 
ATOM   922  C CG1 . ILE A 1 119 ? 3.757   6.096   5.121   1.00 31.58 ? 710 ILE A CG1 1 
ATOM   923  C CG2 . ILE A 1 119 ? 4.267   7.610   7.047   1.00 35.37 ? 710 ILE A CG2 1 
ATOM   924  C CD1 . ILE A 1 119 ? 2.440   6.815   4.792   1.00 33.91 ? 710 ILE A CD1 1 
ATOM   925  N N   . ASP A 1 120 ? 7.350   8.897   5.724   1.00 35.06 ? 711 ASP A N   1 
ATOM   926  C CA  . ASP A 1 120 ? 8.217   9.847   6.431   1.00 38.77 ? 711 ASP A CA  1 
ATOM   927  C C   . ASP A 1 120 ? 8.321   11.167  5.673   1.00 39.63 ? 711 ASP A C   1 
ATOM   928  O O   . ASP A 1 120 ? 8.223   12.247  6.265   1.00 40.86 ? 711 ASP A O   1 
ATOM   929  C CB  . ASP A 1 120 ? 9.628   9.276   6.628   1.00 41.08 ? 711 ASP A CB  1 
ATOM   930  C CG  . ASP A 1 120 ? 9.676   8.170   7.670   1.00 42.88 ? 711 ASP A CG  1 
ATOM   931  O OD1 . ASP A 1 120 ? 8.826   8.169   8.581   1.00 44.52 ? 711 ASP A OD1 1 
ATOM   932  O OD2 . ASP A 1 120 ? 10.581  7.312   7.586   1.00 45.27 ? 711 ASP A OD2 1 
ATOM   933  N N   . ILE A 1 121 ? 8.523   11.078  4.361   1.00 39.03 ? 712 ILE A N   1 
ATOM   934  C CA  . ILE A 1 121 ? 8.628   12.272  3.527   1.00 38.15 ? 712 ILE A CA  1 
ATOM   935  C C   . ILE A 1 121 ? 7.314   13.052  3.552   1.00 38.89 ? 712 ILE A C   1 
ATOM   936  O O   . ILE A 1 121 ? 7.318   14.273  3.705   1.00 39.22 ? 712 ILE A O   1 
ATOM   937  C CB  . ILE A 1 121 ? 8.963   11.905  2.076   1.00 38.07 ? 712 ILE A CB  1 
ATOM   938  C CG1 . ILE A 1 121 ? 10.319  11.195  2.026   1.00 36.98 ? 712 ILE A CG1 1 
ATOM   939  C CG2 . ILE A 1 121 ? 8.969   13.155  1.207   1.00 37.69 ? 712 ILE A CG2 1 
ATOM   940  C CD1 . ILE A 1 121 ? 10.704  10.698  0.660   1.00 36.00 ? 712 ILE A CD1 1 
ATOM   941  N N   . VAL A 1 122 ? 6.195   12.343  3.410   1.00 39.27 ? 713 VAL A N   1 
ATOM   942  C CA  . VAL A 1 122 ? 4.878   12.976  3.424   1.00 40.12 ? 713 VAL A CA  1 
ATOM   943  C C   . VAL A 1 122 ? 4.611   13.695  4.743   1.00 43.61 ? 713 VAL A C   1 
ATOM   944  O O   . VAL A 1 122 ? 4.310   14.889  4.757   1.00 41.79 ? 713 VAL A O   1 
ATOM   945  C CB  . VAL A 1 122 ? 3.748   11.937  3.186   1.00 40.45 ? 713 VAL A CB  1 
ATOM   946  C CG1 . VAL A 1 122 ? 2.379   12.558  3.489   1.00 40.75 ? 713 VAL A CG1 1 
ATOM   947  C CG2 . VAL A 1 122 ? 3.779   11.461  1.750   1.00 37.78 ? 713 VAL A CG2 1 
ATOM   948  N N   . THR A 1 123 ? 4.718   12.974  5.854   1.00 45.64 ? 714 THR A N   1 
ATOM   949  C CA  . THR A 1 123 ? 4.459   13.588  7.152   1.00 48.15 ? 714 THR A CA  1 
ATOM   950  C C   . THR A 1 123 ? 5.440   14.721  7.438   1.00 49.85 ? 714 THR A C   1 
ATOM   951  O O   . THR A 1 123 ? 5.105   15.674  8.143   1.00 51.11 ? 714 THR A O   1 
ATOM   952  C CB  . THR A 1 123 ? 4.517   12.541  8.285   1.00 48.70 ? 714 THR A CB  1 
ATOM   953  O OG1 . THR A 1 123 ? 5.819   11.951  8.335   1.00 48.74 ? 714 THR A OG1 1 
ATOM   954  C CG2 . THR A 1 123 ? 3.482   11.447  8.044   1.00 49.94 ? 714 THR A CG2 1 
ATOM   955  N N   . ASN A 1 124 ? 6.646   14.628  6.883   1.00 51.39 ? 715 ASN A N   1 
ATOM   956  C CA  . ASN A 1 124 ? 7.649   15.673  7.083   1.00 53.24 ? 715 ASN A CA  1 
ATOM   957  C C   . ASN A 1 124 ? 7.355   16.904  6.229   1.00 53.60 ? 715 ASN A C   1 
ATOM   958  O O   . ASN A 1 124 ? 7.517   18.037  6.684   1.00 53.71 ? 715 ASN A O   1 
ATOM   959  C CB  . ASN A 1 124 ? 9.048   15.149  6.751   1.00 55.19 ? 715 ASN A CB  1 
ATOM   960  C CG  . ASN A 1 124 ? 9.603   14.238  7.835   1.00 57.66 ? 715 ASN A CG  1 
ATOM   961  O OD1 . ASN A 1 124 ? 10.701  13.691  7.697   1.00 58.80 ? 715 ASN A OD1 1 
ATOM   962  N ND2 . ASN A 1 124 ? 8.851   14.072  8.922   1.00 57.46 ? 715 ASN A ND2 1 
ATOM   963  N N   . THR A 1 125 ? 6.942   16.675  4.986   1.00 52.56 ? 716 THR A N   1 
ATOM   964  C CA  . THR A 1 125 ? 6.614   17.762  4.077   1.00 52.86 ? 716 THR A CA  1 
ATOM   965  C C   . THR A 1 125 ? 5.409   18.494  4.647   1.00 53.87 ? 716 THR A C   1 
ATOM   966  O O   . THR A 1 125 ? 5.311   19.724  4.582   1.00 53.82 ? 716 THR A O   1 
ATOM   967  C CB  . THR A 1 125 ? 6.259   17.222  2.681   1.00 52.50 ? 716 THR A CB  1 
ATOM   968  O OG1 . THR A 1 125 ? 7.440   16.700  2.063   1.00 52.41 ? 716 THR A OG1 1 
ATOM   969  C CG2 . THR A 1 125 ? 5.671   18.322  1.805   1.00 52.12 ? 716 THR A CG2 1 
ATOM   970  N N   . LEU A 1 126 ? 4.500   17.711  5.212   1.00 54.76 ? 717 LEU A N   1 
ATOM   971  C CA  . LEU A 1 126 ? 3.280   18.215  5.817   1.00 57.28 ? 717 LEU A CA  1 
ATOM   972  C C   . LEU A 1 126 ? 3.592   19.221  6.915   1.00 59.04 ? 717 LEU A C   1 
ATOM   973  O O   . LEU A 1 126 ? 3.240   20.398  6.816   1.00 59.63 ? 717 LEU A O   1 
ATOM   974  C CB  . LEU A 1 126 ? 2.485   17.048  6.404   1.00 56.72 ? 717 LEU A CB  1 
ATOM   975  C CG  . LEU A 1 126 ? 1.108   17.331  7.000   1.00 58.18 ? 717 LEU A CG  1 
ATOM   976  C CD1 . LEU A 1 126 ? 0.172   17.834  5.914   1.00 58.13 ? 717 LEU A CD1 1 
ATOM   977  C CD2 . LEU A 1 126 ? 0.558   16.053  7.620   1.00 58.70 ? 717 LEU A CD2 1 
ATOM   978  N N   . GLN A 1 127 ? 4.265   18.750  7.958   1.00 59.94 ? 718 GLN A N   1 
ATOM   979  C CA  . GLN A 1 127 ? 4.613   19.597  9.091   1.00 60.88 ? 718 GLN A CA  1 
ATOM   980  C C   . GLN A 1 127 ? 5.353   20.872  8.695   1.00 60.58 ? 718 GLN A C   1 
ATOM   981  O O   . GLN A 1 127 ? 5.404   21.827  9.470   1.00 60.72 ? 718 GLN A O   1 
ATOM   982  C CB  . GLN A 1 127 ? 5.439   18.800  10.107  1.00 61.62 ? 718 GLN A CB  1 
ATOM   983  C CG  . GLN A 1 127 ? 4.678   17.616  10.700  1.00 62.61 ? 718 GLN A CG  1 
ATOM   984  C CD  . GLN A 1 127 ? 5.432   16.932  11.822  1.00 63.64 ? 718 GLN A CD  1 
ATOM   985  O OE1 . GLN A 1 127 ? 6.526   16.398  11.622  1.00 63.80 ? 718 GLN A OE1 1 
ATOM   986  N NE2 . GLN A 1 127 ? 4.849   16.945  13.017  1.00 64.10 ? 718 GLN A NE2 1 
ATOM   987  N N   . GLN A 1 128 ? 5.913   20.891  7.489   1.00 59.17 ? 719 GLN A N   1 
ATOM   988  C CA  . GLN A 1 128 ? 6.637   22.067  7.011   1.00 58.53 ? 719 GLN A CA  1 
ATOM   989  C C   . GLN A 1 128 ? 5.773   22.974  6.137   1.00 57.87 ? 719 GLN A C   1 
ATOM   990  O O   . GLN A 1 128 ? 6.211   24.051  5.721   1.00 59.03 ? 719 GLN A O   1 
ATOM   991  C CB  . GLN A 1 128 ? 7.880   21.645  6.229   1.00 58.57 ? 719 GLN A CB  1 
ATOM   992  C CG  . GLN A 1 128 ? 9.038   21.188  7.104   1.00 60.68 ? 719 GLN A CG  1 
ATOM   993  C CD  . GLN A 1 128 ? 10.232  20.723  6.293   1.00 61.51 ? 719 GLN A CD  1 
ATOM   994  O OE1 . GLN A 1 128 ? 10.707  21.429  5.403   1.00 63.73 ? 719 GLN A OE1 1 
ATOM   995  N NE2 . GLN A 1 128 ? 10.727  19.532  6.599   1.00 62.18 ? 719 GLN A NE2 1 
ATOM   996  N N   . ASP A 1 129 ? 4.550   22.536  5.859   1.00 55.20 ? 720 ASP A N   1 
ATOM   997  C CA  . ASP A 1 129 ? 3.623   23.309  5.037   1.00 52.95 ? 720 ASP A CA  1 
ATOM   998  C C   . ASP A 1 129 ? 2.809   24.208  5.967   1.00 50.98 ? 720 ASP A C   1 
ATOM   999  O O   . ASP A 1 129 ? 2.052   23.721  6.803   1.00 50.58 ? 720 ASP A O   1 
ATOM   1000 C CB  . ASP A 1 129 ? 2.690   22.362  4.273   1.00 53.12 ? 720 ASP A CB  1 
ATOM   1001 C CG  . ASP A 1 129 ? 1.831   23.082  3.247   1.00 53.65 ? 720 ASP A CG  1 
ATOM   1002 O OD1 . ASP A 1 129 ? 1.336   24.191  3.549   1.00 51.85 ? 720 ASP A OD1 1 
ATOM   1003 O OD2 . ASP A 1 129 ? 1.639   22.529  2.140   1.00 51.56 ? 720 ASP A OD2 1 
ATOM   1004 N N   . PRO A 1 130 ? 2.961   25.535  5.835   1.00 50.43 ? 721 PRO A N   1 
ATOM   1005 C CA  . PRO A 1 130 ? 2.228   26.480  6.682   1.00 49.90 ? 721 PRO A CA  1 
ATOM   1006 C C   . PRO A 1 130 ? 0.715   26.271  6.681   1.00 49.83 ? 721 PRO A C   1 
ATOM   1007 O O   . PRO A 1 130 ? 0.051   26.525  7.687   1.00 50.59 ? 721 PRO A O   1 
ATOM   1008 C CB  . PRO A 1 130 ? 2.626   27.838  6.107   1.00 49.54 ? 721 PRO A CB  1 
ATOM   1009 C CG  . PRO A 1 130 ? 4.017   27.594  5.631   1.00 52.08 ? 721 PRO A CG  1 
ATOM   1010 C CD  . PRO A 1 130 ? 3.890   26.250  4.942   1.00 49.49 ? 721 PRO A CD  1 
ATOM   1011 N N   . TYR A 1 131 ? 0.176   25.804  5.556   1.00 47.87 ? 722 TYR A N   1 
ATOM   1012 C CA  . TYR A 1 131 ? -1.261  25.576  5.442   1.00 48.00 ? 722 TYR A CA  1 
ATOM   1013 C C   . TYR A 1 131 ? -1.657  24.108  5.534   1.00 49.02 ? 722 TYR A C   1 
ATOM   1014 O O   . TYR A 1 131 ? -2.829  23.773  5.384   1.00 48.16 ? 722 TYR A O   1 
ATOM   1015 C CB  . TYR A 1 131 ? -1.791  26.157  4.127   1.00 44.24 ? 722 TYR A CB  1 
ATOM   1016 C CG  . TYR A 1 131 ? -1.666  27.659  4.045   1.00 42.21 ? 722 TYR A CG  1 
ATOM   1017 C CD1 . TYR A 1 131 ? -0.487  28.261  3.605   1.00 39.02 ? 722 TYR A CD1 1 
ATOM   1018 C CD2 . TYR A 1 131 ? -2.712  28.480  4.459   1.00 41.11 ? 722 TYR A CD2 1 
ATOM   1019 C CE1 . TYR A 1 131 ? -0.351  29.651  3.583   1.00 39.69 ? 722 TYR A CE1 1 
ATOM   1020 C CE2 . TYR A 1 131 ? -2.589  29.863  4.445   1.00 39.56 ? 722 TYR A CE2 1 
ATOM   1021 C CZ  . TYR A 1 131 ? -1.407  30.442  4.009   1.00 40.84 ? 722 TYR A CZ  1 
ATOM   1022 O OH  . TYR A 1 131 ? -1.282  31.812  4.022   1.00 38.52 ? 722 TYR A OH  1 
ATOM   1023 N N   . ALA A 1 132 ? -0.680  23.242  5.781   1.00 51.90 ? 723 ALA A N   1 
ATOM   1024 C CA  . ALA A 1 132 ? -0.934  21.806  5.892   1.00 53.74 ? 723 ALA A CA  1 
ATOM   1025 C C   . ALA A 1 132 ? -2.168  21.532  6.742   1.00 54.13 ? 723 ALA A C   1 
ATOM   1026 O O   . ALA A 1 132 ? -3.057  20.786  6.345   1.00 54.54 ? 723 ALA A O   1 
ATOM   1027 C CB  . ALA A 1 132 ? 0.276   21.111  6.500   1.00 54.62 ? 723 ALA A CB  1 
ATOM   1028 N N   . VAL A 1 133 ? -2.211  22.146  7.919   1.00 55.49 ? 724 VAL A N   1 
ATOM   1029 C CA  . VAL A 1 133 ? -3.328  21.976  8.838   1.00 56.23 ? 724 VAL A CA  1 
ATOM   1030 C C   . VAL A 1 133 ? -4.675  22.369  8.230   1.00 55.74 ? 724 VAL A C   1 
ATOM   1031 O O   . VAL A 1 133 ? -5.712  21.833  8.611   1.00 55.43 ? 724 VAL A O   1 
ATOM   1032 C CB  . VAL A 1 133 ? -3.102  22.795  10.127  1.00 58.12 ? 724 VAL A CB  1 
ATOM   1033 C CG1 . VAL A 1 133 ? -2.000  22.161  10.962  1.00 59.06 ? 724 VAL A CG1 1 
ATOM   1034 C CG2 . VAL A 1 133 ? -2.723  24.229  9.770   1.00 59.39 ? 724 VAL A CG2 1 
ATOM   1035 N N   . GLN A 1 134 ? -4.656  23.295  7.277   1.00 55.39 ? 725 GLN A N   1 
ATOM   1036 C CA  . GLN A 1 134 ? -5.886  23.757  6.635   1.00 54.98 ? 725 GLN A CA  1 
ATOM   1037 C C   . GLN A 1 134 ? -6.489  22.771  5.635   1.00 54.78 ? 725 GLN A C   1 
ATOM   1038 O O   . GLN A 1 134 ? -7.671  22.877  5.294   1.00 54.40 ? 725 GLN A O   1 
ATOM   1039 C CB  . GLN A 1 134 ? -5.641  25.098  5.937   1.00 55.97 ? 725 GLN A CB  1 
ATOM   1040 C CG  . GLN A 1 134 ? -5.149  26.194  6.866   1.00 57.35 ? 725 GLN A CG  1 
ATOM   1041 C CD  . GLN A 1 134 ? -6.036  26.358  8.084   1.00 58.79 ? 725 GLN A CD  1 
ATOM   1042 O OE1 . GLN A 1 134 ? -7.249  26.539  7.963   1.00 58.75 ? 725 GLN A OE1 1 
ATOM   1043 N NE2 . GLN A 1 134 ? -5.434  26.293  9.266   1.00 59.05 ? 725 GLN A NE2 1 
ATOM   1044 N N   . ASP A 1 135 ? -5.688  21.821  5.156   1.00 53.82 ? 726 ASP A N   1 
ATOM   1045 C CA  . ASP A 1 135 ? -6.188  20.830  4.206   1.00 53.46 ? 726 ASP A CA  1 
ATOM   1046 C C   . ASP A 1 135 ? -6.777  19.651  4.980   1.00 53.60 ? 726 ASP A C   1 
ATOM   1047 O O   . ASP A 1 135 ? -6.118  18.626  5.175   1.00 52.21 ? 726 ASP A O   1 
ATOM   1048 C CB  . ASP A 1 135 ? -5.064  20.327  3.296   1.00 53.86 ? 726 ASP A CB  1 
ATOM   1049 C CG  . ASP A 1 135 ? -5.586  19.488  2.141   1.00 53.73 ? 726 ASP A CG  1 
ATOM   1050 O OD1 . ASP A 1 135 ? -6.688  18.910  2.273   1.00 53.34 ? 726 ASP A OD1 1 
ATOM   1051 O OD2 . ASP A 1 135 ? -4.891  19.400  1.105   1.00 53.83 ? 726 ASP A OD2 1 
ATOM   1052 N N   . ASP A 1 136 ? -8.026  19.811  5.405   1.00 52.81 ? 727 ASP A N   1 
ATOM   1053 C CA  . ASP A 1 136 ? -8.754  18.809  6.175   1.00 53.22 ? 727 ASP A CA  1 
ATOM   1054 C C   . ASP A 1 136 ? -8.940  17.475  5.448   1.00 51.42 ? 727 ASP A C   1 
ATOM   1055 O O   . ASP A 1 136 ? -8.855  16.409  6.059   1.00 48.87 ? 727 ASP A O   1 
ATOM   1056 C CB  . ASP A 1 136 ? -10.120 19.395  6.571   1.00 57.49 ? 727 ASP A CB  1 
ATOM   1057 C CG  . ASP A 1 136 ? -10.959 18.444  7.411   1.00 61.13 ? 727 ASP A CG  1 
ATOM   1058 O OD1 . ASP A 1 136 ? -11.964 18.907  7.991   1.00 64.69 ? 727 ASP A OD1 1 
ATOM   1059 O OD2 . ASP A 1 136 ? -10.636 17.243  7.493   1.00 63.72 ? 727 ASP A OD2 1 
ATOM   1060 N N   . GLU A 1 137 ? -9.199  17.531  4.148   1.00 49.23 ? 728 GLU A N   1 
ATOM   1061 C CA  . GLU A 1 137 ? -9.404  16.311  3.376   1.00 49.20 ? 728 GLU A CA  1 
ATOM   1062 C C   . GLU A 1 137 ? -8.139  15.453  3.334   1.00 46.42 ? 728 GLU A C   1 
ATOM   1063 O O   . GLU A 1 137 ? -8.159  14.286  3.726   1.00 45.95 ? 728 GLU A O   1 
ATOM   1064 C CB  . GLU A 1 137 ? -9.849  16.657  1.952   1.00 51.00 ? 728 GLU A CB  1 
ATOM   1065 C CG  . GLU A 1 137 ? -9.972  15.452  1.032   1.00 56.30 ? 728 GLU A CG  1 
ATOM   1066 C CD  . GLU A 1 137 ? -10.861 15.721  -0.171  1.00 59.41 ? 728 GLU A CD  1 
ATOM   1067 O OE1 . GLU A 1 137 ? -10.655 16.749  -0.851  1.00 61.88 ? 728 GLU A OE1 1 
ATOM   1068 O OE2 . GLU A 1 137 ? -11.766 14.900  -0.434  1.00 61.08 ? 728 GLU A OE2 1 
ATOM   1069 N N   . THR A 1 138 ? -7.047  16.050  2.870   1.00 43.66 ? 729 THR A N   1 
ATOM   1070 C CA  . THR A 1 138 ? -5.758  15.376  2.761   1.00 41.27 ? 729 THR A CA  1 
ATOM   1071 C C   . THR A 1 138 ? -5.309  14.815  4.104   1.00 41.68 ? 729 THR A C   1 
ATOM   1072 O O   . THR A 1 138 ? -4.916  13.654  4.201   1.00 39.97 ? 729 THR A O   1 
ATOM   1073 C CB  . THR A 1 138 ? -4.681  16.354  2.237   1.00 41.28 ? 729 THR A CB  1 
ATOM   1074 O OG1 . THR A 1 138 ? -5.048  16.791  0.926   1.00 41.00 ? 729 THR A OG1 1 
ATOM   1075 C CG2 . THR A 1 138 ? -3.319  15.688  2.177   1.00 40.19 ? 729 THR A CG2 1 
ATOM   1076 N N   . LEU A 1 139 ? -5.370  15.645  5.138   1.00 40.94 ? 730 LEU A N   1 
ATOM   1077 C CA  . LEU A 1 139 ? -4.968  15.221  6.473   1.00 40.89 ? 730 LEU A CA  1 
ATOM   1078 C C   . LEU A 1 139 ? -5.820  14.038  6.938   1.00 38.54 ? 730 LEU A C   1 
ATOM   1079 O O   . LEU A 1 139 ? -5.317  13.118  7.570   1.00 39.37 ? 730 LEU A O   1 
ATOM   1080 C CB  . LEU A 1 139 ? -5.093  16.395  7.451   1.00 42.41 ? 730 LEU A CB  1 
ATOM   1081 C CG  . LEU A 1 139 ? -4.368  16.286  8.792   1.00 44.03 ? 730 LEU A CG  1 
ATOM   1082 C CD1 . LEU A 1 139 ? -2.945  15.791  8.587   1.00 44.22 ? 730 LEU A CD1 1 
ATOM   1083 C CD2 . LEU A 1 139 ? -4.366  17.655  9.464   1.00 45.25 ? 730 LEU A CD2 1 
ATOM   1084 N N   . GLY A 1 140 ? -7.108  14.060  6.609   1.00 38.35 ? 731 GLY A N   1 
ATOM   1085 C CA  . GLY A 1 140 ? -7.992  12.972  6.992   1.00 36.91 ? 731 GLY A CA  1 
ATOM   1086 C C   . GLY A 1 140 ? -7.617  11.664  6.307   1.00 37.89 ? 731 GLY A C   1 
ATOM   1087 O O   . GLY A 1 140 ? -7.623  10.597  6.924   1.00 36.71 ? 731 GLY A O   1 
ATOM   1088 N N   . VAL A 1 141 ? -7.283  11.725  5.022   1.00 36.62 ? 732 VAL A N   1 
ATOM   1089 C CA  . VAL A 1 141 ? -6.910  10.501  4.328   1.00 35.15 ? 732 VAL A CA  1 
ATOM   1090 C C   . VAL A 1 141 ? -5.610  9.952   4.923   1.00 33.31 ? 732 VAL A C   1 
ATOM   1091 O O   . VAL A 1 141 ? -5.497  8.760   5.177   1.00 34.81 ? 732 VAL A O   1 
ATOM   1092 C CB  . VAL A 1 141 ? -6.745  10.743  2.812   1.00 36.86 ? 732 VAL A CB  1 
ATOM   1093 C CG1 . VAL A 1 141 ? -6.341  9.443   2.121   1.00 34.86 ? 732 VAL A CG1 1 
ATOM   1094 C CG2 . VAL A 1 141 ? -8.060  11.254  2.226   1.00 37.02 ? 732 VAL A CG2 1 
ATOM   1095 N N   . LEU A 1 142 ? -4.641  10.830  5.162   1.00 31.48 ? 733 LEU A N   1 
ATOM   1096 C CA  . LEU A 1 142 ? -3.363  10.422  5.737   1.00 31.16 ? 733 LEU A CA  1 
ATOM   1097 C C   . LEU A 1 142 ? -3.534  9.732   7.091   1.00 32.07 ? 733 LEU A C   1 
ATOM   1098 O O   . LEU A 1 142 ? -2.875  8.733   7.368   1.00 31.36 ? 733 LEU A O   1 
ATOM   1099 C CB  . LEU A 1 142 ? -2.435  11.630  5.898   1.00 32.12 ? 733 LEU A CB  1 
ATOM   1100 C CG  . LEU A 1 142 ? -1.077  11.322  6.532   1.00 31.71 ? 733 LEU A CG  1 
ATOM   1101 C CD1 . LEU A 1 142 ? -0.363  10.249  5.687   1.00 35.36 ? 733 LEU A CD1 1 
ATOM   1102 C CD2 . LEU A 1 142 ? -0.241  12.596  6.621   1.00 34.92 ? 733 LEU A CD2 1 
ATOM   1103 N N   . MET A 1 143 ? -4.416  10.255  7.935   1.00 31.38 ? 734 MET A N   1 
ATOM   1104 C CA  . MET A 1 143 ? -4.625  9.645   9.244   1.00 33.38 ? 734 MET A CA  1 
ATOM   1105 C C   . MET A 1 143 ? -5.186  8.236   9.057   1.00 31.78 ? 734 MET A C   1 
ATOM   1106 O O   . MET A 1 143 ? -4.811  7.315   9.772   1.00 32.20 ? 734 MET A O   1 
ATOM   1107 C CB  . MET A 1 143 ? -5.558  10.516  10.089  1.00 35.96 ? 734 MET A CB  1 
ATOM   1108 C CG  . MET A 1 143 ? -4.957  11.876  10.458  1.00 37.44 ? 734 MET A CG  1 
ATOM   1109 S SD  . MET A 1 143 ? -3.518  11.790  11.568  1.00 35.49 ? 734 MET A SD  1 
ATOM   1110 C CE  . MET A 1 143 ? -4.361  11.375  13.100  1.00 40.05 ? 734 MET A CE  1 
ATOM   1111 N N   . TRP A 1 144 ? -6.067  8.062   8.074   1.00 32.92 ? 735 TRP A N   1 
ATOM   1112 C CA  . TRP A 1 144 ? -6.624  6.744   7.792   1.00 31.33 ? 735 TRP A CA  1 
ATOM   1113 C C   . TRP A 1 144 ? -5.498  5.818   7.306   1.00 31.80 ? 735 TRP A C   1 
ATOM   1114 O O   . TRP A 1 144 ? -5.438  4.641   7.664   1.00 31.83 ? 735 TRP A O   1 
ATOM   1115 C CB  . TRP A 1 144 ? -7.695  6.850   6.715   1.00 32.48 ? 735 TRP A CB  1 
ATOM   1116 C CG  . TRP A 1 144 ? -8.207  5.531   6.253   1.00 33.73 ? 735 TRP A CG  1 
ATOM   1117 C CD1 . TRP A 1 144 ? -9.128  4.733   6.880   1.00 35.49 ? 735 TRP A CD1 1 
ATOM   1118 C CD2 . TRP A 1 144 ? -7.817  4.840   5.064   1.00 34.24 ? 735 TRP A CD2 1 
ATOM   1119 N NE1 . TRP A 1 144 ? -9.335  3.587   6.147   1.00 36.31 ? 735 TRP A NE1 1 
ATOM   1120 C CE2 . TRP A 1 144 ? -8.541  3.627   5.029   1.00 34.91 ? 735 TRP A CE2 1 
ATOM   1121 C CE3 . TRP A 1 144 ? -6.923  5.128   4.021   1.00 34.97 ? 735 TRP A CE3 1 
ATOM   1122 C CZ2 . TRP A 1 144 ? -8.400  2.699   3.990   1.00 38.15 ? 735 TRP A CZ2 1 
ATOM   1123 C CZ3 . TRP A 1 144 ? -6.783  4.205   2.987   1.00 35.00 ? 735 TRP A CZ3 1 
ATOM   1124 C CH2 . TRP A 1 144 ? -7.519  3.005   2.981   1.00 35.83 ? 735 TRP A CH2 1 
ATOM   1125 N N   . ILE A 1 145 ? -4.606  6.351   6.479   1.00 29.24 ? 736 ILE A N   1 
ATOM   1126 C CA  . ILE A 1 145 ? -3.486  5.551   5.982   1.00 29.12 ? 736 ILE A CA  1 
ATOM   1127 C C   . ILE A 1 145 ? -2.611  5.072   7.148   1.00 29.68 ? 736 ILE A C   1 
ATOM   1128 O O   . ILE A 1 145 ? -2.263  3.889   7.238   1.00 31.32 ? 736 ILE A O   1 
ATOM   1129 C CB  . ILE A 1 145 ? -2.613  6.373   5.003   1.00 26.40 ? 736 ILE A CB  1 
ATOM   1130 C CG1 . ILE A 1 145 ? -3.384  6.613   3.698   1.00 27.25 ? 736 ILE A CG1 1 
ATOM   1131 C CG2 . ILE A 1 145 ? -1.286  5.633   4.731   1.00 27.03 ? 736 ILE A CG2 1 
ATOM   1132 C CD1 . ILE A 1 145 ? -2.680  7.606   2.745   1.00 26.51 ? 736 ILE A CD1 1 
ATOM   1133 N N   . LEU A 1 146 ? -2.244  5.988   8.035   1.00 30.70 ? 737 LEU A N   1 
ATOM   1134 C CA  . LEU A 1 146 ? -1.417  5.618   9.178   1.00 33.68 ? 737 LEU A CA  1 
ATOM   1135 C C   . LEU A 1 146 ? -2.167  4.558   9.967   1.00 35.55 ? 737 LEU A C   1 
ATOM   1136 O O   . LEU A 1 146 ? -1.587  3.587   10.443  1.00 36.50 ? 737 LEU A O   1 
ATOM   1137 C CB  . LEU A 1 146 ? -1.140  6.841   10.056  1.00 33.28 ? 737 LEU A CB  1 
ATOM   1138 C CG  . LEU A 1 146 ? -0.336  7.951   9.371   1.00 35.00 ? 737 LEU A CG  1 
ATOM   1139 C CD1 . LEU A 1 146 ? -0.193  9.144   10.300  1.00 34.92 ? 737 LEU A CD1 1 
ATOM   1140 C CD2 . LEU A 1 146 ? 1.027   7.419   8.973   1.00 33.71 ? 737 LEU A CD2 1 
ATOM   1141 N N   . ASP A 1 147 ? -3.473  4.757   10.069  1.00 38.96 ? 738 ASP A N   1 
ATOM   1142 C CA  . ASP A 1 147 ? -4.366  3.856   10.780  1.00 40.40 ? 738 ASP A CA  1 
ATOM   1143 C C   . ASP A 1 147 ? -4.255  2.426   10.244  1.00 39.83 ? 738 ASP A C   1 
ATOM   1144 O O   . ASP A 1 147 ? -4.052  1.483   11.008  1.00 39.57 ? 738 ASP A O   1 
ATOM   1145 C CB  . ASP A 1 147 ? -5.796  4.385   10.644  1.00 44.63 ? 738 ASP A CB  1 
ATOM   1146 C CG  . ASP A 1 147 ? -6.686  3.966   11.789  1.00 49.34 ? 738 ASP A CG  1 
ATOM   1147 O OD1 . ASP A 1 147 ? -6.202  3.938   12.942  1.00 51.75 ? 738 ASP A OD1 1 
ATOM   1148 O OD2 . ASP A 1 147 ? -7.876  3.683   11.537  1.00 53.29 ? 738 ASP A OD2 1 
ATOM   1149 N N   . ARG A 1 148 ? -4.379  2.266   8.930   1.00 38.20 ? 739 ARG A N   1 
ATOM   1150 C CA  . ARG A 1 148 ? -4.282  0.949   8.306   1.00 37.51 ? 739 ARG A CA  1 
ATOM   1151 C C   . ARG A 1 148 ? -2.852  0.409   8.365   1.00 37.07 ? 739 ARG A C   1 
ATOM   1152 O O   . ARG A 1 148 ? -2.649  -0.797  8.444   1.00 36.60 ? 739 ARG A O   1 
ATOM   1153 C CB  . ARG A 1 148 ? -4.731  1.015   6.842   1.00 38.80 ? 739 ARG A CB  1 
ATOM   1154 C CG  . ARG A 1 148 ? -6.194  1.389   6.632   1.00 43.81 ? 739 ARG A CG  1 
ATOM   1155 C CD  . ARG A 1 148 ? -7.131  0.229   6.962   1.00 47.48 ? 739 ARG A CD  1 
ATOM   1156 N NE  . ARG A 1 148 ? -7.173  -0.078  8.391   1.00 50.60 ? 739 ARG A NE  1 
ATOM   1157 C CZ  . ARG A 1 148 ? -7.796  0.665   9.302   1.00 53.74 ? 739 ARG A CZ  1 
ATOM   1158 N NH1 . ARG A 1 148 ? -8.440  1.767   8.938   1.00 54.57 ? 739 ARG A NH1 1 
ATOM   1159 N NH2 . ARG A 1 148 ? -7.779  0.306   10.580  1.00 54.99 ? 739 ARG A NH2 1 
ATOM   1160 N N   . SER A 1 149 ? -1.865  1.302   8.322   1.00 35.31 ? 740 SER A N   1 
ATOM   1161 C CA  . SER A 1 149 ? -0.461  0.889   8.371   1.00 36.42 ? 740 SER A CA  1 
ATOM   1162 C C   . SER A 1 149 ? -0.088  0.342   9.757   1.00 37.24 ? 740 SER A C   1 
ATOM   1163 O O   . SER A 1 149 ? 0.700   -0.607  9.877   1.00 37.76 ? 740 SER A O   1 
ATOM   1164 C CB  . SER A 1 149 ? 0.453   2.075   8.024   1.00 35.93 ? 740 SER A CB  1 
ATOM   1165 O OG  . SER A 1 149 ? 0.225   2.529   6.696   1.00 33.75 ? 740 SER A OG  1 
ATOM   1166 N N   . ILE A 1 150 ? -0.654  0.943   10.798  1.00 37.69 ? 741 ILE A N   1 
ATOM   1167 C CA  . ILE A 1 150 ? -0.378  0.511   12.169  1.00 38.50 ? 741 ILE A CA  1 
ATOM   1168 C C   . ILE A 1 150 ? -0.812  -0.942  12.351  1.00 39.26 ? 741 ILE A C   1 
ATOM   1169 O O   . ILE A 1 150 ? -0.229  -1.682  13.143  1.00 39.64 ? 741 ILE A O   1 
ATOM   1170 C CB  . ILE A 1 150 ? -1.116  1.412   13.190  1.00 38.27 ? 741 ILE A CB  1 
ATOM   1171 C CG1 . ILE A 1 150 ? -0.466  2.799   13.215  1.00 38.91 ? 741 ILE A CG1 1 
ATOM   1172 C CG2 . ILE A 1 150 ? -1.065  0.797   14.584  1.00 41.05 ? 741 ILE A CG2 1 
ATOM   1173 C CD1 . ILE A 1 150 ? -1.239  3.837   14.008  1.00 37.91 ? 741 ILE A CD1 1 
ATOM   1174 N N   . HIS A 1 151 ? -1.812  -1.355  11.583  1.00 40.93 ? 742 HIS A N   1 
ATOM   1175 C CA  . HIS A 1 151 ? -2.329  -2.713  11.682  1.00 43.56 ? 742 HIS A CA  1 
ATOM   1176 C C   . HIS A 1 151 ? -1.884  -3.650  10.563  1.00 44.35 ? 742 HIS A C   1 
ATOM   1177 O O   . HIS A 1 151 ? -2.433  -4.741  10.396  1.00 44.89 ? 742 HIS A O   1 
ATOM   1178 C CB  . HIS A 1 151 ? -3.854  -2.660  11.768  1.00 45.50 ? 742 HIS A CB  1 
ATOM   1179 C CG  . HIS A 1 151 ? -4.354  -1.916  12.968  1.00 45.91 ? 742 HIS A CG  1 
ATOM   1180 N ND1 . HIS A 1 151 ? -4.170  -2.372  14.256  1.00 47.46 ? 742 HIS A ND1 1 
ATOM   1181 C CD2 . HIS A 1 151 ? -4.992  -0.726  13.080  1.00 45.67 ? 742 HIS A CD2 1 
ATOM   1182 C CE1 . HIS A 1 151 ? -4.671  -1.496  15.108  1.00 47.45 ? 742 HIS A CE1 1 
ATOM   1183 N NE2 . HIS A 1 151 ? -5.175  -0.488  14.421  1.00 46.43 ? 742 HIS A NE2 1 
ATOM   1184 N N   . ASN A 1 152 ? -0.883  -3.227  9.799   1.00 44.44 ? 743 ASN A N   1 
ATOM   1185 C CA  . ASN A 1 152 ? -0.357  -4.059  8.725   1.00 44.82 ? 743 ASN A CA  1 
ATOM   1186 C C   . ASN A 1 152 ? 0.730   -4.920  9.365   1.00 45.36 ? 743 ASN A C   1 
ATOM   1187 O O   . ASN A 1 152 ? 1.739   -4.399  9.837   1.00 43.23 ? 743 ASN A O   1 
ATOM   1188 C CB  . ASN A 1 152 ? 0.258   -3.193  7.629   1.00 45.42 ? 743 ASN A CB  1 
ATOM   1189 C CG  . ASN A 1 152 ? 0.661   -4.000  6.413   1.00 48.42 ? 743 ASN A CG  1 
ATOM   1190 O OD1 . ASN A 1 152 ? 0.992   -5.186  6.519   1.00 47.35 ? 743 ASN A OD1 1 
ATOM   1191 N ND2 . ASN A 1 152 ? 0.652   -3.359  5.249   1.00 48.14 ? 743 ASN A ND2 1 
ATOM   1192 N N   . GLU A 1 153 ? 0.520   -6.231  9.386   1.00 45.74 ? 744 GLU A N   1 
ATOM   1193 C CA  . GLU A 1 153 ? 1.486   -7.139  9.993   1.00 46.47 ? 744 GLU A CA  1 
ATOM   1194 C C   . GLU A 1 153 ? 2.916   -6.949  9.504   1.00 46.25 ? 744 GLU A C   1 
ATOM   1195 O O   . GLU A 1 153 ? 3.864   -7.210  10.243  1.00 47.36 ? 744 GLU A O   1 
ATOM   1196 C CB  . GLU A 1 153 ? 1.042   -8.589  9.787   1.00 47.57 ? 744 GLU A CB  1 
ATOM   1197 C CG  . GLU A 1 153 ? -0.154  -8.969  10.655  1.00 49.78 ? 744 GLU A CG  1 
ATOM   1198 C CD  . GLU A 1 153 ? -0.572  -10.417 10.488  1.00 53.07 ? 744 GLU A CD  1 
ATOM   1199 O OE1 . GLU A 1 153 ? 0.324   -11.288 10.442  1.00 54.22 ? 744 GLU A OE1 1 
ATOM   1200 O OE2 . GLU A 1 153 ? -1.793  -10.686 10.414  1.00 55.13 ? 744 GLU A OE2 1 
ATOM   1201 N N   . ALA A 1 154 ? 3.073   -6.489  8.267   1.00 44.29 ? 745 ALA A N   1 
ATOM   1202 C CA  . ALA A 1 154 ? 4.399   -6.262  7.709   1.00 43.16 ? 745 ALA A CA  1 
ATOM   1203 C C   . ALA A 1 154 ? 5.107   -5.109  8.421   1.00 42.06 ? 745 ALA A C   1 
ATOM   1204 O O   . ALA A 1 154 ? 6.329   -4.988  8.349   1.00 41.60 ? 745 ALA A O   1 
ATOM   1205 C CB  . ALA A 1 154 ? 4.293   -5.966  6.217   1.00 42.63 ? 745 ALA A CB  1 
ATOM   1206 N N   . PHE A 1 155 ? 4.342   -4.267  9.114   1.00 40.49 ? 746 PHE A N   1 
ATOM   1207 C CA  . PHE A 1 155 ? 4.917   -3.129  9.830   1.00 41.60 ? 746 PHE A CA  1 
ATOM   1208 C C   . PHE A 1 155 ? 4.915   -3.368  11.331  1.00 42.27 ? 746 PHE A C   1 
ATOM   1209 O O   . PHE A 1 155 ? 5.078   -2.443  12.124  1.00 42.23 ? 746 PHE A O   1 
ATOM   1210 C CB  . PHE A 1 155 ? 4.141   -1.841  9.527   1.00 40.29 ? 746 PHE A CB  1 
ATOM   1211 C CG  . PHE A 1 155 ? 4.148   -1.454  8.076   1.00 43.04 ? 746 PHE A CG  1 
ATOM   1212 C CD1 . PHE A 1 155 ? 5.295   -1.622  7.302   1.00 42.27 ? 746 PHE A CD1 1 
ATOM   1213 C CD2 . PHE A 1 155 ? 3.012   -0.909  7.484   1.00 41.42 ? 746 PHE A CD2 1 
ATOM   1214 C CE1 . PHE A 1 155 ? 5.310   -1.256  5.958   1.00 44.37 ? 746 PHE A CE1 1 
ATOM   1215 C CE2 . PHE A 1 155 ? 3.014   -0.539  6.142   1.00 44.13 ? 746 PHE A CE2 1 
ATOM   1216 C CZ  . PHE A 1 155 ? 4.166   -0.713  5.375   1.00 43.80 ? 746 PHE A CZ  1 
ATOM   1217 N N   . MET A 1 156 ? 4.713   -4.624  11.699  1.00 43.66 ? 747 MET A N   1 
ATOM   1218 C CA  . MET A 1 156 ? 4.679   -5.053  13.082  1.00 46.81 ? 747 MET A CA  1 
ATOM   1219 C C   . MET A 1 156 ? 5.720   -4.353  13.961  1.00 46.80 ? 747 MET A C   1 
ATOM   1220 O O   . MET A 1 156 ? 5.384   -3.808  15.014  1.00 45.85 ? 747 MET A O   1 
ATOM   1221 C CB  . MET A 1 156 ? 4.890   -6.567  13.116  1.00 48.77 ? 747 MET A CB  1 
ATOM   1222 C CG  . MET A 1 156 ? 4.868   -7.208  14.482  1.00 53.54 ? 747 MET A CG  1 
ATOM   1223 S SD  . MET A 1 156 ? 4.906   -8.997  14.269  1.00 54.88 ? 747 MET A SD  1 
ATOM   1224 C CE  . MET A 1 156 ? 3.190   -9.277  13.809  1.00 52.87 ? 747 MET A CE  1 
ATOM   1225 N N   . ASN A 1 157 ? 6.975   -4.351  13.520  1.00 47.52 ? 748 ASN A N   1 
ATOM   1226 C CA  . ASN A 1 157 ? 8.052   -3.738  14.296  1.00 49.10 ? 748 ASN A CA  1 
ATOM   1227 C C   . ASN A 1 157 ? 8.209   -2.232  14.123  1.00 49.16 ? 748 ASN A C   1 
ATOM   1228 O O   . ASN A 1 157 ? 9.228   -1.657  14.515  1.00 49.08 ? 748 ASN A O   1 
ATOM   1229 C CB  . ASN A 1 157 ? 9.375   -4.433  13.981  1.00 50.28 ? 748 ASN A CB  1 
ATOM   1230 C CG  . ASN A 1 157 ? 9.324   -5.914  14.271  1.00 52.48 ? 748 ASN A CG  1 
ATOM   1231 O OD1 . ASN A 1 157 ? 8.899   -6.330  15.350  1.00 52.53 ? 748 ASN A OD1 1 
ATOM   1232 N ND2 . ASN A 1 157 ? 9.755   -6.722  13.310  1.00 53.75 ? 748 ASN A ND2 1 
ATOM   1233 N N   . HIS A 1 158 ? 7.198   -1.596  13.546  1.00 47.87 ? 749 HIS A N   1 
ATOM   1234 C CA  . HIS A 1 158 ? 7.216   -0.157  13.333  1.00 47.26 ? 749 HIS A CA  1 
ATOM   1235 C C   . HIS A 1 158 ? 5.920   0.449   13.845  1.00 46.55 ? 749 HIS A C   1 
ATOM   1236 O O   . HIS A 1 158 ? 5.748   1.667   13.841  1.00 45.51 ? 749 HIS A O   1 
ATOM   1237 C CB  . HIS A 1 158 ? 7.381   0.152   11.848  1.00 48.15 ? 749 HIS A CB  1 
ATOM   1238 C CG  . HIS A 1 158 ? 8.802   0.344   11.427  1.00 49.34 ? 749 HIS A CG  1 
ATOM   1239 N ND1 . HIS A 1 158 ? 9.468   1.541   11.581  1.00 50.29 ? 749 HIS A ND1 1 
ATOM   1240 C CD2 . HIS A 1 158 ? 9.687   -0.508  10.858  1.00 50.31 ? 749 HIS A CD2 1 
ATOM   1241 C CE1 . HIS A 1 158 ? 10.700  1.420   11.121  1.00 51.41 ? 749 HIS A CE1 1 
ATOM   1242 N NE2 . HIS A 1 158 ? 10.859  0.185   10.675  1.00 51.57 ? 749 HIS A NE2 1 
ATOM   1243 N N   . ALA A 1 159 ? 5.015   -0.416  14.292  1.00 46.25 ? 750 ALA A N   1 
ATOM   1244 C CA  . ALA A 1 159 ? 3.721   0.018   14.809  1.00 46.99 ? 750 ALA A CA  1 
ATOM   1245 C C   . ALA A 1 159 ? 3.864   1.139   15.833  1.00 46.73 ? 750 ALA A C   1 
ATOM   1246 O O   . ALA A 1 159 ? 3.092   2.099   15.828  1.00 47.03 ? 750 ALA A O   1 
ATOM   1247 C CB  . ALA A 1 159 ? 2.986   -1.167  15.431  1.00 46.91 ? 750 ALA A CB  1 
ATOM   1248 N N   . SER A 1 160 ? 4.853   1.016   16.712  1.00 46.87 ? 751 SER A N   1 
ATOM   1249 C CA  . SER A 1 160 ? 5.072   2.024   17.745  1.00 45.72 ? 751 SER A CA  1 
ATOM   1250 C C   . SER A 1 160 ? 5.414   3.379   17.144  1.00 44.03 ? 751 SER A C   1 
ATOM   1251 O O   . SER A 1 160 ? 4.849   4.400   17.530  1.00 43.29 ? 751 SER A O   1 
ATOM   1252 C CB  . SER A 1 160 ? 6.194   1.582   18.694  1.00 48.10 ? 751 SER A CB  1 
ATOM   1253 O OG  . SER A 1 160 ? 6.439   2.573   19.677  1.00 48.78 ? 751 SER A OG  1 
ATOM   1254 N N   . GLN A 1 161 ? 6.340   3.385   16.195  1.00 44.02 ? 752 GLN A N   1 
ATOM   1255 C CA  . GLN A 1 161 ? 6.744   4.624   15.551  1.00 44.17 ? 752 GLN A CA  1 
ATOM   1256 C C   . GLN A 1 161 ? 5.578   5.231   14.767  1.00 44.00 ? 752 GLN A C   1 
ATOM   1257 O O   . GLN A 1 161 ? 5.451   6.455   14.672  1.00 42.34 ? 752 GLN A O   1 
ATOM   1258 C CB  . GLN A 1 161 ? 7.929   4.370   14.611  1.00 45.73 ? 752 GLN A CB  1 
ATOM   1259 C CG  . GLN A 1 161 ? 9.162   3.763   15.287  1.00 49.17 ? 752 GLN A CG  1 
ATOM   1260 C CD  . GLN A 1 161 ? 9.095   2.242   15.418  1.00 51.75 ? 752 GLN A CD  1 
ATOM   1261 O OE1 . GLN A 1 161 ? 8.203   1.695   16.075  1.00 51.77 ? 752 GLN A OE1 1 
ATOM   1262 N NE2 . GLN A 1 161 ? 10.043  1.553   14.788  1.00 51.12 ? 752 GLN A NE2 1 
ATOM   1263 N N   . LEU A 1 162 ? 4.725   4.375   14.210  1.00 42.43 ? 753 LEU A N   1 
ATOM   1264 C CA  . LEU A 1 162 ? 3.579   4.842   13.435  1.00 42.08 ? 753 LEU A CA  1 
ATOM   1265 C C   . LEU A 1 162 ? 2.536   5.488   14.340  1.00 43.27 ? 753 LEU A C   1 
ATOM   1266 O O   . LEU A 1 162 ? 1.982   6.532   14.003  1.00 42.37 ? 753 LEU A O   1 
ATOM   1267 C CB  . LEU A 1 162 ? 2.956   3.681   12.647  1.00 41.29 ? 753 LEU A CB  1 
ATOM   1268 C CG  . LEU A 1 162 ? 3.804   3.192   11.463  1.00 40.53 ? 753 LEU A CG  1 
ATOM   1269 C CD1 . LEU A 1 162 ? 3.292   1.852   10.948  1.00 38.33 ? 753 LEU A CD1 1 
ATOM   1270 C CD2 . LEU A 1 162 ? 3.784   4.254   10.362  1.00 40.09 ? 753 LEU A CD2 1 
ATOM   1271 N N   . LYS A 1 163 ? 2.273   4.875   15.493  1.00 43.84 ? 754 LYS A N   1 
ATOM   1272 C CA  . LYS A 1 163 ? 1.303   5.431   16.433  1.00 45.24 ? 754 LYS A CA  1 
ATOM   1273 C C   . LYS A 1 163 ? 1.801   6.792   16.903  1.00 44.79 ? 754 LYS A C   1 
ATOM   1274 O O   . LYS A 1 163 ? 1.025   7.732   17.047  1.00 45.25 ? 754 LYS A O   1 
ATOM   1275 C CB  . LYS A 1 163 ? 1.122   4.504   17.637  1.00 46.15 ? 754 LYS A CB  1 
ATOM   1276 C CG  . LYS A 1 163 ? 0.579   3.127   17.288  1.00 46.61 ? 754 LYS A CG  1 
ATOM   1277 C CD  . LYS A 1 163 ? 0.536   2.236   18.524  1.00 47.99 ? 754 LYS A CD  1 
ATOM   1278 C CE  . LYS A 1 163 ? 0.119   0.820   18.162  1.00 49.07 ? 754 LYS A CE  1 
ATOM   1279 N NZ  . LYS A 1 163 ? 0.100   -0.086  19.350  1.00 51.89 ? 754 LYS A NZ  1 
ATOM   1280 N N   . ASP A 1 164 ? 3.102   6.891   17.143  1.00 45.97 ? 755 ASP A N   1 
ATOM   1281 C CA  . ASP A 1 164 ? 3.695   8.149   17.582  1.00 48.01 ? 755 ASP A CA  1 
ATOM   1282 C C   . ASP A 1 164 ? 3.465   9.212   16.517  1.00 48.29 ? 755 ASP A C   1 
ATOM   1283 O O   . ASP A 1 164 ? 2.937   10.288  16.802  1.00 49.29 ? 755 ASP A O   1 
ATOM   1284 C CB  . ASP A 1 164 ? 5.203   7.986   17.818  1.00 50.84 ? 755 ASP A CB  1 
ATOM   1285 C CG  . ASP A 1 164 ? 5.520   7.150   19.046  1.00 53.12 ? 755 ASP A CG  1 
ATOM   1286 O OD1 . ASP A 1 164 ? 6.711   6.843   19.261  1.00 56.04 ? 755 ASP A OD1 1 
ATOM   1287 O OD2 . ASP A 1 164 ? 4.583   6.804   19.796  1.00 53.86 ? 755 ASP A OD2 1 
ATOM   1288 N N   . LEU A 1 165 ? 3.854   8.892   15.285  1.00 47.98 ? 756 LEU A N   1 
ATOM   1289 C CA  . LEU A 1 165 ? 3.709   9.804   14.154  1.00 47.70 ? 756 LEU A CA  1 
ATOM   1290 C C   . LEU A 1 165 ? 2.258   10.277  14.014  1.00 47.32 ? 756 LEU A C   1 
ATOM   1291 O O   . LEU A 1 165 ? 1.994   11.477  13.892  1.00 44.79 ? 756 LEU A O   1 
ATOM   1292 C CB  . LEU A 1 165 ? 4.151   9.103   12.865  1.00 48.90 ? 756 LEU A CB  1 
ATOM   1293 C CG  . LEU A 1 165 ? 4.767   9.949   11.743  1.00 51.69 ? 756 LEU A CG  1 
ATOM   1294 C CD1 . LEU A 1 165 ? 4.964   9.071   10.516  1.00 50.03 ? 756 LEU A CD1 1 
ATOM   1295 C CD2 . LEU A 1 165 ? 3.876   11.133  11.404  1.00 52.00 ? 756 LEU A CD2 1 
ATOM   1296 N N   . LYS A 1 166 ? 1.326   9.328   14.021  1.00 45.48 ? 757 LYS A N   1 
ATOM   1297 C CA  . LYS A 1 166 ? -0.092  9.645   13.896  1.00 47.83 ? 757 LYS A CA  1 
ATOM   1298 C C   . LYS A 1 166 ? -0.524  10.544  15.049  1.00 49.24 ? 757 LYS A C   1 
ATOM   1299 O O   . LYS A 1 166 ? -1.371  11.420  14.881  1.00 49.78 ? 757 LYS A O   1 
ATOM   1300 C CB  . LYS A 1 166 ? -0.925  8.358   13.903  1.00 48.18 ? 757 LYS A CB  1 
ATOM   1301 C CG  . LYS A 1 166 ? -2.424  8.568   13.747  1.00 50.03 ? 757 LYS A CG  1 
ATOM   1302 C CD  . LYS A 1 166 ? -3.180  7.250   13.903  1.00 53.46 ? 757 LYS A CD  1 
ATOM   1303 C CE  . LYS A 1 166 ? -4.687  7.469   13.961  1.00 56.03 ? 757 LYS A CE  1 
ATOM   1304 N NZ  . LYS A 1 166 ? -5.425  6.197   14.198  1.00 57.90 ? 757 LYS A NZ  1 
ATOM   1305 N N   . PHE A 1 167 ? 0.070   10.329  16.218  1.00 50.55 ? 758 PHE A N   1 
ATOM   1306 C CA  . PHE A 1 167 ? -0.264  11.124  17.393  1.00 51.91 ? 758 PHE A CA  1 
ATOM   1307 C C   . PHE A 1 167 ? 0.223   12.557  17.209  1.00 51.30 ? 758 PHE A C   1 
ATOM   1308 O O   . PHE A 1 167 ? -0.502  13.507  17.500  1.00 51.56 ? 758 PHE A O   1 
ATOM   1309 C CB  . PHE A 1 167 ? 0.370   10.511  18.646  1.00 53.27 ? 758 PHE A CB  1 
ATOM   1310 C CG  . PHE A 1 167 ? -0.129  11.113  19.934  1.00 55.45 ? 758 PHE A CG  1 
ATOM   1311 C CD1 . PHE A 1 167 ? -1.481  11.047  20.270  1.00 55.61 ? 758 PHE A CD1 1 
ATOM   1312 C CD2 . PHE A 1 167 ? 0.752   11.739  20.810  1.00 55.85 ? 758 PHE A CD2 1 
ATOM   1313 C CE1 . PHE A 1 167 ? -1.948  11.599  21.464  1.00 56.90 ? 758 PHE A CE1 1 
ATOM   1314 C CE2 . PHE A 1 167 ? 0.297   12.293  22.006  1.00 56.81 ? 758 PHE A CE2 1 
ATOM   1315 C CZ  . PHE A 1 167 ? -1.057  12.223  22.333  1.00 57.48 ? 758 PHE A CZ  1 
ATOM   1316 N N   . LYS A 1 168 ? 1.454   12.707  16.725  1.00 51.63 ? 759 LYS A N   1 
ATOM   1317 C CA  . LYS A 1 168 ? 2.028   14.029  16.488  1.00 51.93 ? 759 LYS A CA  1 
ATOM   1318 C C   . LYS A 1 168 ? 1.153   14.834  15.526  1.00 52.06 ? 759 LYS A C   1 
ATOM   1319 O O   . LYS A 1 168 ? 0.885   16.014  15.753  1.00 51.81 ? 759 LYS A O   1 
ATOM   1320 C CB  . LYS A 1 168 ? 3.435   13.909  15.888  1.00 52.58 ? 759 LYS A CB  1 
ATOM   1321 C CG  . LYS A 1 168 ? 4.586   13.747  16.880  1.00 55.35 ? 759 LYS A CG  1 
ATOM   1322 C CD  . LYS A 1 168 ? 4.499   12.465  17.697  1.00 57.56 ? 759 LYS A CD  1 
ATOM   1323 C CE  . LYS A 1 168 ? 5.866   12.079  18.269  1.00 57.92 ? 759 LYS A CE  1 
ATOM   1324 N NZ  . LYS A 1 168 ? 6.476   13.159  19.093  1.00 58.95 ? 759 LYS A NZ  1 
ATOM   1325 N N   . LEU A 1 169 ? 0.717   14.188  14.449  1.00 51.62 ? 760 LEU A N   1 
ATOM   1326 C CA  . LEU A 1 169 ? -0.116  14.842  13.444  1.00 52.06 ? 760 LEU A CA  1 
ATOM   1327 C C   . LEU A 1 169 ? -1.493  15.218  13.976  1.00 51.84 ? 760 LEU A C   1 
ATOM   1328 O O   . LEU A 1 169 ? -2.040  16.258  13.612  1.00 51.61 ? 760 LEU A O   1 
ATOM   1329 C CB  . LEU A 1 169 ? -0.283  13.940  12.215  1.00 51.41 ? 760 LEU A CB  1 
ATOM   1330 C CG  . LEU A 1 169 ? 0.994   13.550  11.468  1.00 52.38 ? 760 LEU A CG  1 
ATOM   1331 C CD1 . LEU A 1 169 ? 0.630   12.691  10.272  1.00 50.47 ? 760 LEU A CD1 1 
ATOM   1332 C CD2 . LEU A 1 169 ? 1.743   14.805  11.024  1.00 52.09 ? 760 LEU A CD2 1 
ATOM   1333 N N   . SER A 1 170 ? -2.054  14.366  14.829  1.00 51.82 ? 761 SER A N   1 
ATOM   1334 C CA  . SER A 1 170 ? -3.377  14.623  15.391  1.00 52.78 ? 761 SER A CA  1 
ATOM   1335 C C   . SER A 1 170 ? -3.387  15.876  16.263  1.00 53.34 ? 761 SER A C   1 
ATOM   1336 O O   . SER A 1 170 ? -4.447  16.413  16.573  1.00 54.48 ? 761 SER A O   1 
ATOM   1337 C CB  . SER A 1 170 ? -3.842  13.426  16.230  1.00 52.08 ? 761 SER A CB  1 
ATOM   1338 O OG  . SER A 1 170 ? -3.071  13.309  17.414  1.00 50.01 ? 761 SER A OG  1 
ATOM   1339 N N   . LYS A 1 171 ? -2.207  16.343  16.654  1.00 53.73 ? 762 LYS A N   1 
ATOM   1340 C CA  . LYS A 1 171 ? -2.118  17.519  17.507  1.00 54.59 ? 762 LYS A CA  1 
ATOM   1341 C C   . LYS A 1 171 ? -1.711  18.809  16.806  1.00 54.75 ? 762 LYS A C   1 
ATOM   1342 O O   . LYS A 1 171 ? -1.528  19.835  17.465  1.00 54.75 ? 762 LYS A O   1 
ATOM   1343 C CB  . LYS A 1 171 ? -1.162  17.248  18.673  1.00 56.21 ? 762 LYS A CB  1 
ATOM   1344 C CG  . LYS A 1 171 ? -1.657  16.188  19.656  1.00 57.07 ? 762 LYS A CG  1 
ATOM   1345 C CD  . LYS A 1 171 ? -3.048  16.515  20.193  1.00 59.14 ? 762 LYS A CD  1 
ATOM   1346 C CE  . LYS A 1 171 ? -3.094  17.893  20.848  1.00 60.24 ? 762 LYS A CE  1 
ATOM   1347 N NZ  . LYS A 1 171 ? -4.418  18.181  21.471  1.00 60.84 ? 762 LYS A NZ  1 
ATOM   1348 N N   . MET A 1 172 ? -1.565  18.776  15.484  1.00 53.32 ? 763 MET A N   1 
ATOM   1349 C CA  . MET A 1 172 ? -1.192  19.988  14.759  1.00 52.60 ? 763 MET A CA  1 
ATOM   1350 C C   . MET A 1 172 ? -2.366  20.959  14.801  1.00 52.70 ? 763 MET A C   1 
ATOM   1351 O O   . MET A 1 172 ? -3.506  20.476  14.960  1.00 52.13 ? 763 MET A O   1 
ATOM   1352 C CB  . MET A 1 172 ? -0.850  19.679  13.294  1.00 50.62 ? 763 MET A CB  1 
ATOM   1353 C CG  . MET A 1 172 ? 0.433   18.885  13.068  1.00 49.26 ? 763 MET A CG  1 
ATOM   1354 S SD  . MET A 1 172 ? 0.815   18.735  11.292  1.00 44.08 ? 763 MET A SD  1 
ATOM   1355 C CE  . MET A 1 172 ? -0.692  18.014  10.737  1.00 41.79 ? 763 MET A CE  1 
HETATM 1356 O O   . HOH B 2 .   ? 5.771   -6.863  -0.572  1.00 28.93 ? 1   HOH A O   1 
HETATM 1357 O O   . HOH B 2 .   ? 4.581   -16.181 0.697   1.00 31.57 ? 2   HOH A O   1 
HETATM 1358 O O   . HOH B 2 .   ? -4.586  0.122   -0.911  1.00 35.43 ? 3   HOH A O   1 
HETATM 1359 O O   . HOH B 2 .   ? 8.636   -6.313  -0.479  1.00 32.29 ? 4   HOH A O   1 
HETATM 1360 O O   . HOH B 2 .   ? 14.880  -5.854  1.180   1.00 32.55 ? 5   HOH A O   1 
HETATM 1361 O O   . HOH B 2 .   ? 5.234   -5.980  -5.838  1.00 39.58 ? 6   HOH A O   1 
HETATM 1362 O O   . HOH B 2 .   ? -2.015  18.902  -1.564  1.00 35.07 ? 7   HOH A O   1 
HETATM 1363 O O   . HOH B 2 .   ? 0.237   16.755  -7.730  1.00 36.24 ? 8   HOH A O   1 
HETATM 1364 O O   . HOH B 2 .   ? 8.105   -5.421  2.050   1.00 33.25 ? 9   HOH A O   1 
HETATM 1365 O O   . HOH B 2 .   ? 7.684   -1.464  -9.451  1.00 44.03 ? 10  HOH A O   1 
HETATM 1366 O O   . HOH B 2 .   ? -0.823  -17.179 -14.078 1.00 35.98 ? 11  HOH A O   1 
HETATM 1367 O O   . HOH B 2 .   ? 1.536   19.882  -1.229  1.00 35.77 ? 12  HOH A O   1 
HETATM 1368 O O   . HOH B 2 .   ? -17.458 -12.700 -10.606 1.00 33.48 ? 13  HOH A O   1 
HETATM 1369 O O   . HOH B 2 .   ? -4.917  -21.590 -3.845  1.00 40.77 ? 14  HOH A O   1 
HETATM 1370 O O   . HOH B 2 .   ? -5.219  -1.239  -4.315  1.00 39.48 ? 15  HOH A O   1 
HETATM 1371 O O   . HOH B 2 .   ? -5.029  -5.728  3.364   1.00 40.07 ? 16  HOH A O   1 
HETATM 1372 O O   . HOH B 2 .   ? 10.001  5.293   -1.013  1.00 48.79 ? 17  HOH A O   1 
HETATM 1373 O O   . HOH B 2 .   ? 6.792   -3.472  -6.928  1.00 36.09 ? 18  HOH A O   1 
HETATM 1374 O O   . HOH B 2 .   ? -7.181  -9.744  5.290   1.00 46.31 ? 19  HOH A O   1 
HETATM 1375 O O   . HOH B 2 .   ? 7.011   -7.478  -4.601  1.00 43.58 ? 20  HOH A O   1 
HETATM 1376 O O   . HOH B 2 .   ? 1.126   -7.126  4.447   1.00 45.49 ? 21  HOH A O   1 
HETATM 1377 O O   . HOH B 2 .   ? -0.641  -8.803  3.232   1.00 42.02 ? 22  HOH A O   1 
HETATM 1378 O O   . HOH B 2 .   ? -4.460  -7.940  -17.792 1.00 67.25 ? 23  HOH A O   1 
HETATM 1379 O O   . HOH B 2 .   ? 12.969  -12.111 0.404   1.00 39.87 ? 24  HOH A O   1 
HETATM 1380 O O   . HOH B 2 .   ? -16.099 -8.264  -2.303  1.00 42.09 ? 25  HOH A O   1 
HETATM 1381 O O   . HOH B 2 .   ? -2.175  19.556  1.416   1.00 48.49 ? 26  HOH A O   1 
HETATM 1382 O O   . HOH B 2 .   ? -0.867  4.133   -6.027  1.00 38.02 ? 27  HOH A O   1 
HETATM 1383 O O   . HOH B 2 .   ? -10.643 -0.184  6.412   1.00 60.29 ? 28  HOH A O   1 
HETATM 1384 O O   . HOH B 2 .   ? -16.217 -17.002 -10.958 1.00 40.03 ? 29  HOH A O   1 
HETATM 1385 O O   . HOH B 2 .   ? 2.974   -16.509 -15.026 1.00 48.21 ? 30  HOH A O   1 
HETATM 1386 O O   . HOH B 2 .   ? -1.224  -3.818  3.447   1.00 39.28 ? 31  HOH A O   1 
HETATM 1387 O O   . HOH B 2 .   ? 1.647   -22.888 -2.666  1.00 49.15 ? 32  HOH A O   1 
HETATM 1388 O O   . HOH B 2 .   ? 13.847  19.419  5.520   1.00 64.76 ? 33  HOH A O   1 
HETATM 1389 O O   . HOH B 2 .   ? 11.139  15.602  -9.871  1.00 52.76 ? 34  HOH A O   1 
HETATM 1390 O O   . HOH B 2 .   ? 2.808   20.530  0.877   1.00 52.48 ? 35  HOH A O   1 
HETATM 1391 O O   . HOH B 2 .   ? 7.969   -5.087  10.852  1.00 63.18 ? 36  HOH A O   1 
HETATM 1392 O O   . HOH B 2 .   ? 8.136   6.432   10.269  1.00 53.54 ? 37  HOH A O   1 
HETATM 1393 O O   . HOH B 2 .   ? 12.506  -7.252  0.055   1.00 35.87 ? 38  HOH A O   1 
HETATM 1394 O O   . HOH B 2 .   ? -13.781 -17.563 -2.490  1.00 39.80 ? 39  HOH A O   1 
HETATM 1395 O O   . HOH B 2 .   ? 15.252  -10.573 -2.927  1.00 50.63 ? 40  HOH A O   1 
HETATM 1396 O O   . HOH B 2 .   ? 10.744  18.516  3.728   1.00 75.61 ? 41  HOH A O   1 
HETATM 1397 O O   . HOH B 2 .   ? 13.822  -6.482  -1.988  1.00 45.29 ? 42  HOH A O   1 
HETATM 1398 O O   . HOH B 2 .   ? -0.351  -16.852 -18.513 1.00 57.13 ? 43  HOH A O   1 
HETATM 1399 O O   . HOH B 2 .   ? -3.322  9.296   16.659  1.00 62.11 ? 44  HOH A O   1 
HETATM 1400 O O   . HOH B 2 .   ? 2.112   15.072  -9.637  1.00 46.93 ? 45  HOH A O   1 
HETATM 1401 O O   . HOH B 2 .   ? -0.312  -0.047  -6.888  1.00 44.30 ? 46  HOH A O   1 
HETATM 1402 O O   . HOH B 2 .   ? 12.080  8.978   3.263   1.00 61.29 ? 47  HOH A O   1 
HETATM 1403 O O   . HOH B 2 .   ? -18.010 -11.418 -16.717 1.00 56.83 ? 48  HOH A O   1 
HETATM 1404 O O   . HOH B 2 .   ? -0.405  18.996  -9.023  1.00 73.57 ? 49  HOH A O   1 
HETATM 1405 O O   . HOH B 2 .   ? 10.277  -8.123  -1.063  1.00 49.95 ? 50  HOH A O   1 
HETATM 1406 O O   . HOH B 2 .   ? 9.371   -12.273 -3.492  1.00 59.23 ? 51  HOH A O   1 
HETATM 1407 O O   . HOH B 2 .   ? -15.912 -7.983  -10.802 1.00 63.57 ? 52  HOH A O   1 
HETATM 1408 O O   . HOH B 2 .   ? -8.254  -8.076  -21.947 1.00 75.29 ? 53  HOH A O   1 
HETATM 1409 O O   . HOH B 2 .   ? 7.251   8.236   15.149  1.00 58.09 ? 54  HOH A O   1 
HETATM 1410 O O   . HOH B 2 .   ? -4.687  -12.033 8.611   1.00 59.02 ? 55  HOH A O   1 
HETATM 1411 O O   . HOH B 2 .   ? -16.657 -10.219 -4.870  1.00 42.69 ? 56  HOH A O   1 
HETATM 1412 O O   . HOH B 2 .   ? -6.935  13.580  -4.498  1.00 56.22 ? 57  HOH A O   1 
HETATM 1413 O O   . HOH B 2 .   ? 14.105  14.497  -6.207  1.00 65.23 ? 58  HOH A O   1 
HETATM 1414 O O   . HOH B 2 .   ? -10.768 -22.192 -8.853  1.00 40.89 ? 59  HOH A O   1 
HETATM 1415 O O   . HOH B 2 .   ? 7.377   -15.330 0.377   1.00 63.75 ? 60  HOH A O   1 
HETATM 1416 O O   . HOH B 2 .   ? -10.570 13.145  4.166   1.00 59.57 ? 61  HOH A O   1 
HETATM 1417 O O   . HOH B 2 .   ? 9.229   -6.364  -4.983  1.00 64.07 ? 62  HOH A O   1 
HETATM 1418 O O   . HOH B 2 .   ? -1.095  -9.814  -14.367 1.00 63.51 ? 63  HOH A O   1 
HETATM 1419 O O   . HOH B 2 .   ? -2.763  -10.912 -17.289 1.00 51.25 ? 64  HOH A O   1 
HETATM 1420 O O   . HOH B 2 .   ? -3.198  -13.641 -19.742 1.00 54.95 ? 65  HOH A O   1 
HETATM 1421 O O   . HOH B 2 .   ? -12.961 -5.751  -15.826 1.00 58.08 ? 66  HOH A O   1 
HETATM 1422 O O   . HOH B 2 .   ? 5.507   5.488   -12.474 1.00 78.69 ? 67  HOH A O   1 
HETATM 1423 O O   . HOH B 2 .   ? -9.918  -10.125 -22.244 1.00 73.28 ? 68  HOH A O   1 
HETATM 1424 O O   . HOH B 2 .   ? 8.858   7.976   17.276  1.00 70.52 ? 69  HOH A O   1 
HETATM 1425 O O   . HOH B 2 .   ? -22.343 -7.355  -4.703  1.00 67.57 ? 70  HOH A O   1 
HETATM 1426 O O   . HOH B 2 .   ? -0.958  5.413   -10.046 1.00 47.81 ? 71  HOH A O   1 
HETATM 1427 O O   . HOH B 2 .   ? -4.776  11.260  18.533  1.00 57.60 ? 72  HOH A O   1 
HETATM 1428 O O   . HOH B 2 .   ? -3.337  5.700   -7.660  1.00 63.88 ? 73  HOH A O   1 
HETATM 1429 O O   . HOH B 2 .   ? -0.683  10.758  -9.879  1.00 54.35 ? 74  HOH A O   1 
HETATM 1430 O O   . HOH B 2 .   ? -0.080  -2.708  20.412  1.00 62.88 ? 75  HOH A O   1 
HETATM 1431 O O   . HOH B 2 .   ? -14.077 -19.046 -16.272 1.00 59.84 ? 76  HOH A O   1 
HETATM 1432 O O   . HOH B 2 .   ? -4.501  -10.131 -20.426 1.00 66.16 ? 77  HOH A O   1 
HETATM 1433 O O   . HOH B 2 .   ? 9.041   14.748  12.284  1.00 62.82 ? 78  HOH A O   1 
HETATM 1434 O O   . HOH B 2 .   ? -8.132  -18.977 -20.819 1.00 67.48 ? 79  HOH A O   1 
HETATM 1435 O O   . HOH B 2 .   ? 6.699   -13.953 -8.342  1.00 54.63 ? 80  HOH A O   1 
HETATM 1436 O O   . HOH B 2 .   ? -9.175  15.776  8.758   1.00 60.17 ? 81  HOH A O   1 
HETATM 1437 O O   . HOH B 2 .   ? 6.279   -19.350 -7.046  1.00 58.58 ? 82  HOH A O   1 
HETATM 1438 O O   . HOH B 2 .   ? 1.812   6.695   21.512  1.00 61.54 ? 83  HOH A O   1 
HETATM 1439 O O   . HOH B 2 .   ? -3.306  -20.711 -22.939 1.00 72.92 ? 84  HOH A O   1 
HETATM 1440 O O   . HOH B 2 .   ? 3.539   -4.829  17.381  1.00 66.35 ? 85  HOH A O   1 
HETATM 1441 O O   . HOH B 2 .   ? -10.321 -24.415 -17.777 1.00 61.65 ? 86  HOH A O   1 
HETATM 1442 O O   . HOH B 2 .   ? 12.632  0.013   -8.495  1.00 67.48 ? 87  HOH A O   1 
HETATM 1443 O O   . HOH B 2 .   ? -2.325  -16.757 0.626   1.00 44.79 ? 88  HOH A O   1 
HETATM 1444 O O   . HOH B 2 .   ? 11.406  20.764  -2.292  1.00 62.44 ? 89  HOH A O   1 
HETATM 1445 O O   . HOH B 2 .   ? -1.661  -1.358  -5.386  1.00 42.76 ? 90  HOH A O   1 
HETATM 1446 O O   . HOH B 2 .   ? 1.624   -10.914 5.738   1.00 57.08 ? 91  HOH A O   1 
HETATM 1447 O O   . HOH B 2 .   ? -13.506 -1.524  -7.248  1.00 55.24 ? 92  HOH A O   1 
HETATM 1448 O O   . HOH B 2 .   ? -4.981  20.211  -1.846  1.00 50.79 ? 93  HOH A O   1 
HETATM 1449 O O   . HOH B 2 .   ? -6.615  -1.313  -2.115  1.00 42.41 ? 94  HOH A O   1 
HETATM 1450 O O   . HOH B 2 .   ? -1.874  1.886   -7.389  1.00 43.95 ? 95  HOH A O   1 
HETATM 1451 O O   . HOH B 2 .   ? 10.759  -11.097 -1.029  1.00 48.91 ? 96  HOH A O   1 
HETATM 1452 O O   . HOH B 2 .   ? 10.464  -2.574  -9.418  1.00 54.25 ? 97  HOH A O   1 
HETATM 1453 O O   . HOH B 2 .   ? -15.301 -6.260  -8.863  1.00 44.91 ? 98  HOH A O   1 
HETATM 1454 O O   . HOH B 2 .   ? -1.689  7.589   17.825  1.00 54.28 ? 99  HOH A O   1 
HETATM 1455 O O   . HOH B 2 .   ? -15.995 -6.443  -12.731 1.00 68.45 ? 100 HOH A O   1 
HETATM 1456 O O   . HOH B 2 .   ? 20.736  -2.659  -4.606  1.00 55.83 ? 101 HOH A O   1 
HETATM 1457 O O   . HOH B 2 .   ? 8.472   -9.609  -5.860  1.00 52.35 ? 102 HOH A O   1 
HETATM 1458 O O   . HOH B 2 .   ? 8.505   3.912   11.165  1.00 67.05 ? 103 HOH A O   1 
HETATM 1459 O O   . HOH B 2 .   ? -6.697  -12.562 4.531   1.00 63.81 ? 104 HOH A O   1 
HETATM 1460 O O   . HOH B 2 .   ? 12.241  0.259   14.208  1.00 74.15 ? 105 HOH A O   1 
HETATM 1461 O O   . HOH B 2 .   ? 17.648  -10.764 -4.540  1.00 56.33 ? 106 HOH A O   1 
HETATM 1462 O O   . HOH B 2 .   ? -15.514 -2.528  -10.697 1.00 64.74 ? 107 HOH A O   1 
HETATM 1463 O O   . HOH B 2 .   ? 2.860   4.190   21.229  1.00 69.56 ? 108 HOH A O   1 
HETATM 1464 O O   . HOH B 2 .   ? -13.941 19.814  8.769   1.00 62.84 ? 109 HOH A O   1 
HETATM 1465 O O   . HOH B 2 .   ? -3.052  -25.701 -1.483  1.00 70.17 ? 110 HOH A O   1 
HETATM 1466 O O   . HOH B 2 .   ? -8.564  -23.011 -3.978  1.00 48.20 ? 111 HOH A O   1 
HETATM 1467 O O   . HOH B 2 .   ? -1.821  -5.769  4.985   1.00 54.57 ? 112 HOH A O   1 
HETATM 1468 O O   . HOH B 2 .   ? -9.080  -2.149  -19.218 1.00 65.36 ? 113 HOH A O   1 
HETATM 1469 O O   . HOH B 2 .   ? 12.053  -2.535  10.899  1.00 74.88 ? 114 HOH A O   1 
HETATM 1470 O O   . HOH B 2 .   ? 13.999  8.591   1.571   1.00 62.35 ? 115 HOH A O   1 
HETATM 1471 O O   . HOH B 2 .   ? 13.450  0.034   10.124  1.00 59.93 ? 116 HOH A O   1 
HETATM 1472 O O   . HOH B 2 .   ? 15.966  18.259  4.659   1.00 64.22 ? 117 HOH A O   1 
HETATM 1473 O O   . HOH B 2 .   ? -1.363  -23.518 -3.932  1.00 58.74 ? 118 HOH A O   1 
HETATM 1474 O O   . HOH B 2 .   ? 5.077   5.123   22.245  1.00 76.39 ? 119 HOH A O   1 
HETATM 1475 O O   . HOH B 2 .   ? -12.241 12.026  2.513   1.00 60.18 ? 120 HOH A O   1 
HETATM 1476 O O   . HOH B 2 .   ? 3.873   11.992  -11.003 1.00 67.06 ? 121 HOH A O   1 
HETATM 1477 O O   . HOH B 2 .   ? 6.389   -19.646 -3.876  1.00 56.28 ? 122 HOH A O   1 
HETATM 1478 O O   . HOH B 2 .   ? 6.659   -12.041 -10.773 1.00 47.69 ? 123 HOH A O   1 
HETATM 1479 O O   . HOH B 2 .   ? -2.968  -22.647 -25.432 1.00 65.03 ? 124 HOH A O   1 
HETATM 1480 O O   . HOH B 2 .   ? -9.953  5.063   10.302  1.00 71.40 ? 125 HOH A O   1 
HETATM 1481 O O   . HOH B 2 .   ? -10.060 -20.615 -20.241 1.00 64.95 ? 126 HOH A O   1 
HETATM 1482 O O   . HOH B 2 .   ? -11.001 -12.390 4.619   1.00 61.98 ? 127 HOH A O   1 
HETATM 1483 O O   . HOH B 2 .   ? 6.191   21.780  2.923   1.00 56.45 ? 128 HOH A O   1 
HETATM 1484 O O   . HOH B 2 .   ? 13.903  -8.376  -3.951  1.00 66.34 ? 129 HOH A O   1 
HETATM 1485 O O   . HOH B 2 .   ? -2.860  -2.338  -14.605 1.00 53.83 ? 130 HOH A O   1 
HETATM 1486 O O   . HOH B 2 .   ? 1.271   -13.849 6.620   1.00 63.96 ? 131 HOH A O   1 
HETATM 1487 O O   . HOH B 2 .   ? 3.692   18.384  15.404  1.00 77.74 ? 132 HOH A O   1 
HETATM 1488 O O   . HOH B 2 .   ? -17.585 -21.586 -14.351 1.00 76.99 ? 133 HOH A O   1 
HETATM 1489 O O   . HOH B 2 .   ? 5.661   -22.115 -6.374  1.00 61.49 ? 134 HOH A O   1 
HETATM 1490 O O   . HOH B 2 .   ? -17.357 -18.624 -14.026 1.00 62.66 ? 135 HOH A O   1 
HETATM 1491 O O   . HOH B 2 .   ? 5.614   22.129  0.419   1.00 57.92 ? 136 HOH A O   1 
HETATM 1492 O O   . HOH B 2 .   ? 1.234   12.629  -10.337 1.00 52.58 ? 137 HOH A O   1 
HETATM 1493 O O   . HOH B 2 .   ? 11.798  14.172  4.331   1.00 67.20 ? 138 HOH A O   1 
HETATM 1494 O O   . HOH B 2 .   ? -6.703  11.851  -9.220  1.00 76.03 ? 139 HOH A O   1 
HETATM 1495 O O   . HOH B 2 .   ? 9.863   5.303   -10.345 1.00 58.25 ? 140 HOH A O   1 
HETATM 1496 O O   . HOH B 2 .   ? 9.235   -4.486  -6.631  1.00 53.19 ? 141 HOH A O   1 
HETATM 1497 O O   . HOH B 2 .   ? 2.263   -15.910 -19.429 1.00 73.68 ? 142 HOH A O   1 
HETATM 1498 O O   . HOH B 2 .   ? -5.680  -13.012 -21.585 1.00 60.09 ? 143 HOH A O   1 
HETATM 1499 O O   . HOH B 2 .   ? 8.604   5.588   -12.700 1.00 63.54 ? 144 HOH A O   1 
HETATM 1500 O O   . HOH B 2 .   ? -3.343  10.295  -7.889  1.00 68.85 ? 145 HOH A O   1 
HETATM 1501 O O   . HOH B 2 .   ? -9.887  23.525  7.783   1.00 75.76 ? 146 HOH A O   1 
HETATM 1502 O O   . HOH B 2 .   ? 4.154   -23.665 -2.972  1.00 66.60 ? 147 HOH A O   1 
HETATM 1503 O O   . HOH B 2 .   ? -8.207  14.234  -8.395  1.00 66.06 ? 148 HOH A O   1 
HETATM 1504 O O   . HOH B 2 .   ? 7.165   3.030   22.602  1.00 66.99 ? 149 HOH A O   1 
HETATM 1505 O O   . HOH B 2 .   ? -0.586  -2.994  16.191  1.00 64.33 ? 150 HOH A O   1 
HETATM 1506 O O   . HOH B 2 .   ? -16.927 -7.560  0.228   1.00 72.41 ? 151 HOH A O   1 
HETATM 1507 O O   . HOH B 2 .   ? 10.371  8.744   11.044  1.00 78.46 ? 152 HOH A O   1 
HETATM 1508 O O   . HOH B 2 .   ? -5.931  -16.733 2.743   1.00 74.55 ? 153 HOH A O   1 
HETATM 1509 O O   . HOH B 2 .   ? 9.979   -0.673  -14.576 1.00 68.45 ? 154 HOH A O   1 
HETATM 1510 O O   . HOH B 2 .   ? 15.571  10.365  0.307   1.00 69.20 ? 155 HOH A O   1 
HETATM 1511 O O   . HOH B 2 .   ? 13.521  -13.063 -3.646  1.00 60.60 ? 156 HOH A O   1 
HETATM 1512 O O   . HOH B 2 .   ? 3.815   9.371   -14.044 1.00 67.44 ? 157 HOH A O   1 
HETATM 1513 O O   . HOH B 2 .   ? -8.692  1.901   -1.053  1.00 51.73 ? 158 HOH A O   1 
HETATM 1514 O O   . HOH B 2 .   ? 6.123   20.204  13.186  1.00 74.39 ? 159 HOH A O   1 
HETATM 1515 O O   . HOH B 2 .   ? 7.931   10.821  20.233  1.00 76.02 ? 160 HOH A O   1 
HETATM 1516 O O   . HOH B 2 .   ? -3.723  19.762  -4.964  1.00 77.15 ? 161 HOH A O   1 
HETATM 1517 O O   . HOH B 2 .   ? 8.426   -16.255 -8.935  1.00 68.77 ? 162 HOH A O   1 
HETATM 1518 O O   . HOH B 2 .   ? 7.228   13.205  13.747  1.00 82.14 ? 163 HOH A O   1 
# 
